data_5F0H
# 
_entry.id   5F0H 
# 
_audit_conform.dict_name       mmcif_pdbx.dic 
_audit_conform.dict_version    5.383 
_audit_conform.dict_location   http://mmcif.pdb.org/dictionaries/ascii/mmcif_pdbx.dic 
# 
loop_
_database_2.database_id 
_database_2.database_code 
_database_2.pdbx_database_accession 
_database_2.pdbx_DOI 
PDB   5F0H         pdb_00005f0h 10.2210/pdb5f0h/pdb 
WWPDB D_1000215800 ?            ?                   
# 
loop_
_pdbx_audit_revision_history.ordinal 
_pdbx_audit_revision_history.data_content_type 
_pdbx_audit_revision_history.major_revision 
_pdbx_audit_revision_history.minor_revision 
_pdbx_audit_revision_history.revision_date 
1 'Structure model' 1 0 2016-02-03 
2 'Structure model' 1 1 2016-02-17 
3 'Structure model' 1 2 2017-09-13 
4 'Structure model' 1 3 2024-01-10 
# 
_pdbx_audit_revision_details.ordinal             1 
_pdbx_audit_revision_details.revision_ordinal    1 
_pdbx_audit_revision_details.data_content_type   'Structure model' 
_pdbx_audit_revision_details.provider            repository 
_pdbx_audit_revision_details.type                'Initial release' 
_pdbx_audit_revision_details.description         ? 
_pdbx_audit_revision_details.details             ? 
# 
loop_
_pdbx_audit_revision_group.ordinal 
_pdbx_audit_revision_group.revision_ordinal 
_pdbx_audit_revision_group.data_content_type 
_pdbx_audit_revision_group.group 
1 2 'Structure model' 'Database references'        
2 3 'Structure model' 'Author supporting evidence' 
3 4 'Structure model' 'Data collection'            
4 4 'Structure model' 'Database references'        
5 4 'Structure model' 'Refinement description'     
# 
loop_
_pdbx_audit_revision_category.ordinal 
_pdbx_audit_revision_category.revision_ordinal 
_pdbx_audit_revision_category.data_content_type 
_pdbx_audit_revision_category.category 
1 3 'Structure model' pdbx_audit_support            
2 4 'Structure model' chem_comp_atom                
3 4 'Structure model' chem_comp_bond                
4 4 'Structure model' database_2                    
5 4 'Structure model' pdbx_initial_refinement_model 
# 
loop_
_pdbx_audit_revision_item.ordinal 
_pdbx_audit_revision_item.revision_ordinal 
_pdbx_audit_revision_item.data_content_type 
_pdbx_audit_revision_item.item 
1 3 'Structure model' '_pdbx_audit_support.funding_organization' 
2 4 'Structure model' '_database_2.pdbx_DOI'                     
3 4 'Structure model' '_database_2.pdbx_database_accession'      
# 
_pdbx_database_status.status_code                     REL 
_pdbx_database_status.status_code_sf                  REL 
_pdbx_database_status.status_code_mr                  ? 
_pdbx_database_status.entry_id                        5F0H 
_pdbx_database_status.recvd_initial_deposition_date   2015-11-27 
_pdbx_database_status.SG_entry                        N 
_pdbx_database_status.deposit_site                    RCSB 
_pdbx_database_status.process_site                    PDBE 
_pdbx_database_status.status_code_cs                  ? 
_pdbx_database_status.methods_development_category    ? 
_pdbx_database_status.pdb_format_compatible           Y 
_pdbx_database_status.status_code_nmr_data            ? 
# 
loop_
_audit_author.name 
_audit_author.pdbx_ordinal 
'Surade, S.'      1 
'Blaszczyk, M.'   2 
'Nikiforov, P.O.' 3 
'Abell, C.'       4 
'Blundell, T.L.'  5 
# 
_citation.abstract                  ? 
_citation.abstract_id_CAS           ? 
_citation.book_id_ISBN              ? 
_citation.book_publisher            ? 
_citation.book_publisher_city       ? 
_citation.book_title                ? 
_citation.coordinate_linkage        ? 
_citation.country                   UK 
_citation.database_id_Medline       ? 
_citation.details                   ? 
_citation.id                        primary 
_citation.journal_abbrev            Org.Biomol.Chem. 
_citation.journal_id_ASTM           ? 
_citation.journal_id_CSD            ? 
_citation.journal_id_ISSN           1477-0539 
_citation.journal_full              ? 
_citation.journal_issue             ? 
_citation.journal_volume            14 
_citation.language                  ? 
_citation.page_first                2318 
_citation.page_last                 2326 
_citation.title                     
;A fragment merging approach towards the development of small molecule inhibitors of Mycobacterium tuberculosis EthR for use as ethionamide boosters.
;
_citation.year                      2016 
_citation.database_id_CSD           ? 
_citation.pdbx_database_id_DOI      10.1039/c5ob02630j 
_citation.pdbx_database_id_PubMed   26806381 
_citation.unpublished_flag          ? 
# 
loop_
_citation_author.citation_id 
_citation_author.name 
_citation_author.ordinal 
_citation_author.identifier_ORCID 
primary 'Nikiforov, P.O.' 1 ? 
primary 'Surade, S.'      2 ? 
primary 'Blaszczyk, M.'   3 ? 
primary 'Delorme, V.'     4 ? 
primary 'Brodin, P.'      5 ? 
primary 'Baulard, A.R.'   6 ? 
primary 'Blundell, T.L.'  7 ? 
primary 'Abell, C.'       8 ? 
# 
loop_
_entity.id 
_entity.type 
_entity.src_method 
_entity.pdbx_description 
_entity.formula_weight 
_entity.pdbx_number_of_molecules 
_entity.pdbx_ec 
_entity.pdbx_mutation 
_entity.pdbx_fragment 
_entity.details 
1 polymer     man 'HTH-type transcriptional regulator EthR'                                              25259.254 1  ? ? ? ? 
2 non-polymer syn '3-[1-(4-cyanophenyl)piperidin-4-yl]-~{N}-[(4-piperidin-1-ylphenyl)methyl]propanamide' 430.585   1  ? ? ? ? 
3 water       nat water                                                                                  18.015    22 ? ? ? ? 
# 
_entity_poly.entity_id                      1 
_entity_poly.type                           'polypeptide(L)' 
_entity_poly.nstd_linkage                   no 
_entity_poly.nstd_monomer                   no 
_entity_poly.pdbx_seq_one_letter_code       
;MDIEFTTSAASQASLPRGRRTARPSGDDRELAILATAENLLEDRPLADISVDDLAKGAGISRPTFYFYFPSKEAVLLTLL
DRVVNQADMALQTLAENPADTDRENMWRTGINVFFETFGSHKAVTRAGQAARATSVEVAELWSTFMQKWIAYTAAVIDAE
RDRGAAPRTLPAHELATALNLMNERTLFASFAGEQPSVPEARVLDTLVHIWVTSIYGENRGSHHHHHH
;
_entity_poly.pdbx_seq_one_letter_code_can   
;MDIEFTTSAASQASLPRGRRTARPSGDDRELAILATAENLLEDRPLADISVDDLAKGAGISRPTFYFYFPSKEAVLLTLL
DRVVNQADMALQTLAENPADTDRENMWRTGINVFFETFGSHKAVTRAGQAARATSVEVAELWSTFMQKWIAYTAAVIDAE
RDRGAAPRTLPAHELATALNLMNERTLFASFAGEQPSVPEARVLDTLVHIWVTSIYGENRGSHHHHHH
;
_entity_poly.pdbx_strand_id                 A 
_entity_poly.pdbx_target_identifier         ? 
# 
loop_
_pdbx_entity_nonpoly.entity_id 
_pdbx_entity_nonpoly.name 
_pdbx_entity_nonpoly.comp_id 
2 '3-[1-(4-cyanophenyl)piperidin-4-yl]-~{N}-[(4-piperidin-1-ylphenyl)methyl]propanamide' 5TC 
3 water                                                                                  HOH 
# 
loop_
_entity_poly_seq.entity_id 
_entity_poly_seq.num 
_entity_poly_seq.mon_id 
_entity_poly_seq.hetero 
1 1   MET n 
1 2   ASP n 
1 3   ILE n 
1 4   GLU n 
1 5   PHE n 
1 6   THR n 
1 7   THR n 
1 8   SER n 
1 9   ALA n 
1 10  ALA n 
1 11  SER n 
1 12  GLN n 
1 13  ALA n 
1 14  SER n 
1 15  LEU n 
1 16  PRO n 
1 17  ARG n 
1 18  GLY n 
1 19  ARG n 
1 20  ARG n 
1 21  THR n 
1 22  ALA n 
1 23  ARG n 
1 24  PRO n 
1 25  SER n 
1 26  GLY n 
1 27  ASP n 
1 28  ASP n 
1 29  ARG n 
1 30  GLU n 
1 31  LEU n 
1 32  ALA n 
1 33  ILE n 
1 34  LEU n 
1 35  ALA n 
1 36  THR n 
1 37  ALA n 
1 38  GLU n 
1 39  ASN n 
1 40  LEU n 
1 41  LEU n 
1 42  GLU n 
1 43  ASP n 
1 44  ARG n 
1 45  PRO n 
1 46  LEU n 
1 47  ALA n 
1 48  ASP n 
1 49  ILE n 
1 50  SER n 
1 51  VAL n 
1 52  ASP n 
1 53  ASP n 
1 54  LEU n 
1 55  ALA n 
1 56  LYS n 
1 57  GLY n 
1 58  ALA n 
1 59  GLY n 
1 60  ILE n 
1 61  SER n 
1 62  ARG n 
1 63  PRO n 
1 64  THR n 
1 65  PHE n 
1 66  TYR n 
1 67  PHE n 
1 68  TYR n 
1 69  PHE n 
1 70  PRO n 
1 71  SER n 
1 72  LYS n 
1 73  GLU n 
1 74  ALA n 
1 75  VAL n 
1 76  LEU n 
1 77  LEU n 
1 78  THR n 
1 79  LEU n 
1 80  LEU n 
1 81  ASP n 
1 82  ARG n 
1 83  VAL n 
1 84  VAL n 
1 85  ASN n 
1 86  GLN n 
1 87  ALA n 
1 88  ASP n 
1 89  MET n 
1 90  ALA n 
1 91  LEU n 
1 92  GLN n 
1 93  THR n 
1 94  LEU n 
1 95  ALA n 
1 96  GLU n 
1 97  ASN n 
1 98  PRO n 
1 99  ALA n 
1 100 ASP n 
1 101 THR n 
1 102 ASP n 
1 103 ARG n 
1 104 GLU n 
1 105 ASN n 
1 106 MET n 
1 107 TRP n 
1 108 ARG n 
1 109 THR n 
1 110 GLY n 
1 111 ILE n 
1 112 ASN n 
1 113 VAL n 
1 114 PHE n 
1 115 PHE n 
1 116 GLU n 
1 117 THR n 
1 118 PHE n 
1 119 GLY n 
1 120 SER n 
1 121 HIS n 
1 122 LYS n 
1 123 ALA n 
1 124 VAL n 
1 125 THR n 
1 126 ARG n 
1 127 ALA n 
1 128 GLY n 
1 129 GLN n 
1 130 ALA n 
1 131 ALA n 
1 132 ARG n 
1 133 ALA n 
1 134 THR n 
1 135 SER n 
1 136 VAL n 
1 137 GLU n 
1 138 VAL n 
1 139 ALA n 
1 140 GLU n 
1 141 LEU n 
1 142 TRP n 
1 143 SER n 
1 144 THR n 
1 145 PHE n 
1 146 MET n 
1 147 GLN n 
1 148 LYS n 
1 149 TRP n 
1 150 ILE n 
1 151 ALA n 
1 152 TYR n 
1 153 THR n 
1 154 ALA n 
1 155 ALA n 
1 156 VAL n 
1 157 ILE n 
1 158 ASP n 
1 159 ALA n 
1 160 GLU n 
1 161 ARG n 
1 162 ASP n 
1 163 ARG n 
1 164 GLY n 
1 165 ALA n 
1 166 ALA n 
1 167 PRO n 
1 168 ARG n 
1 169 THR n 
1 170 LEU n 
1 171 PRO n 
1 172 ALA n 
1 173 HIS n 
1 174 GLU n 
1 175 LEU n 
1 176 ALA n 
1 177 THR n 
1 178 ALA n 
1 179 LEU n 
1 180 ASN n 
1 181 LEU n 
1 182 MET n 
1 183 ASN n 
1 184 GLU n 
1 185 ARG n 
1 186 THR n 
1 187 LEU n 
1 188 PHE n 
1 189 ALA n 
1 190 SER n 
1 191 PHE n 
1 192 ALA n 
1 193 GLY n 
1 194 GLU n 
1 195 GLN n 
1 196 PRO n 
1 197 SER n 
1 198 VAL n 
1 199 PRO n 
1 200 GLU n 
1 201 ALA n 
1 202 ARG n 
1 203 VAL n 
1 204 LEU n 
1 205 ASP n 
1 206 THR n 
1 207 LEU n 
1 208 VAL n 
1 209 HIS n 
1 210 ILE n 
1 211 TRP n 
1 212 VAL n 
1 213 THR n 
1 214 SER n 
1 215 ILE n 
1 216 TYR n 
1 217 GLY n 
1 218 GLU n 
1 219 ASN n 
1 220 ARG n 
1 221 GLY n 
1 222 SER n 
1 223 HIS n 
1 224 HIS n 
1 225 HIS n 
1 226 HIS n 
1 227 HIS n 
1 228 HIS n 
# 
_entity_src_gen.entity_id                          1 
_entity_src_gen.pdbx_src_id                        1 
_entity_src_gen.pdbx_alt_source_flag               sample 
_entity_src_gen.pdbx_seq_type                      'Biological sequence' 
_entity_src_gen.pdbx_beg_seq_num                   1 
_entity_src_gen.pdbx_end_seq_num                   228 
_entity_src_gen.gene_src_common_name               ? 
_entity_src_gen.gene_src_genus                     ? 
_entity_src_gen.pdbx_gene_src_gene                 'ethR, etaR, MT3970' 
_entity_src_gen.gene_src_species                   ? 
_entity_src_gen.gene_src_strain                    ? 
_entity_src_gen.gene_src_tissue                    ? 
_entity_src_gen.gene_src_tissue_fraction           ? 
_entity_src_gen.gene_src_details                   ? 
_entity_src_gen.pdbx_gene_src_fragment             ? 
_entity_src_gen.pdbx_gene_src_scientific_name      'Mycobacterium tuberculosis CDC1551' 
_entity_src_gen.pdbx_gene_src_ncbi_taxonomy_id     83331 
_entity_src_gen.pdbx_gene_src_variant              ? 
_entity_src_gen.pdbx_gene_src_cell_line            ? 
_entity_src_gen.pdbx_gene_src_atcc                 ? 
_entity_src_gen.pdbx_gene_src_organ                ? 
_entity_src_gen.pdbx_gene_src_organelle            ? 
_entity_src_gen.pdbx_gene_src_cell                 ? 
_entity_src_gen.pdbx_gene_src_cellular_location    ? 
_entity_src_gen.host_org_common_name               ? 
_entity_src_gen.pdbx_host_org_scientific_name      'Escherichia coli' 
_entity_src_gen.pdbx_host_org_ncbi_taxonomy_id     562 
_entity_src_gen.host_org_genus                     ? 
_entity_src_gen.pdbx_host_org_gene                 ? 
_entity_src_gen.pdbx_host_org_organ                ? 
_entity_src_gen.host_org_species                   ? 
_entity_src_gen.pdbx_host_org_tissue               ? 
_entity_src_gen.pdbx_host_org_tissue_fraction      ? 
_entity_src_gen.pdbx_host_org_strain               ? 
_entity_src_gen.pdbx_host_org_variant              ? 
_entity_src_gen.pdbx_host_org_cell_line            ? 
_entity_src_gen.pdbx_host_org_atcc                 ? 
_entity_src_gen.pdbx_host_org_culture_collection   ? 
_entity_src_gen.pdbx_host_org_cell                 ? 
_entity_src_gen.pdbx_host_org_organelle            ? 
_entity_src_gen.pdbx_host_org_cellular_location    ? 
_entity_src_gen.pdbx_host_org_vector_type          ? 
_entity_src_gen.pdbx_host_org_vector               ? 
_entity_src_gen.host_org_details                   ? 
_entity_src_gen.expression_system_id               ? 
_entity_src_gen.plasmid_name                       ? 
_entity_src_gen.plasmid_details                    ? 
_entity_src_gen.pdbx_description                   ? 
# 
loop_
_chem_comp.id 
_chem_comp.type 
_chem_comp.mon_nstd_flag 
_chem_comp.name 
_chem_comp.pdbx_synonyms 
_chem_comp.formula 
_chem_comp.formula_weight 
5TC non-polymer         . '3-[1-(4-cyanophenyl)piperidin-4-yl]-~{N}-[(4-piperidin-1-ylphenyl)methyl]propanamide' ? 'C27 H34 N4 O' 
430.585 
ALA 'L-peptide linking' y ALANINE                                                                                ? 'C3 H7 N O2' 
89.093  
ARG 'L-peptide linking' y ARGININE                                                                               ? 
'C6 H15 N4 O2 1' 175.209 
ASN 'L-peptide linking' y ASPARAGINE                                                                             ? 'C4 H8 N2 O3' 
132.118 
ASP 'L-peptide linking' y 'ASPARTIC ACID'                                                                        ? 'C4 H7 N O4' 
133.103 
GLN 'L-peptide linking' y GLUTAMINE                                                                              ? 'C5 H10 N2 O3' 
146.144 
GLU 'L-peptide linking' y 'GLUTAMIC ACID'                                                                        ? 'C5 H9 N O4' 
147.129 
GLY 'peptide linking'   y GLYCINE                                                                                ? 'C2 H5 N O2' 
75.067  
HIS 'L-peptide linking' y HISTIDINE                                                                              ? 
'C6 H10 N3 O2 1' 156.162 
HOH non-polymer         . WATER                                                                                  ? 'H2 O' 18.015  
ILE 'L-peptide linking' y ISOLEUCINE                                                                             ? 'C6 H13 N O2' 
131.173 
LEU 'L-peptide linking' y LEUCINE                                                                                ? 'C6 H13 N O2' 
131.173 
LYS 'L-peptide linking' y LYSINE                                                                                 ? 
'C6 H15 N2 O2 1' 147.195 
MET 'L-peptide linking' y METHIONINE                                                                             ? 'C5 H11 N O2 S' 
149.211 
PHE 'L-peptide linking' y PHENYLALANINE                                                                          ? 'C9 H11 N O2' 
165.189 
PRO 'L-peptide linking' y PROLINE                                                                                ? 'C5 H9 N O2' 
115.130 
SER 'L-peptide linking' y SERINE                                                                                 ? 'C3 H7 N O3' 
105.093 
THR 'L-peptide linking' y THREONINE                                                                              ? 'C4 H9 N O3' 
119.119 
TRP 'L-peptide linking' y TRYPTOPHAN                                                                             ? 'C11 H12 N2 O2' 
204.225 
TYR 'L-peptide linking' y TYROSINE                                                                               ? 'C9 H11 N O3' 
181.189 
VAL 'L-peptide linking' y VALINE                                                                                 ? 'C5 H11 N O2' 
117.146 
# 
loop_
_pdbx_poly_seq_scheme.asym_id 
_pdbx_poly_seq_scheme.entity_id 
_pdbx_poly_seq_scheme.seq_id 
_pdbx_poly_seq_scheme.mon_id 
_pdbx_poly_seq_scheme.ndb_seq_num 
_pdbx_poly_seq_scheme.pdb_seq_num 
_pdbx_poly_seq_scheme.auth_seq_num 
_pdbx_poly_seq_scheme.pdb_mon_id 
_pdbx_poly_seq_scheme.auth_mon_id 
_pdbx_poly_seq_scheme.pdb_strand_id 
_pdbx_poly_seq_scheme.pdb_ins_code 
_pdbx_poly_seq_scheme.hetero 
A 1 1   MET 1   -3  ?   ?   ?   A . n 
A 1 2   ASP 2   -2  ?   ?   ?   A . n 
A 1 3   ILE 3   -1  ?   ?   ?   A . n 
A 1 4   GLU 4   0   ?   ?   ?   A . n 
A 1 5   PHE 5   1   ?   ?   ?   A . n 
A 1 6   THR 6   2   ?   ?   ?   A . n 
A 1 7   THR 7   3   ?   ?   ?   A . n 
A 1 8   SER 8   4   ?   ?   ?   A . n 
A 1 9   ALA 9   5   ?   ?   ?   A . n 
A 1 10  ALA 10  6   ?   ?   ?   A . n 
A 1 11  SER 11  7   ?   ?   ?   A . n 
A 1 12  GLN 12  8   ?   ?   ?   A . n 
A 1 13  ALA 13  9   ?   ?   ?   A . n 
A 1 14  SER 14  10  ?   ?   ?   A . n 
A 1 15  LEU 15  11  ?   ?   ?   A . n 
A 1 16  PRO 16  12  ?   ?   ?   A . n 
A 1 17  ARG 17  13  ?   ?   ?   A . n 
A 1 18  GLY 18  14  ?   ?   ?   A . n 
A 1 19  ARG 19  15  ?   ?   ?   A . n 
A 1 20  ARG 20  16  ?   ?   ?   A . n 
A 1 21  THR 21  17  ?   ?   ?   A . n 
A 1 22  ALA 22  18  ?   ?   ?   A . n 
A 1 23  ARG 23  19  ?   ?   ?   A . n 
A 1 24  PRO 24  20  ?   ?   ?   A . n 
A 1 25  SER 25  21  ?   ?   ?   A . n 
A 1 26  GLY 26  22  22  GLY GLY A . n 
A 1 27  ASP 27  23  23  ASP ASP A . n 
A 1 28  ASP 28  24  24  ASP ASP A . n 
A 1 29  ARG 29  25  25  ARG ARG A . n 
A 1 30  GLU 30  26  26  GLU GLU A . n 
A 1 31  LEU 31  27  27  LEU LEU A . n 
A 1 32  ALA 32  28  28  ALA ALA A . n 
A 1 33  ILE 33  29  29  ILE ILE A . n 
A 1 34  LEU 34  30  30  LEU LEU A . n 
A 1 35  ALA 35  31  31  ALA ALA A . n 
A 1 36  THR 36  32  32  THR THR A . n 
A 1 37  ALA 37  33  33  ALA ALA A . n 
A 1 38  GLU 38  34  34  GLU GLU A . n 
A 1 39  ASN 39  35  35  ASN ASN A . n 
A 1 40  LEU 40  36  36  LEU LEU A . n 
A 1 41  LEU 41  37  37  LEU LEU A . n 
A 1 42  GLU 42  38  38  GLU GLU A . n 
A 1 43  ASP 43  39  39  ASP ASP A . n 
A 1 44  ARG 44  40  40  ARG ARG A . n 
A 1 45  PRO 45  41  41  PRO PRO A . n 
A 1 46  LEU 46  42  42  LEU LEU A . n 
A 1 47  ALA 47  43  43  ALA ALA A . n 
A 1 48  ASP 48  44  44  ASP ASP A . n 
A 1 49  ILE 49  45  45  ILE ILE A . n 
A 1 50  SER 50  46  46  SER SER A . n 
A 1 51  VAL 51  47  47  VAL VAL A . n 
A 1 52  ASP 52  48  48  ASP ASP A . n 
A 1 53  ASP 53  49  49  ASP ASP A . n 
A 1 54  LEU 54  50  50  LEU LEU A . n 
A 1 55  ALA 55  51  51  ALA ALA A . n 
A 1 56  LYS 56  52  52  LYS LYS A . n 
A 1 57  GLY 57  53  53  GLY GLY A . n 
A 1 58  ALA 58  54  54  ALA ALA A . n 
A 1 59  GLY 59  55  55  GLY GLY A . n 
A 1 60  ILE 60  56  56  ILE ILE A . n 
A 1 61  SER 61  57  57  SER SER A . n 
A 1 62  ARG 62  58  58  ARG ARG A . n 
A 1 63  PRO 63  59  59  PRO PRO A . n 
A 1 64  THR 64  60  60  THR THR A . n 
A 1 65  PHE 65  61  61  PHE PHE A . n 
A 1 66  TYR 66  62  62  TYR TYR A . n 
A 1 67  PHE 67  63  63  PHE PHE A . n 
A 1 68  TYR 68  64  64  TYR TYR A . n 
A 1 69  PHE 69  65  65  PHE PHE A . n 
A 1 70  PRO 70  66  66  PRO PRO A . n 
A 1 71  SER 71  67  67  SER SER A . n 
A 1 72  LYS 72  68  68  LYS LYS A . n 
A 1 73  GLU 73  69  69  GLU GLU A . n 
A 1 74  ALA 74  70  70  ALA ALA A . n 
A 1 75  VAL 75  71  71  VAL VAL A . n 
A 1 76  LEU 76  72  72  LEU LEU A . n 
A 1 77  LEU 77  73  73  LEU LEU A . n 
A 1 78  THR 78  74  74  THR THR A . n 
A 1 79  LEU 79  75  75  LEU LEU A . n 
A 1 80  LEU 80  76  76  LEU LEU A . n 
A 1 81  ASP 81  77  77  ASP ASP A . n 
A 1 82  ARG 82  78  78  ARG ARG A . n 
A 1 83  VAL 83  79  79  VAL VAL A . n 
A 1 84  VAL 84  80  80  VAL VAL A . n 
A 1 85  ASN 85  81  81  ASN ASN A . n 
A 1 86  GLN 86  82  82  GLN GLN A . n 
A 1 87  ALA 87  83  83  ALA ALA A . n 
A 1 88  ASP 88  84  84  ASP ASP A . n 
A 1 89  MET 89  85  85  MET MET A . n 
A 1 90  ALA 90  86  86  ALA ALA A . n 
A 1 91  LEU 91  87  87  LEU LEU A . n 
A 1 92  GLN 92  88  88  GLN GLN A . n 
A 1 93  THR 93  89  89  THR THR A . n 
A 1 94  LEU 94  90  90  LEU LEU A . n 
A 1 95  ALA 95  91  91  ALA ALA A . n 
A 1 96  GLU 96  92  92  GLU GLU A . n 
A 1 97  ASN 97  93  93  ASN ASN A . n 
A 1 98  PRO 98  94  94  PRO PRO A . n 
A 1 99  ALA 99  95  95  ALA ALA A . n 
A 1 100 ASP 100 96  96  ASP ASP A . n 
A 1 101 THR 101 97  97  THR THR A . n 
A 1 102 ASP 102 98  98  ASP ASP A . n 
A 1 103 ARG 103 99  99  ARG ARG A . n 
A 1 104 GLU 104 100 100 GLU GLU A . n 
A 1 105 ASN 105 101 101 ASN ASN A . n 
A 1 106 MET 106 102 102 MET MET A . n 
A 1 107 TRP 107 103 103 TRP TRP A . n 
A 1 108 ARG 108 104 104 ARG ARG A . n 
A 1 109 THR 109 105 105 THR THR A . n 
A 1 110 GLY 110 106 106 GLY GLY A . n 
A 1 111 ILE 111 107 107 ILE ILE A . n 
A 1 112 ASN 112 108 108 ASN ASN A . n 
A 1 113 VAL 113 109 109 VAL VAL A . n 
A 1 114 PHE 114 110 110 PHE PHE A . n 
A 1 115 PHE 115 111 111 PHE PHE A . n 
A 1 116 GLU 116 112 112 GLU GLU A . n 
A 1 117 THR 117 113 113 THR THR A . n 
A 1 118 PHE 118 114 114 PHE PHE A . n 
A 1 119 GLY 119 115 115 GLY GLY A . n 
A 1 120 SER 120 116 116 SER SER A . n 
A 1 121 HIS 121 117 117 HIS HIS A . n 
A 1 122 LYS 122 118 118 LYS LYS A . n 
A 1 123 ALA 123 119 119 ALA ALA A . n 
A 1 124 VAL 124 120 120 VAL VAL A . n 
A 1 125 THR 125 121 121 THR THR A . n 
A 1 126 ARG 126 122 122 ARG ARG A . n 
A 1 127 ALA 127 123 123 ALA ALA A . n 
A 1 128 GLY 128 124 124 GLY GLY A . n 
A 1 129 GLN 129 125 125 GLN GLN A . n 
A 1 130 ALA 130 126 126 ALA ALA A . n 
A 1 131 ALA 131 127 127 ALA ALA A . n 
A 1 132 ARG 132 128 128 ARG ARG A . n 
A 1 133 ALA 133 129 129 ALA ALA A . n 
A 1 134 THR 134 130 130 THR THR A . n 
A 1 135 SER 135 131 131 SER SER A . n 
A 1 136 VAL 136 132 132 VAL VAL A . n 
A 1 137 GLU 137 133 133 GLU GLU A . n 
A 1 138 VAL 138 134 134 VAL VAL A . n 
A 1 139 ALA 139 135 135 ALA ALA A . n 
A 1 140 GLU 140 136 136 GLU GLU A . n 
A 1 141 LEU 141 137 137 LEU LEU A . n 
A 1 142 TRP 142 138 138 TRP TRP A . n 
A 1 143 SER 143 139 139 SER SER A . n 
A 1 144 THR 144 140 140 THR THR A . n 
A 1 145 PHE 145 141 141 PHE PHE A . n 
A 1 146 MET 146 142 142 MET MET A . n 
A 1 147 GLN 147 143 143 GLN GLN A . n 
A 1 148 LYS 148 144 144 LYS LYS A . n 
A 1 149 TRP 149 145 145 TRP TRP A . n 
A 1 150 ILE 150 146 146 ILE ILE A . n 
A 1 151 ALA 151 147 147 ALA ALA A . n 
A 1 152 TYR 152 148 148 TYR TYR A . n 
A 1 153 THR 153 149 149 THR THR A . n 
A 1 154 ALA 154 150 150 ALA ALA A . n 
A 1 155 ALA 155 151 151 ALA ALA A . n 
A 1 156 VAL 156 152 152 VAL VAL A . n 
A 1 157 ILE 157 153 153 ILE ILE A . n 
A 1 158 ASP 158 154 154 ASP ASP A . n 
A 1 159 ALA 159 155 155 ALA ALA A . n 
A 1 160 GLU 160 156 156 GLU GLU A . n 
A 1 161 ARG 161 157 157 ARG ARG A . n 
A 1 162 ASP 162 158 158 ASP ASP A . n 
A 1 163 ARG 163 159 159 ARG ARG A . n 
A 1 164 GLY 164 160 160 GLY GLY A . n 
A 1 165 ALA 165 161 161 ALA ALA A . n 
A 1 166 ALA 166 162 162 ALA ALA A . n 
A 1 167 PRO 167 163 163 PRO PRO A . n 
A 1 168 ARG 168 164 164 ARG ARG A . n 
A 1 169 THR 169 165 165 THR THR A . n 
A 1 170 LEU 170 166 166 LEU LEU A . n 
A 1 171 PRO 171 167 167 PRO PRO A . n 
A 1 172 ALA 172 168 168 ALA ALA A . n 
A 1 173 HIS 173 169 169 HIS HIS A . n 
A 1 174 GLU 174 170 170 GLU GLU A . n 
A 1 175 LEU 175 171 171 LEU LEU A . n 
A 1 176 ALA 176 172 172 ALA ALA A . n 
A 1 177 THR 177 173 173 THR THR A . n 
A 1 178 ALA 178 174 174 ALA ALA A . n 
A 1 179 LEU 179 175 175 LEU LEU A . n 
A 1 180 ASN 180 176 176 ASN ASN A . n 
A 1 181 LEU 181 177 177 LEU LEU A . n 
A 1 182 MET 182 178 178 MET MET A . n 
A 1 183 ASN 183 179 179 ASN ASN A . n 
A 1 184 GLU 184 180 180 GLU GLU A . n 
A 1 185 ARG 185 181 181 ARG ARG A . n 
A 1 186 THR 186 182 182 THR THR A . n 
A 1 187 LEU 187 183 183 LEU LEU A . n 
A 1 188 PHE 188 184 184 PHE PHE A . n 
A 1 189 ALA 189 185 185 ALA ALA A . n 
A 1 190 SER 190 186 186 SER SER A . n 
A 1 191 PHE 191 187 187 PHE PHE A . n 
A 1 192 ALA 192 188 188 ALA ALA A . n 
A 1 193 GLY 193 189 189 GLY GLY A . n 
A 1 194 GLU 194 190 190 GLU GLU A . n 
A 1 195 GLN 195 191 191 GLN GLN A . n 
A 1 196 PRO 196 192 192 PRO PRO A . n 
A 1 197 SER 197 193 193 SER SER A . n 
A 1 198 VAL 198 194 194 VAL VAL A . n 
A 1 199 PRO 199 195 195 PRO PRO A . n 
A 1 200 GLU 200 196 196 GLU GLU A . n 
A 1 201 ALA 201 197 197 ALA ALA A . n 
A 1 202 ARG 202 198 198 ARG ARG A . n 
A 1 203 VAL 203 199 199 VAL VAL A . n 
A 1 204 LEU 204 200 200 LEU LEU A . n 
A 1 205 ASP 205 201 201 ASP ASP A . n 
A 1 206 THR 206 202 202 THR THR A . n 
A 1 207 LEU 207 203 203 LEU LEU A . n 
A 1 208 VAL 208 204 204 VAL VAL A . n 
A 1 209 HIS 209 205 205 HIS HIS A . n 
A 1 210 ILE 210 206 206 ILE ILE A . n 
A 1 211 TRP 211 207 207 TRP TRP A . n 
A 1 212 VAL 212 208 208 VAL VAL A . n 
A 1 213 THR 213 209 209 THR THR A . n 
A 1 214 SER 214 210 210 SER SER A . n 
A 1 215 ILE 215 211 211 ILE ILE A . n 
A 1 216 TYR 216 212 212 TYR TYR A . n 
A 1 217 GLY 217 213 213 GLY GLY A . n 
A 1 218 GLU 218 214 214 GLU GLU A . n 
A 1 219 ASN 219 215 ?   ?   ?   A . n 
A 1 220 ARG 220 216 ?   ?   ?   A . n 
A 1 221 GLY 221 217 ?   ?   ?   A . n 
A 1 222 SER 222 218 ?   ?   ?   A . n 
A 1 223 HIS 223 219 ?   ?   ?   A . n 
A 1 224 HIS 224 220 ?   ?   ?   A . n 
A 1 225 HIS 225 221 ?   ?   ?   A . n 
A 1 226 HIS 226 222 ?   ?   ?   A . n 
A 1 227 HIS 227 223 ?   ?   ?   A . n 
A 1 228 HIS 228 224 ?   ?   ?   A . n 
# 
loop_
_pdbx_nonpoly_scheme.asym_id 
_pdbx_nonpoly_scheme.entity_id 
_pdbx_nonpoly_scheme.mon_id 
_pdbx_nonpoly_scheme.ndb_seq_num 
_pdbx_nonpoly_scheme.pdb_seq_num 
_pdbx_nonpoly_scheme.auth_seq_num 
_pdbx_nonpoly_scheme.pdb_mon_id 
_pdbx_nonpoly_scheme.auth_mon_id 
_pdbx_nonpoly_scheme.pdb_strand_id 
_pdbx_nonpoly_scheme.pdb_ins_code 
B 2 5TC 1  301 1  5TC 192 A . 
C 3 HOH 1  401 13 HOH HOH A . 
C 3 HOH 2  402 8  HOH HOH A . 
C 3 HOH 3  403 17 HOH HOH A . 
C 3 HOH 4  404 14 HOH HOH A . 
C 3 HOH 5  405 6  HOH HOH A . 
C 3 HOH 6  406 15 HOH HOH A . 
C 3 HOH 7  407 1  HOH HOH A . 
C 3 HOH 8  408 21 HOH HOH A . 
C 3 HOH 9  409 16 HOH HOH A . 
C 3 HOH 10 410 7  HOH HOH A . 
C 3 HOH 11 411 20 HOH HOH A . 
C 3 HOH 12 412 3  HOH HOH A . 
C 3 HOH 13 413 9  HOH HOH A . 
C 3 HOH 14 414 19 HOH HOH A . 
C 3 HOH 15 415 5  HOH HOH A . 
C 3 HOH 16 416 2  HOH HOH A . 
C 3 HOH 17 417 10 HOH HOH A . 
C 3 HOH 18 418 18 HOH HOH A . 
C 3 HOH 19 419 12 HOH HOH A . 
C 3 HOH 20 420 4  HOH HOH A . 
C 3 HOH 21 421 11 HOH HOH A . 
C 3 HOH 22 422 22 HOH HOH A . 
# 
loop_
_pdbx_unobs_or_zero_occ_atoms.id 
_pdbx_unobs_or_zero_occ_atoms.PDB_model_num 
_pdbx_unobs_or_zero_occ_atoms.polymer_flag 
_pdbx_unobs_or_zero_occ_atoms.occupancy_flag 
_pdbx_unobs_or_zero_occ_atoms.auth_asym_id 
_pdbx_unobs_or_zero_occ_atoms.auth_comp_id 
_pdbx_unobs_or_zero_occ_atoms.auth_seq_id 
_pdbx_unobs_or_zero_occ_atoms.PDB_ins_code 
_pdbx_unobs_or_zero_occ_atoms.auth_atom_id 
_pdbx_unobs_or_zero_occ_atoms.label_alt_id 
_pdbx_unobs_or_zero_occ_atoms.label_asym_id 
_pdbx_unobs_or_zero_occ_atoms.label_comp_id 
_pdbx_unobs_or_zero_occ_atoms.label_seq_id 
_pdbx_unobs_or_zero_occ_atoms.label_atom_id 
1  1 Y 1 A ASP 23  ? CG  ? A ASP 27  CG  
2  1 Y 1 A ASP 23  ? OD1 ? A ASP 27  OD1 
3  1 Y 1 A ASP 23  ? OD2 ? A ASP 27  OD2 
4  1 Y 1 A ARG 25  ? CD  ? A ARG 29  CD  
5  1 Y 1 A ARG 25  ? NE  ? A ARG 29  NE  
6  1 Y 1 A ARG 25  ? CZ  ? A ARG 29  CZ  
7  1 Y 1 A ARG 25  ? NH1 ? A ARG 29  NH1 
8  1 Y 1 A ARG 25  ? NH2 ? A ARG 29  NH2 
9  1 Y 1 A LYS 52  ? CG  ? A LYS 56  CG  
10 1 Y 1 A LYS 52  ? CD  ? A LYS 56  CD  
11 1 Y 1 A LYS 52  ? CE  ? A LYS 56  CE  
12 1 Y 1 A LYS 52  ? NZ  ? A LYS 56  NZ  
13 1 Y 1 A GLU 214 ? CD  ? A GLU 218 CD  
14 1 Y 1 A GLU 214 ? OE1 ? A GLU 218 OE1 
15 1 Y 1 A GLU 214 ? OE2 ? A GLU 218 OE2 
# 
loop_
_software.citation_id 
_software.classification 
_software.compiler_name 
_software.compiler_version 
_software.contact_author 
_software.contact_author_email 
_software.date 
_software.description 
_software.dependencies 
_software.hardware 
_software.language 
_software.location 
_software.mods 
_software.name 
_software.os 
_software.os_version 
_software.type 
_software.version 
_software.pdbx_ordinal 
? 'data scaling'    ? ? ? ? ? ? ? ? ? ? ? Aimless     ? ? ? 0.1.29   1 
? phasing           ? ? ? ? ? ? ? ? ? ? ? PHASER      ? ? ? 2.3.0    2 
? refinement        ? ? ? ? ? ? ? ? ? ? ? REFMAC      ? ? ? 5.6.0117 3 
? 'data extraction' ? ? ? ? ? ? ? ? ? ? ? PDB_EXTRACT ? ? ? 3.15     4 
? 'data reduction'  ? ? ? ? ? ? ? ? ? ? ? xia2        ? ? ? .        5 
? phasing           ? ? ? ? ? ? ? ? ? ? ? PHASER      ? ? ? .        6 
# 
_cell.angle_alpha                  90.000 
_cell.angle_alpha_esd              ? 
_cell.angle_beta                   90.000 
_cell.angle_beta_esd               ? 
_cell.angle_gamma                  90.000 
_cell.angle_gamma_esd              ? 
_cell.entry_id                     5F0H 
_cell.details                      ? 
_cell.formula_units_Z              ? 
_cell.length_a                     120.350 
_cell.length_a_esd                 ? 
_cell.length_b                     120.350 
_cell.length_b_esd                 ? 
_cell.length_c                     33.700 
_cell.length_c_esd                 ? 
_cell.volume                       ? 
_cell.volume_esd                   ? 
_cell.Z_PDB                        8 
_cell.reciprocal_angle_alpha       ? 
_cell.reciprocal_angle_beta        ? 
_cell.reciprocal_angle_gamma       ? 
_cell.reciprocal_angle_alpha_esd   ? 
_cell.reciprocal_angle_beta_esd    ? 
_cell.reciprocal_angle_gamma_esd   ? 
_cell.reciprocal_length_a          ? 
_cell.reciprocal_length_b          ? 
_cell.reciprocal_length_c          ? 
_cell.reciprocal_length_a_esd      ? 
_cell.reciprocal_length_b_esd      ? 
_cell.reciprocal_length_c_esd      ? 
_cell.pdbx_unique_axis             ? 
# 
_symmetry.entry_id                         5F0H 
_symmetry.cell_setting                     ? 
_symmetry.Int_Tables_number                92 
_symmetry.space_group_name_Hall            ? 
_symmetry.space_group_name_H-M             'P 41 21 2' 
_symmetry.pdbx_full_space_group_name_H-M   ? 
# 
_exptl.absorpt_coefficient_mu     ? 
_exptl.absorpt_correction_T_max   ? 
_exptl.absorpt_correction_T_min   ? 
_exptl.absorpt_correction_type    ? 
_exptl.absorpt_process_details    ? 
_exptl.entry_id                   5F0H 
_exptl.crystals_number            1 
_exptl.details                    ? 
_exptl.method                     'X-RAY DIFFRACTION' 
_exptl.method_details             ? 
# 
_exptl_crystal.colour                      ? 
_exptl_crystal.density_diffrn              ? 
_exptl_crystal.density_Matthews            2.42 
_exptl_crystal.density_method              ? 
_exptl_crystal.density_percent_sol         49.08 
_exptl_crystal.description                 ? 
_exptl_crystal.F_000                       ? 
_exptl_crystal.id                          1 
_exptl_crystal.preparation                 ? 
_exptl_crystal.size_max                    ? 
_exptl_crystal.size_mid                    ? 
_exptl_crystal.size_min                    ? 
_exptl_crystal.size_rad                    ? 
_exptl_crystal.colour_lustre               ? 
_exptl_crystal.colour_modifier             ? 
_exptl_crystal.colour_primary              ? 
_exptl_crystal.density_meas                ? 
_exptl_crystal.density_meas_esd            ? 
_exptl_crystal.density_meas_gt             ? 
_exptl_crystal.density_meas_lt             ? 
_exptl_crystal.density_meas_temp           ? 
_exptl_crystal.density_meas_temp_esd       ? 
_exptl_crystal.density_meas_temp_gt        ? 
_exptl_crystal.density_meas_temp_lt        ? 
_exptl_crystal.pdbx_crystal_image_url      ? 
_exptl_crystal.pdbx_crystal_image_format   ? 
_exptl_crystal.pdbx_mosaicity              ? 
_exptl_crystal.pdbx_mosaicity_esd          ? 
# 
_exptl_crystal_grow.apparatus       ? 
_exptl_crystal_grow.atmosphere      ? 
_exptl_crystal_grow.crystal_id      1 
_exptl_crystal_grow.details         ? 
_exptl_crystal_grow.method          'VAPOR DIFFUSION, SITTING DROP' 
_exptl_crystal_grow.method_ref      ? 
_exptl_crystal_grow.pH              6.5 
_exptl_crystal_grow.pressure        ? 
_exptl_crystal_grow.pressure_esd    ? 
_exptl_crystal_grow.seeding         ? 
_exptl_crystal_grow.seeding_ref     ? 
_exptl_crystal_grow.temp            298 
_exptl_crystal_grow.temp_details    ? 
_exptl_crystal_grow.temp_esd        ? 
_exptl_crystal_grow.time            ? 
_exptl_crystal_grow.pdbx_details    'Ammonium sulphate, Glycerol, MES' 
_exptl_crystal_grow.pdbx_pH_range   '6.3 - 6.5' 
# 
_diffrn.ambient_environment    ? 
_diffrn.ambient_temp           100 
_diffrn.ambient_temp_details   ? 
_diffrn.ambient_temp_esd       ? 
_diffrn.crystal_id             1 
_diffrn.crystal_support        ? 
_diffrn.crystal_treatment      ? 
_diffrn.details                ? 
_diffrn.id                     1 
_diffrn.ambient_pressure       ? 
_diffrn.ambient_pressure_esd   ? 
_diffrn.ambient_pressure_gt    ? 
_diffrn.ambient_pressure_lt    ? 
_diffrn.ambient_temp_gt        ? 
_diffrn.ambient_temp_lt        ? 
# 
_diffrn_detector.details                      ? 
_diffrn_detector.detector                     PIXEL 
_diffrn_detector.diffrn_id                    1 
_diffrn_detector.type                         'DECTRIS PILATUS 6M' 
_diffrn_detector.area_resol_mean              ? 
_diffrn_detector.dtime                        ? 
_diffrn_detector.pdbx_frames_total            ? 
_diffrn_detector.pdbx_collection_time_total   ? 
_diffrn_detector.pdbx_collection_date         2013-12-11 
# 
_diffrn_radiation.collimation                      ? 
_diffrn_radiation.diffrn_id                        1 
_diffrn_radiation.filter_edge                      ? 
_diffrn_radiation.inhomogeneity                    ? 
_diffrn_radiation.monochromator                    ? 
_diffrn_radiation.polarisn_norm                    ? 
_diffrn_radiation.polarisn_ratio                   ? 
_diffrn_radiation.probe                            ? 
_diffrn_radiation.type                             ? 
_diffrn_radiation.xray_symbol                      ? 
_diffrn_radiation.wavelength_id                    1 
_diffrn_radiation.pdbx_monochromatic_or_laue_m_l   M 
_diffrn_radiation.pdbx_wavelength_list             ? 
_diffrn_radiation.pdbx_wavelength                  ? 
_diffrn_radiation.pdbx_diffrn_protocol             'SINGLE WAVELENGTH' 
_diffrn_radiation.pdbx_analyzer                    ? 
_diffrn_radiation.pdbx_scattering_type             x-ray 
# 
_diffrn_radiation_wavelength.id           1 
_diffrn_radiation_wavelength.wavelength   0.97943 
_diffrn_radiation_wavelength.wt           1.0 
# 
_diffrn_source.current                     ? 
_diffrn_source.details                     ? 
_diffrn_source.diffrn_id                   1 
_diffrn_source.power                       ? 
_diffrn_source.size                        ? 
_diffrn_source.source                      SYNCHROTRON 
_diffrn_source.target                      ? 
_diffrn_source.type                        'DIAMOND BEAMLINE I04' 
_diffrn_source.voltage                     ? 
_diffrn_source.take-off_angle              ? 
_diffrn_source.pdbx_wavelength_list        0.97943 
_diffrn_source.pdbx_wavelength             ? 
_diffrn_source.pdbx_synchrotron_beamline   I04 
_diffrn_source.pdbx_synchrotron_site       Diamond 
# 
_reflns.B_iso_Wilson_estimate            ? 
_reflns.entry_id                         5F0H 
_reflns.data_reduction_details           ? 
_reflns.data_reduction_method            ? 
_reflns.d_resolution_high                1.990 
_reflns.d_resolution_low                 53.820 
_reflns.details                          ? 
_reflns.limit_h_max                      ? 
_reflns.limit_h_min                      ? 
_reflns.limit_k_max                      ? 
_reflns.limit_k_min                      ? 
_reflns.limit_l_max                      ? 
_reflns.limit_l_min                      ? 
_reflns.number_all                       ? 
_reflns.number_obs                       17617 
_reflns.observed_criterion               ? 
_reflns.observed_criterion_F_max         ? 
_reflns.observed_criterion_F_min         ? 
_reflns.observed_criterion_I_max         ? 
_reflns.observed_criterion_I_min         ? 
_reflns.observed_criterion_sigma_F       ? 
_reflns.observed_criterion_sigma_I       ? 
_reflns.percent_possible_obs             99.900 
_reflns.R_free_details                   ? 
_reflns.Rmerge_F_all                     ? 
_reflns.Rmerge_F_obs                     ? 
_reflns.Friedel_coverage                 ? 
_reflns.number_gt                        ? 
_reflns.threshold_expression             ? 
_reflns.pdbx_redundancy                  12.700 
_reflns.pdbx_Rmerge_I_obs                0.065 
_reflns.pdbx_Rmerge_I_all                ? 
_reflns.pdbx_Rsym_value                  ? 
_reflns.pdbx_netI_over_av_sigmaI         ? 
_reflns.pdbx_netI_over_sigmaI            25.700 
_reflns.pdbx_res_netI_over_av_sigmaI_2   ? 
_reflns.pdbx_res_netI_over_sigmaI_2      ? 
_reflns.pdbx_chi_squared                 ? 
_reflns.pdbx_scaling_rejects             ? 
_reflns.pdbx_d_res_high_opt              ? 
_reflns.pdbx_d_res_low_opt               ? 
_reflns.pdbx_d_res_opt_method            ? 
_reflns.phase_calculation_details        ? 
_reflns.pdbx_Rrim_I_all                  ? 
_reflns.pdbx_Rpim_I_all                  0.019 
_reflns.pdbx_d_opt                       ? 
_reflns.pdbx_number_measured_all         223127 
_reflns.pdbx_diffrn_id                   1 
_reflns.pdbx_ordinal                     1 
_reflns.pdbx_CC_half                     1.000 
_reflns.pdbx_R_split                     ? 
# 
loop_
_reflns_shell.d_res_high 
_reflns_shell.d_res_low 
_reflns_shell.meanI_over_sigI_all 
_reflns_shell.meanI_over_sigI_obs 
_reflns_shell.number_measured_all 
_reflns_shell.number_measured_obs 
_reflns_shell.number_possible 
_reflns_shell.number_unique_all 
_reflns_shell.number_unique_obs 
_reflns_shell.percent_possible_all 
_reflns_shell.percent_possible_obs 
_reflns_shell.Rmerge_F_all 
_reflns_shell.Rmerge_F_obs 
_reflns_shell.Rmerge_I_all 
_reflns_shell.Rmerge_I_obs 
_reflns_shell.meanI_over_sigI_gt 
_reflns_shell.meanI_over_uI_all 
_reflns_shell.meanI_over_uI_gt 
_reflns_shell.number_measured_gt 
_reflns_shell.number_unique_gt 
_reflns_shell.percent_possible_gt 
_reflns_shell.Rmerge_F_gt 
_reflns_shell.Rmerge_I_gt 
_reflns_shell.pdbx_redundancy 
_reflns_shell.pdbx_Rsym_value 
_reflns_shell.pdbx_chi_squared 
_reflns_shell.pdbx_netI_over_sigmaI_all 
_reflns_shell.pdbx_netI_over_sigmaI_obs 
_reflns_shell.pdbx_Rrim_I_all 
_reflns_shell.pdbx_Rpim_I_all 
_reflns_shell.pdbx_rejects 
_reflns_shell.pdbx_ordinal 
_reflns_shell.pdbx_diffrn_id 
_reflns_shell.pdbx_CC_half 
_reflns_shell.pdbx_R_split 
1.990 2.040  ? 4.300  15859 ? ? 1249 ? 99.600 ? ? ? ? 0.707 ? ? ? ? ? ? ? ? 12.700 ? ? ? ? ? 0.206 0 1 1 0.920 ? 
8.900 53.820 ? 65.100 2382  ? ? 256  ? 98.800 ? ? ? ? 0.023 ? ? ? ? ? ? ? ? 9.300  ? ? ? ? ? 0.008 0 2 1 0.999 ? 
# 
_refine.aniso_B[1][1]                            0.0200 
_refine.aniso_B[1][2]                            0.0000 
_refine.aniso_B[1][3]                            0.0000 
_refine.aniso_B[2][2]                            0.0200 
_refine.aniso_B[2][3]                            0.0000 
_refine.aniso_B[3][3]                            -0.0400 
_refine.B_iso_max                                113.050 
_refine.B_iso_mean                               37.9810 
_refine.B_iso_min                                15.800 
_refine.correlation_coeff_Fo_to_Fc               0.9570 
_refine.correlation_coeff_Fo_to_Fc_free          0.9490 
_refine.details                                  
'HYDROGENS HAVE BEEN USED IF PRESENT IN THE INPUT U VALUES      : REFINED INDIVIDUALLY' 
_refine.diff_density_max                         ? 
_refine.diff_density_max_esd                     ? 
_refine.diff_density_min                         ? 
_refine.diff_density_min_esd                     ? 
_refine.diff_density_rms                         ? 
_refine.diff_density_rms_esd                     ? 
_refine.entry_id                                 5F0H 
_refine.pdbx_refine_id                           'X-RAY DIFFRACTION' 
_refine.ls_abs_structure_details                 ? 
_refine.ls_abs_structure_Flack                   ? 
_refine.ls_abs_structure_Flack_esd               ? 
_refine.ls_abs_structure_Rogers                  ? 
_refine.ls_abs_structure_Rogers_esd              ? 
_refine.ls_d_res_high                            1.9900 
_refine.ls_d_res_low                             53.8200 
_refine.ls_extinction_coef                       ? 
_refine.ls_extinction_coef_esd                   ? 
_refine.ls_extinction_expression                 ? 
_refine.ls_extinction_method                     ? 
_refine.ls_goodness_of_fit_all                   ? 
_refine.ls_goodness_of_fit_all_esd               ? 
_refine.ls_goodness_of_fit_obs                   ? 
_refine.ls_goodness_of_fit_obs_esd               ? 
_refine.ls_hydrogen_treatment                    ? 
_refine.ls_matrix_type                           ? 
_refine.ls_number_constraints                    ? 
_refine.ls_number_parameters                     ? 
_refine.ls_number_reflns_all                     ? 
_refine.ls_number_reflns_obs                     16680 
_refine.ls_number_reflns_R_free                  891 
_refine.ls_number_reflns_R_work                  ? 
_refine.ls_number_restraints                     ? 
_refine.ls_percent_reflns_obs                    99.9000 
_refine.ls_percent_reflns_R_free                 5.1000 
_refine.ls_R_factor_all                          ? 
_refine.ls_R_factor_obs                          0.1991 
_refine.ls_R_factor_R_free                       0.2298 
_refine.ls_R_factor_R_free_error                 ? 
_refine.ls_R_factor_R_free_error_details         ? 
_refine.ls_R_factor_R_work                       0.1975 
_refine.ls_R_Fsqd_factor_obs                     ? 
_refine.ls_R_I_factor_obs                        ? 
_refine.ls_redundancy_reflns_all                 ? 
_refine.ls_redundancy_reflns_obs                 ? 
_refine.ls_restrained_S_all                      ? 
_refine.ls_restrained_S_obs                      ? 
_refine.ls_shift_over_esd_max                    ? 
_refine.ls_shift_over_esd_mean                   ? 
_refine.ls_structure_factor_coef                 ? 
_refine.ls_weighting_details                     ? 
_refine.ls_weighting_scheme                      ? 
_refine.ls_wR_factor_all                         ? 
_refine.ls_wR_factor_obs                         ? 
_refine.ls_wR_factor_R_free                      0.2118 
_refine.ls_wR_factor_R_work                      0.1820 
_refine.occupancy_max                            ? 
_refine.occupancy_min                            ? 
_refine.solvent_model_details                    MASK 
_refine.solvent_model_param_bsol                 ? 
_refine.solvent_model_param_ksol                 ? 
_refine.ls_R_factor_gt                           ? 
_refine.ls_goodness_of_fit_gt                    ? 
_refine.ls_goodness_of_fit_ref                   ? 
_refine.ls_shift_over_su_max                     ? 
_refine.ls_shift_over_su_max_lt                  ? 
_refine.ls_shift_over_su_mean                    ? 
_refine.ls_shift_over_su_mean_lt                 ? 
_refine.pdbx_ls_sigma_I                          ? 
_refine.pdbx_ls_sigma_F                          0.000 
_refine.pdbx_ls_sigma_Fsqd                       ? 
_refine.pdbx_data_cutoff_high_absF               ? 
_refine.pdbx_data_cutoff_high_rms_absF           ? 
_refine.pdbx_data_cutoff_low_absF                ? 
_refine.pdbx_isotropic_thermal_model             ? 
_refine.pdbx_ls_cross_valid_method               THROUGHOUT 
_refine.pdbx_method_to_determine_struct          'MOLECULAR REPLACEMENT' 
_refine.pdbx_starting_model                      1T56 
_refine.pdbx_stereochemistry_target_values       'MAXIMUM LIKELIHOOD' 
_refine.pdbx_R_Free_selection_details            RANDOM 
_refine.pdbx_stereochem_target_val_spec_case     ? 
_refine.pdbx_overall_ESU_R                       0.1530 
_refine.pdbx_overall_ESU_R_Free                  0.1420 
_refine.pdbx_solvent_vdw_probe_radii             1.2000 
_refine.pdbx_solvent_ion_probe_radii             0.8000 
_refine.pdbx_solvent_shrinkage_radii             0.8000 
_refine.pdbx_real_space_R                        ? 
_refine.pdbx_density_correlation                 ? 
_refine.pdbx_pd_number_of_powder_patterns        ? 
_refine.pdbx_pd_number_of_points                 ? 
_refine.pdbx_pd_meas_number_of_points            ? 
_refine.pdbx_pd_proc_ls_prof_R_factor            ? 
_refine.pdbx_pd_proc_ls_prof_wR_factor           ? 
_refine.pdbx_pd_Marquardt_correlation_coeff      ? 
_refine.pdbx_pd_Fsqrd_R_factor                   ? 
_refine.pdbx_pd_ls_matrix_band_width             ? 
_refine.pdbx_overall_phase_error                 ? 
_refine.pdbx_overall_SU_R_free_Cruickshank_DPI   ? 
_refine.pdbx_overall_SU_R_free_Blow_DPI          ? 
_refine.pdbx_overall_SU_R_Blow_DPI               ? 
_refine.pdbx_TLS_residual_ADP_flag               ? 
_refine.pdbx_diffrn_id                           1 
_refine.overall_SU_B                             3.8220 
_refine.overall_SU_ML                            0.1030 
_refine.overall_SU_R_Cruickshank_DPI             0.1531 
_refine.overall_SU_R_free                        0.1415 
_refine.overall_FOM_free_R_set                   ? 
_refine.overall_FOM_work_R_set                   0.8295 
_refine.pdbx_average_fsc_overall                 ? 
_refine.pdbx_average_fsc_work                    ? 
_refine.pdbx_average_fsc_free                    ? 
# 
_refine_hist.cycle_id                         final 
_refine_hist.pdbx_refine_id                   'X-RAY DIFFRACTION' 
_refine_hist.d_res_high                       1.9900 
_refine_hist.d_res_low                        53.8200 
_refine_hist.pdbx_number_atoms_ligand         32 
_refine_hist.number_atoms_solvent             22 
_refine_hist.number_atoms_total               1541 
_refine_hist.pdbx_number_residues_total       193 
_refine_hist.pdbx_B_iso_mean_ligand           43.12 
_refine_hist.pdbx_B_iso_mean_solvent          35.52 
_refine_hist.pdbx_number_atoms_protein        1487 
_refine_hist.pdbx_number_atoms_nucleic_acid   0 
# 
loop_
_refine_ls_restr.pdbx_refine_id 
_refine_ls_restr.criterion 
_refine_ls_restr.dev_ideal 
_refine_ls_restr.dev_ideal_target 
_refine_ls_restr.number 
_refine_ls_restr.rejects 
_refine_ls_restr.type 
_refine_ls_restr.weight 
_refine_ls_restr.pdbx_restraint_function 
'X-RAY DIFFRACTION' ? 0.022  0.020  1553 ? r_bond_refined_d       ? ? 
'X-RAY DIFFRACTION' ? 0.004  0.020  34   ? r_bond_other_d         ? ? 
'X-RAY DIFFRACTION' ? 2.080  1.969  2118 ? r_angle_refined_deg    ? ? 
'X-RAY DIFFRACTION' ? 1.403  3.000  81   ? r_angle_other_deg      ? ? 
'X-RAY DIFFRACTION' ? 5.227  5.000  192  ? r_dihedral_angle_1_deg ? ? 
'X-RAY DIFFRACTION' ? 40.664 23.714 70   ? r_dihedral_angle_2_deg ? ? 
'X-RAY DIFFRACTION' ? 16.514 15.000 233  ? r_dihedral_angle_3_deg ? ? 
'X-RAY DIFFRACTION' ? 18.821 15.000 12   ? r_dihedral_angle_4_deg ? ? 
'X-RAY DIFFRACTION' ? 0.150  0.200  242  ? r_chiral_restr         ? ? 
'X-RAY DIFFRACTION' ? 0.013  0.021  1196 ? r_gen_planes_refined   ? ? 
'X-RAY DIFFRACTION' ? 0.013  0.020  10   ? r_gen_planes_other     ? ? 
# 
_refine_ls_shell.pdbx_refine_id                   'X-RAY DIFFRACTION' 
_refine_ls_shell.d_res_high                       1.9900 
_refine_ls_shell.d_res_low                        2.0420 
_refine_ls_shell.number_reflns_all                1109 
_refine_ls_shell.number_reflns_obs                ? 
_refine_ls_shell.number_reflns_R_free             51 
_refine_ls_shell.number_reflns_R_work             1058 
_refine_ls_shell.percent_reflns_obs               99.5500 
_refine_ls_shell.percent_reflns_R_free            ? 
_refine_ls_shell.R_factor_all                     ? 
_refine_ls_shell.R_factor_obs                     ? 
_refine_ls_shell.R_factor_R_free                  0.3070 
_refine_ls_shell.R_factor_R_free_error            ? 
_refine_ls_shell.R_factor_R_work                  0.2680 
_refine_ls_shell.redundancy_reflns_all            ? 
_refine_ls_shell.redundancy_reflns_obs            ? 
_refine_ls_shell.wR_factor_all                    ? 
_refine_ls_shell.wR_factor_obs                    ? 
_refine_ls_shell.wR_factor_R_free                 ? 
_refine_ls_shell.wR_factor_R_work                 ? 
_refine_ls_shell.pdbx_total_number_of_bins_used   20 
_refine_ls_shell.pdbx_phase_error                 ? 
_refine_ls_shell.pdbx_fsc_work                    ? 
_refine_ls_shell.pdbx_fsc_free                    ? 
# 
_struct.entry_id                     5F0H 
_struct.title                        
;Structure of Transcriptional Regulatory Repressor Protein - EthR from Mycobacterium Tuberculosis in complex with compound 28 at 1.99A resolution
;
_struct.pdbx_model_details           ? 
_struct.pdbx_formula_weight          ? 
_struct.pdbx_formula_weight_method   ? 
_struct.pdbx_model_type_details      ? 
_struct.pdbx_CASP_flag               ? 
# 
_struct_keywords.entry_id        5F0H 
_struct_keywords.text            'EthR, transcription, repressor, Mycobacterium tuberculosis' 
_struct_keywords.pdbx_keywords   TRANSCRIPTION 
# 
loop_
_struct_asym.id 
_struct_asym.pdbx_blank_PDB_chainid_flag 
_struct_asym.pdbx_modified 
_struct_asym.entity_id 
_struct_asym.details 
A N N 1 ? 
B N N 2 ? 
C N N 3 ? 
# 
_struct_ref.id                         1 
_struct_ref.db_name                    UNP 
_struct_ref.db_code                    ETHR_MYCTO 
_struct_ref.pdbx_db_accession          P9WMC0 
_struct_ref.pdbx_db_isoform            ? 
_struct_ref.entity_id                  1 
_struct_ref.pdbx_seq_one_letter_code   
;TTSAASQASLPRGRRTARPSGDDRELAILATAENLLEDRPLADISVDDLAKGAGISRPTFYFYFPSKEAVLLTLLDRVVN
QADMALQTLAENPADTDRENMWRTGINVFFETFGSHKAVTRAGQAARATSVEVAELWSTFMQKWIAYTAAVIDAERDRGA
APRTLPAHELATALNLMNERTLFASFAGEQPSVPEARVLDTLVHIWVTSIYGENR
;
_struct_ref.pdbx_align_begin           2 
# 
_struct_ref_seq.align_id                      1 
_struct_ref_seq.ref_id                        1 
_struct_ref_seq.pdbx_PDB_id_code              5F0H 
_struct_ref_seq.pdbx_strand_id                A 
_struct_ref_seq.seq_align_beg                 6 
_struct_ref_seq.pdbx_seq_align_beg_ins_code   ? 
_struct_ref_seq.seq_align_end                 220 
_struct_ref_seq.pdbx_seq_align_end_ins_code   ? 
_struct_ref_seq.pdbx_db_accession             P9WMC0 
_struct_ref_seq.db_align_beg                  2 
_struct_ref_seq.pdbx_db_align_beg_ins_code    ? 
_struct_ref_seq.db_align_end                  216 
_struct_ref_seq.pdbx_db_align_end_ins_code    ? 
_struct_ref_seq.pdbx_auth_seq_align_beg       2 
_struct_ref_seq.pdbx_auth_seq_align_end       216 
# 
loop_
_struct_ref_seq_dif.align_id 
_struct_ref_seq_dif.pdbx_pdb_id_code 
_struct_ref_seq_dif.mon_id 
_struct_ref_seq_dif.pdbx_pdb_strand_id 
_struct_ref_seq_dif.seq_num 
_struct_ref_seq_dif.pdbx_pdb_ins_code 
_struct_ref_seq_dif.pdbx_seq_db_name 
_struct_ref_seq_dif.pdbx_seq_db_accession_code 
_struct_ref_seq_dif.db_mon_id 
_struct_ref_seq_dif.pdbx_seq_db_seq_num 
_struct_ref_seq_dif.details 
_struct_ref_seq_dif.pdbx_auth_seq_num 
_struct_ref_seq_dif.pdbx_ordinal 
1 5F0H MET A 1   ? UNP P9WMC0 ? ? 'initiating methionine' -3  1  
1 5F0H ASP A 2   ? UNP P9WMC0 ? ? 'expression tag'        -2  2  
1 5F0H ILE A 3   ? UNP P9WMC0 ? ? 'expression tag'        -1  3  
1 5F0H GLU A 4   ? UNP P9WMC0 ? ? 'expression tag'        0   4  
1 5F0H PHE A 5   ? UNP P9WMC0 ? ? 'expression tag'        1   5  
1 5F0H GLY A 221 ? UNP P9WMC0 ? ? 'expression tag'        217 6  
1 5F0H SER A 222 ? UNP P9WMC0 ? ? 'expression tag'        218 7  
1 5F0H HIS A 223 ? UNP P9WMC0 ? ? 'expression tag'        219 8  
1 5F0H HIS A 224 ? UNP P9WMC0 ? ? 'expression tag'        220 9  
1 5F0H HIS A 225 ? UNP P9WMC0 ? ? 'expression tag'        221 10 
1 5F0H HIS A 226 ? UNP P9WMC0 ? ? 'expression tag'        222 11 
1 5F0H HIS A 227 ? UNP P9WMC0 ? ? 'expression tag'        223 12 
1 5F0H HIS A 228 ? UNP P9WMC0 ? ? 'expression tag'        224 13 
# 
_pdbx_struct_assembly.id                   1 
_pdbx_struct_assembly.details              author_and_software_defined_assembly 
_pdbx_struct_assembly.method_details       PISA 
_pdbx_struct_assembly.oligomeric_details   dimeric 
_pdbx_struct_assembly.oligomeric_count     2 
# 
loop_
_pdbx_struct_assembly_prop.biol_id 
_pdbx_struct_assembly_prop.type 
_pdbx_struct_assembly_prop.value 
_pdbx_struct_assembly_prop.details 
1 'ABSA (A^2)' 2920  ? 
1 MORE         -22   ? 
1 'SSA (A^2)'  16760 ? 
# 
_pdbx_struct_assembly_gen.assembly_id       1 
_pdbx_struct_assembly_gen.oper_expression   1,2 
_pdbx_struct_assembly_gen.asym_id_list      A,B,C 
# 
loop_
_pdbx_struct_oper_list.id 
_pdbx_struct_oper_list.type 
_pdbx_struct_oper_list.name 
_pdbx_struct_oper_list.symmetry_operation 
_pdbx_struct_oper_list.matrix[1][1] 
_pdbx_struct_oper_list.matrix[1][2] 
_pdbx_struct_oper_list.matrix[1][3] 
_pdbx_struct_oper_list.vector[1] 
_pdbx_struct_oper_list.matrix[2][1] 
_pdbx_struct_oper_list.matrix[2][2] 
_pdbx_struct_oper_list.matrix[2][3] 
_pdbx_struct_oper_list.vector[2] 
_pdbx_struct_oper_list.matrix[3][1] 
_pdbx_struct_oper_list.matrix[3][2] 
_pdbx_struct_oper_list.matrix[3][3] 
_pdbx_struct_oper_list.vector[3] 
1 'identity operation'         1_555 x,y,z        1.0000000000  0.0000000000  0.0000000000  0.0000000000   0.0000000000  1.0000000000  0.0000000000 0.0000000000  0.0000000000  0.0000000000 1.0000000000 0.0000000000  
2 'crystal symmetry operation' 8_554 -y,-x,-z-1/2 -0.9394814063 -0.1178300060 -0.3216998243 -21.0402507782 -0.1178300060 -0.7705843865 0.6263511738 10.7178116330 -0.3216998243 0.6263511738 0.7100657928 -7.8837661878 
# 
loop_
_struct_conf.conf_type_id 
_struct_conf.id 
_struct_conf.pdbx_PDB_helix_id 
_struct_conf.beg_label_comp_id 
_struct_conf.beg_label_asym_id 
_struct_conf.beg_label_seq_id 
_struct_conf.pdbx_beg_PDB_ins_code 
_struct_conf.end_label_comp_id 
_struct_conf.end_label_asym_id 
_struct_conf.end_label_seq_id 
_struct_conf.pdbx_end_PDB_ins_code 
_struct_conf.beg_auth_comp_id 
_struct_conf.beg_auth_asym_id 
_struct_conf.beg_auth_seq_id 
_struct_conf.end_auth_comp_id 
_struct_conf.end_auth_asym_id 
_struct_conf.end_auth_seq_id 
_struct_conf.pdbx_PDB_helix_class 
_struct_conf.details 
_struct_conf.pdbx_PDB_helix_length 
HELX_P HELX_P1  AA1 GLY A 26  ? ARG A 44  ? GLY A 22  ARG A 40  1 ? 19 
HELX_P HELX_P2  AA2 PRO A 45  ? ILE A 49  ? PRO A 41  ILE A 45  5 ? 5  
HELX_P HELX_P3  AA3 SER A 50  ? GLY A 59  ? SER A 46  GLY A 55  1 ? 10 
HELX_P HELX_P4  AA4 SER A 61  ? PHE A 69  ? SER A 57  PHE A 65  1 ? 9  
HELX_P HELX_P5  AA5 SER A 71  ? ASN A 97  ? SER A 67  ASN A 93  1 ? 27 
HELX_P HELX_P6  AA6 ASP A 102 ? SER A 120 ? ASP A 98  SER A 116 1 ? 19 
HELX_P HELX_P7  AA7 HIS A 121 ? ALA A 133 ? HIS A 117 ALA A 129 1 ? 13 
HELX_P HELX_P8  AA8 SER A 135 ? ARG A 163 ? SER A 131 ARG A 159 1 ? 29 
HELX_P HELX_P9  AA9 PRO A 171 ? ALA A 192 ? PRO A 167 ALA A 188 1 ? 22 
HELX_P HELX_P10 AB1 PRO A 199 ? GLY A 217 ? PRO A 195 GLY A 213 1 ? 19 
# 
_struct_conf_type.id          HELX_P 
_struct_conf_type.criteria    ? 
_struct_conf_type.reference   ? 
# 
_struct_mon_prot_cis.pdbx_id                1 
_struct_mon_prot_cis.label_comp_id          GLN 
_struct_mon_prot_cis.label_seq_id           195 
_struct_mon_prot_cis.label_asym_id          A 
_struct_mon_prot_cis.label_alt_id           . 
_struct_mon_prot_cis.pdbx_PDB_ins_code      ? 
_struct_mon_prot_cis.auth_comp_id           GLN 
_struct_mon_prot_cis.auth_seq_id            191 
_struct_mon_prot_cis.auth_asym_id           A 
_struct_mon_prot_cis.pdbx_label_comp_id_2   PRO 
_struct_mon_prot_cis.pdbx_label_seq_id_2    196 
_struct_mon_prot_cis.pdbx_label_asym_id_2   A 
_struct_mon_prot_cis.pdbx_PDB_ins_code_2    ? 
_struct_mon_prot_cis.pdbx_auth_comp_id_2    PRO 
_struct_mon_prot_cis.pdbx_auth_seq_id_2     192 
_struct_mon_prot_cis.pdbx_auth_asym_id_2    A 
_struct_mon_prot_cis.pdbx_PDB_model_num     1 
_struct_mon_prot_cis.pdbx_omega_angle       0.85 
# 
_struct_site.id                   AC1 
_struct_site.pdbx_evidence_code   Software 
_struct_site.pdbx_auth_asym_id    A 
_struct_site.pdbx_auth_comp_id    5TC 
_struct_site.pdbx_auth_seq_id     301 
_struct_site.pdbx_auth_ins_code   ? 
_struct_site.pdbx_num_residues    13 
_struct_site.details              'binding site for residue 5TC A 301' 
# 
loop_
_struct_site_gen.id 
_struct_site_gen.site_id 
_struct_site_gen.pdbx_num_res 
_struct_site_gen.label_comp_id 
_struct_site_gen.label_asym_id 
_struct_site_gen.label_seq_id 
_struct_site_gen.pdbx_auth_ins_code 
_struct_site_gen.auth_comp_id 
_struct_site_gen.auth_asym_id 
_struct_site_gen.auth_seq_id 
_struct_site_gen.label_atom_id 
_struct_site_gen.label_alt_id 
_struct_site_gen.symmetry 
_struct_site_gen.details 
1  AC1 13 LEU A 80  ? LEU A 76  . ? 1_555 ? 
2  AC1 13 LEU A 91  ? LEU A 87  . ? 1_555 ? 
3  AC1 13 MET A 106 ? MET A 102 . ? 1_555 ? 
4  AC1 13 TRP A 107 ? TRP A 103 . ? 1_555 ? 
5  AC1 13 PHE A 114 ? PHE A 110 . ? 1_555 ? 
6  AC1 13 TRP A 142 ? TRP A 138 . ? 1_555 ? 
7  AC1 13 MET A 146 ? MET A 142 . ? 1_555 ? 
8  AC1 13 TRP A 149 ? TRP A 145 . ? 1_555 ? 
9  AC1 13 TYR A 152 ? TYR A 148 . ? 1_555 ? 
10 AC1 13 ASN A 180 ? ASN A 176 . ? 1_555 ? 
11 AC1 13 ASN A 183 ? ASN A 179 . ? 1_555 ? 
12 AC1 13 PHE A 188 ? PHE A 184 . ? 1_555 ? 
13 AC1 13 TRP A 211 ? TRP A 207 . ? 1_555 ? 
# 
loop_
_pdbx_validate_rmsd_bond.id 
_pdbx_validate_rmsd_bond.PDB_model_num 
_pdbx_validate_rmsd_bond.auth_atom_id_1 
_pdbx_validate_rmsd_bond.auth_asym_id_1 
_pdbx_validate_rmsd_bond.auth_comp_id_1 
_pdbx_validate_rmsd_bond.auth_seq_id_1 
_pdbx_validate_rmsd_bond.PDB_ins_code_1 
_pdbx_validate_rmsd_bond.label_alt_id_1 
_pdbx_validate_rmsd_bond.auth_atom_id_2 
_pdbx_validate_rmsd_bond.auth_asym_id_2 
_pdbx_validate_rmsd_bond.auth_comp_id_2 
_pdbx_validate_rmsd_bond.auth_seq_id_2 
_pdbx_validate_rmsd_bond.PDB_ins_code_2 
_pdbx_validate_rmsd_bond.label_alt_id_2 
_pdbx_validate_rmsd_bond.bond_value 
_pdbx_validate_rmsd_bond.bond_target_value 
_pdbx_validate_rmsd_bond.bond_deviation 
_pdbx_validate_rmsd_bond.bond_standard_deviation 
_pdbx_validate_rmsd_bond.linker_flag 
1 1 CE2 A TRP 103 ? ? CD2 A TRP 103 ? ? 1.483 1.409 0.074 0.012 N 
2 1 CE2 A TRP 138 ? ? CD2 A TRP 138 ? ? 1.490 1.409 0.081 0.012 N 
3 1 CE2 A TRP 145 ? ? CD2 A TRP 145 ? ? 1.484 1.409 0.075 0.012 N 
4 1 CG  A HIS 169 ? ? CD2 A HIS 169 ? ? 1.421 1.354 0.067 0.009 N 
5 1 CG  A HIS 205 ? ? CD2 A HIS 205 ? ? 1.418 1.354 0.064 0.009 N 
# 
loop_
_pdbx_validate_torsion.id 
_pdbx_validate_torsion.PDB_model_num 
_pdbx_validate_torsion.auth_comp_id 
_pdbx_validate_torsion.auth_asym_id 
_pdbx_validate_torsion.auth_seq_id 
_pdbx_validate_torsion.PDB_ins_code 
_pdbx_validate_torsion.label_alt_id 
_pdbx_validate_torsion.phi 
_pdbx_validate_torsion.psi 
1 1 ALA A 95  ? ? -56.26  99.75   
2 1 THR A 165 ? ? -100.59 -100.97 
# 
_pdbx_struct_special_symmetry.id              1 
_pdbx_struct_special_symmetry.PDB_model_num   1 
_pdbx_struct_special_symmetry.auth_asym_id    A 
_pdbx_struct_special_symmetry.auth_comp_id    HOH 
_pdbx_struct_special_symmetry.auth_seq_id     403 
_pdbx_struct_special_symmetry.PDB_ins_code    ? 
_pdbx_struct_special_symmetry.label_asym_id   C 
_pdbx_struct_special_symmetry.label_comp_id   HOH 
_pdbx_struct_special_symmetry.label_seq_id    . 
# 
_pdbx_phasing_MR.entry_id                     5F0H 
_pdbx_phasing_MR.method_rotation              ? 
_pdbx_phasing_MR.method_translation           ? 
_pdbx_phasing_MR.model_details                'Phaser MODE: MR_AUTO' 
_pdbx_phasing_MR.R_factor                     ? 
_pdbx_phasing_MR.R_rigid_body                 ? 
_pdbx_phasing_MR.correlation_coeff_Fo_to_Fc   ? 
_pdbx_phasing_MR.correlation_coeff_Io_to_Ic   ? 
_pdbx_phasing_MR.d_res_high_rotation          2.500 
_pdbx_phasing_MR.d_res_low_rotation           53.820 
_pdbx_phasing_MR.d_res_high_translation       2.500 
_pdbx_phasing_MR.d_res_low_translation        53.820 
_pdbx_phasing_MR.packing                      ? 
_pdbx_phasing_MR.reflns_percent_rotation      ? 
_pdbx_phasing_MR.reflns_percent_translation   ? 
_pdbx_phasing_MR.sigma_F_rotation             ? 
_pdbx_phasing_MR.sigma_F_translation          ? 
_pdbx_phasing_MR.sigma_I_rotation             ? 
_pdbx_phasing_MR.sigma_I_translation          ? 
# 
_phasing.method   MR 
# 
loop_
_pdbx_unobs_or_zero_occ_residues.id 
_pdbx_unobs_or_zero_occ_residues.PDB_model_num 
_pdbx_unobs_or_zero_occ_residues.polymer_flag 
_pdbx_unobs_or_zero_occ_residues.occupancy_flag 
_pdbx_unobs_or_zero_occ_residues.auth_asym_id 
_pdbx_unobs_or_zero_occ_residues.auth_comp_id 
_pdbx_unobs_or_zero_occ_residues.auth_seq_id 
_pdbx_unobs_or_zero_occ_residues.PDB_ins_code 
_pdbx_unobs_or_zero_occ_residues.label_asym_id 
_pdbx_unobs_or_zero_occ_residues.label_comp_id 
_pdbx_unobs_or_zero_occ_residues.label_seq_id 
1  1 Y 1 A MET -3  ? A MET 1   
2  1 Y 1 A ASP -2  ? A ASP 2   
3  1 Y 1 A ILE -1  ? A ILE 3   
4  1 Y 1 A GLU 0   ? A GLU 4   
5  1 Y 1 A PHE 1   ? A PHE 5   
6  1 Y 1 A THR 2   ? A THR 6   
7  1 Y 1 A THR 3   ? A THR 7   
8  1 Y 1 A SER 4   ? A SER 8   
9  1 Y 1 A ALA 5   ? A ALA 9   
10 1 Y 1 A ALA 6   ? A ALA 10  
11 1 Y 1 A SER 7   ? A SER 11  
12 1 Y 1 A GLN 8   ? A GLN 12  
13 1 Y 1 A ALA 9   ? A ALA 13  
14 1 Y 1 A SER 10  ? A SER 14  
15 1 Y 1 A LEU 11  ? A LEU 15  
16 1 Y 1 A PRO 12  ? A PRO 16  
17 1 Y 1 A ARG 13  ? A ARG 17  
18 1 Y 1 A GLY 14  ? A GLY 18  
19 1 Y 1 A ARG 15  ? A ARG 19  
20 1 Y 1 A ARG 16  ? A ARG 20  
21 1 Y 1 A THR 17  ? A THR 21  
22 1 Y 1 A ALA 18  ? A ALA 22  
23 1 Y 1 A ARG 19  ? A ARG 23  
24 1 Y 1 A PRO 20  ? A PRO 24  
25 1 Y 1 A SER 21  ? A SER 25  
26 1 Y 1 A ASN 215 ? A ASN 219 
27 1 Y 1 A ARG 216 ? A ARG 220 
28 1 Y 1 A GLY 217 ? A GLY 221 
29 1 Y 1 A SER 218 ? A SER 222 
30 1 Y 1 A HIS 219 ? A HIS 223 
31 1 Y 1 A HIS 220 ? A HIS 224 
32 1 Y 1 A HIS 221 ? A HIS 225 
33 1 Y 1 A HIS 222 ? A HIS 226 
34 1 Y 1 A HIS 223 ? A HIS 227 
35 1 Y 1 A HIS 224 ? A HIS 228 
# 
loop_
_chem_comp_atom.comp_id 
_chem_comp_atom.atom_id 
_chem_comp_atom.type_symbol 
_chem_comp_atom.pdbx_aromatic_flag 
_chem_comp_atom.pdbx_stereo_config 
_chem_comp_atom.pdbx_ordinal 
5TC N    N N N 1   
5TC O    O N N 2   
5TC C    C N N 3   
5TC C12  C N N 4   
5TC N1   N N N 5   
5TC C11  C N N 6   
5TC C8   C Y N 7   
5TC C7   C Y N 8   
5TC C6   C Y N 9   
5TC C9   C Y N 10  
5TC C10  C Y N 11  
5TC C5   C Y N 12  
5TC C4   C N N 13  
5TC C3   C N N 14  
5TC C2   C N N 15  
5TC C1   C N N 16  
5TC C13  C N N 17  
5TC C14  C N N 18  
5TC C15  C N N 19  
5TC C19  C N N 20  
5TC C18  C N N 21  
5TC N2   N N N 22  
5TC C17  C N N 23  
5TC C16  C N N 24  
5TC C20  C Y N 25  
5TC C25  C Y N 26  
5TC C24  C Y N 27  
5TC C23  C Y N 28  
5TC C26  C N N 29  
5TC N3   N N N 30  
5TC C22  C Y N 31  
5TC C21  C Y N 32  
5TC H1   H N N 33  
5TC H2   H N N 34  
5TC H3   H N N 35  
5TC H4   H N N 36  
5TC H5   H N N 37  
5TC H6   H N N 38  
5TC H7   H N N 39  
5TC H8   H N N 40  
5TC H9   H N N 41  
5TC H10  H N N 42  
5TC H11  H N N 43  
5TC H12  H N N 44  
5TC H13  H N N 45  
5TC H14  H N N 46  
5TC H15  H N N 47  
5TC H16  H N N 48  
5TC H17  H N N 49  
5TC H18  H N N 50  
5TC H19  H N N 51  
5TC H20  H N N 52  
5TC H21  H N N 53  
5TC H22  H N N 54  
5TC H23  H N N 55  
5TC H24  H N N 56  
5TC H25  H N N 57  
5TC H26  H N N 58  
5TC H27  H N N 59  
5TC H28  H N N 60  
5TC H29  H N N 61  
5TC H30  H N N 62  
5TC H31  H N N 63  
5TC H32  H N N 64  
5TC H33  H N N 65  
5TC H34  H N N 66  
ALA N    N N N 67  
ALA CA   C N S 68  
ALA C    C N N 69  
ALA O    O N N 70  
ALA CB   C N N 71  
ALA OXT  O N N 72  
ALA H    H N N 73  
ALA H2   H N N 74  
ALA HA   H N N 75  
ALA HB1  H N N 76  
ALA HB2  H N N 77  
ALA HB3  H N N 78  
ALA HXT  H N N 79  
ARG N    N N N 80  
ARG CA   C N S 81  
ARG C    C N N 82  
ARG O    O N N 83  
ARG CB   C N N 84  
ARG CG   C N N 85  
ARG CD   C N N 86  
ARG NE   N N N 87  
ARG CZ   C N N 88  
ARG NH1  N N N 89  
ARG NH2  N N N 90  
ARG OXT  O N N 91  
ARG H    H N N 92  
ARG H2   H N N 93  
ARG HA   H N N 94  
ARG HB2  H N N 95  
ARG HB3  H N N 96  
ARG HG2  H N N 97  
ARG HG3  H N N 98  
ARG HD2  H N N 99  
ARG HD3  H N N 100 
ARG HE   H N N 101 
ARG HH11 H N N 102 
ARG HH12 H N N 103 
ARG HH21 H N N 104 
ARG HH22 H N N 105 
ARG HXT  H N N 106 
ASN N    N N N 107 
ASN CA   C N S 108 
ASN C    C N N 109 
ASN O    O N N 110 
ASN CB   C N N 111 
ASN CG   C N N 112 
ASN OD1  O N N 113 
ASN ND2  N N N 114 
ASN OXT  O N N 115 
ASN H    H N N 116 
ASN H2   H N N 117 
ASN HA   H N N 118 
ASN HB2  H N N 119 
ASN HB3  H N N 120 
ASN HD21 H N N 121 
ASN HD22 H N N 122 
ASN HXT  H N N 123 
ASP N    N N N 124 
ASP CA   C N S 125 
ASP C    C N N 126 
ASP O    O N N 127 
ASP CB   C N N 128 
ASP CG   C N N 129 
ASP OD1  O N N 130 
ASP OD2  O N N 131 
ASP OXT  O N N 132 
ASP H    H N N 133 
ASP H2   H N N 134 
ASP HA   H N N 135 
ASP HB2  H N N 136 
ASP HB3  H N N 137 
ASP HD2  H N N 138 
ASP HXT  H N N 139 
GLN N    N N N 140 
GLN CA   C N S 141 
GLN C    C N N 142 
GLN O    O N N 143 
GLN CB   C N N 144 
GLN CG   C N N 145 
GLN CD   C N N 146 
GLN OE1  O N N 147 
GLN NE2  N N N 148 
GLN OXT  O N N 149 
GLN H    H N N 150 
GLN H2   H N N 151 
GLN HA   H N N 152 
GLN HB2  H N N 153 
GLN HB3  H N N 154 
GLN HG2  H N N 155 
GLN HG3  H N N 156 
GLN HE21 H N N 157 
GLN HE22 H N N 158 
GLN HXT  H N N 159 
GLU N    N N N 160 
GLU CA   C N S 161 
GLU C    C N N 162 
GLU O    O N N 163 
GLU CB   C N N 164 
GLU CG   C N N 165 
GLU CD   C N N 166 
GLU OE1  O N N 167 
GLU OE2  O N N 168 
GLU OXT  O N N 169 
GLU H    H N N 170 
GLU H2   H N N 171 
GLU HA   H N N 172 
GLU HB2  H N N 173 
GLU HB3  H N N 174 
GLU HG2  H N N 175 
GLU HG3  H N N 176 
GLU HE2  H N N 177 
GLU HXT  H N N 178 
GLY N    N N N 179 
GLY CA   C N N 180 
GLY C    C N N 181 
GLY O    O N N 182 
GLY OXT  O N N 183 
GLY H    H N N 184 
GLY H2   H N N 185 
GLY HA2  H N N 186 
GLY HA3  H N N 187 
GLY HXT  H N N 188 
HIS N    N N N 189 
HIS CA   C N S 190 
HIS C    C N N 191 
HIS O    O N N 192 
HIS CB   C N N 193 
HIS CG   C Y N 194 
HIS ND1  N Y N 195 
HIS CD2  C Y N 196 
HIS CE1  C Y N 197 
HIS NE2  N Y N 198 
HIS OXT  O N N 199 
HIS H    H N N 200 
HIS H2   H N N 201 
HIS HA   H N N 202 
HIS HB2  H N N 203 
HIS HB3  H N N 204 
HIS HD1  H N N 205 
HIS HD2  H N N 206 
HIS HE1  H N N 207 
HIS HE2  H N N 208 
HIS HXT  H N N 209 
HOH O    O N N 210 
HOH H1   H N N 211 
HOH H2   H N N 212 
ILE N    N N N 213 
ILE CA   C N S 214 
ILE C    C N N 215 
ILE O    O N N 216 
ILE CB   C N S 217 
ILE CG1  C N N 218 
ILE CG2  C N N 219 
ILE CD1  C N N 220 
ILE OXT  O N N 221 
ILE H    H N N 222 
ILE H2   H N N 223 
ILE HA   H N N 224 
ILE HB   H N N 225 
ILE HG12 H N N 226 
ILE HG13 H N N 227 
ILE HG21 H N N 228 
ILE HG22 H N N 229 
ILE HG23 H N N 230 
ILE HD11 H N N 231 
ILE HD12 H N N 232 
ILE HD13 H N N 233 
ILE HXT  H N N 234 
LEU N    N N N 235 
LEU CA   C N S 236 
LEU C    C N N 237 
LEU O    O N N 238 
LEU CB   C N N 239 
LEU CG   C N N 240 
LEU CD1  C N N 241 
LEU CD2  C N N 242 
LEU OXT  O N N 243 
LEU H    H N N 244 
LEU H2   H N N 245 
LEU HA   H N N 246 
LEU HB2  H N N 247 
LEU HB3  H N N 248 
LEU HG   H N N 249 
LEU HD11 H N N 250 
LEU HD12 H N N 251 
LEU HD13 H N N 252 
LEU HD21 H N N 253 
LEU HD22 H N N 254 
LEU HD23 H N N 255 
LEU HXT  H N N 256 
LYS N    N N N 257 
LYS CA   C N S 258 
LYS C    C N N 259 
LYS O    O N N 260 
LYS CB   C N N 261 
LYS CG   C N N 262 
LYS CD   C N N 263 
LYS CE   C N N 264 
LYS NZ   N N N 265 
LYS OXT  O N N 266 
LYS H    H N N 267 
LYS H2   H N N 268 
LYS HA   H N N 269 
LYS HB2  H N N 270 
LYS HB3  H N N 271 
LYS HG2  H N N 272 
LYS HG3  H N N 273 
LYS HD2  H N N 274 
LYS HD3  H N N 275 
LYS HE2  H N N 276 
LYS HE3  H N N 277 
LYS HZ1  H N N 278 
LYS HZ2  H N N 279 
LYS HZ3  H N N 280 
LYS HXT  H N N 281 
MET N    N N N 282 
MET CA   C N S 283 
MET C    C N N 284 
MET O    O N N 285 
MET CB   C N N 286 
MET CG   C N N 287 
MET SD   S N N 288 
MET CE   C N N 289 
MET OXT  O N N 290 
MET H    H N N 291 
MET H2   H N N 292 
MET HA   H N N 293 
MET HB2  H N N 294 
MET HB3  H N N 295 
MET HG2  H N N 296 
MET HG3  H N N 297 
MET HE1  H N N 298 
MET HE2  H N N 299 
MET HE3  H N N 300 
MET HXT  H N N 301 
PHE N    N N N 302 
PHE CA   C N S 303 
PHE C    C N N 304 
PHE O    O N N 305 
PHE CB   C N N 306 
PHE CG   C Y N 307 
PHE CD1  C Y N 308 
PHE CD2  C Y N 309 
PHE CE1  C Y N 310 
PHE CE2  C Y N 311 
PHE CZ   C Y N 312 
PHE OXT  O N N 313 
PHE H    H N N 314 
PHE H2   H N N 315 
PHE HA   H N N 316 
PHE HB2  H N N 317 
PHE HB3  H N N 318 
PHE HD1  H N N 319 
PHE HD2  H N N 320 
PHE HE1  H N N 321 
PHE HE2  H N N 322 
PHE HZ   H N N 323 
PHE HXT  H N N 324 
PRO N    N N N 325 
PRO CA   C N S 326 
PRO C    C N N 327 
PRO O    O N N 328 
PRO CB   C N N 329 
PRO CG   C N N 330 
PRO CD   C N N 331 
PRO OXT  O N N 332 
PRO H    H N N 333 
PRO HA   H N N 334 
PRO HB2  H N N 335 
PRO HB3  H N N 336 
PRO HG2  H N N 337 
PRO HG3  H N N 338 
PRO HD2  H N N 339 
PRO HD3  H N N 340 
PRO HXT  H N N 341 
SER N    N N N 342 
SER CA   C N S 343 
SER C    C N N 344 
SER O    O N N 345 
SER CB   C N N 346 
SER OG   O N N 347 
SER OXT  O N N 348 
SER H    H N N 349 
SER H2   H N N 350 
SER HA   H N N 351 
SER HB2  H N N 352 
SER HB3  H N N 353 
SER HG   H N N 354 
SER HXT  H N N 355 
THR N    N N N 356 
THR CA   C N S 357 
THR C    C N N 358 
THR O    O N N 359 
THR CB   C N R 360 
THR OG1  O N N 361 
THR CG2  C N N 362 
THR OXT  O N N 363 
THR H    H N N 364 
THR H2   H N N 365 
THR HA   H N N 366 
THR HB   H N N 367 
THR HG1  H N N 368 
THR HG21 H N N 369 
THR HG22 H N N 370 
THR HG23 H N N 371 
THR HXT  H N N 372 
TRP N    N N N 373 
TRP CA   C N S 374 
TRP C    C N N 375 
TRP O    O N N 376 
TRP CB   C N N 377 
TRP CG   C Y N 378 
TRP CD1  C Y N 379 
TRP CD2  C Y N 380 
TRP NE1  N Y N 381 
TRP CE2  C Y N 382 
TRP CE3  C Y N 383 
TRP CZ2  C Y N 384 
TRP CZ3  C Y N 385 
TRP CH2  C Y N 386 
TRP OXT  O N N 387 
TRP H    H N N 388 
TRP H2   H N N 389 
TRP HA   H N N 390 
TRP HB2  H N N 391 
TRP HB3  H N N 392 
TRP HD1  H N N 393 
TRP HE1  H N N 394 
TRP HE3  H N N 395 
TRP HZ2  H N N 396 
TRP HZ3  H N N 397 
TRP HH2  H N N 398 
TRP HXT  H N N 399 
TYR N    N N N 400 
TYR CA   C N S 401 
TYR C    C N N 402 
TYR O    O N N 403 
TYR CB   C N N 404 
TYR CG   C Y N 405 
TYR CD1  C Y N 406 
TYR CD2  C Y N 407 
TYR CE1  C Y N 408 
TYR CE2  C Y N 409 
TYR CZ   C Y N 410 
TYR OH   O N N 411 
TYR OXT  O N N 412 
TYR H    H N N 413 
TYR H2   H N N 414 
TYR HA   H N N 415 
TYR HB2  H N N 416 
TYR HB3  H N N 417 
TYR HD1  H N N 418 
TYR HD2  H N N 419 
TYR HE1  H N N 420 
TYR HE2  H N N 421 
TYR HH   H N N 422 
TYR HXT  H N N 423 
VAL N    N N N 424 
VAL CA   C N S 425 
VAL C    C N N 426 
VAL O    O N N 427 
VAL CB   C N N 428 
VAL CG1  C N N 429 
VAL CG2  C N N 430 
VAL OXT  O N N 431 
VAL H    H N N 432 
VAL H2   H N N 433 
VAL HA   H N N 434 
VAL HB   H N N 435 
VAL HG11 H N N 436 
VAL HG12 H N N 437 
VAL HG13 H N N 438 
VAL HG21 H N N 439 
VAL HG22 H N N 440 
VAL HG23 H N N 441 
VAL HXT  H N N 442 
# 
loop_
_chem_comp_bond.comp_id 
_chem_comp_bond.atom_id_1 
_chem_comp_bond.atom_id_2 
_chem_comp_bond.value_order 
_chem_comp_bond.pdbx_aromatic_flag 
_chem_comp_bond.pdbx_stereo_config 
_chem_comp_bond.pdbx_ordinal 
5TC O   C12  doub N N 1   
5TC C16 C17  sing N N 2   
5TC C16 C15  sing N N 3   
5TC C17 N2   sing N N 4   
5TC C14 C15  sing N N 5   
5TC C14 C13  sing N N 6   
5TC C12 C13  sing N N 7   
5TC C12 N1   sing N N 8   
5TC C15 C19  sing N N 9   
5TC C25 C24  doub Y N 10  
5TC C25 C20  sing Y N 11  
5TC C11 N1   sing N N 12  
5TC C11 C8   sing N N 13  
5TC C24 C23  sing Y N 14  
5TC C9  C8   doub Y N 15  
5TC C9  C10  sing Y N 16  
5TC N2  C20  sing N N 17  
5TC N2  C18  sing N N 18  
5TC C8  C7   sing Y N 19  
5TC C10 C5   doub Y N 20  
5TC C20 C21  doub Y N 21  
5TC C19 C18  sing N N 22  
5TC C   N    sing N N 23  
5TC C   C1   sing N N 24  
5TC C7  C6   doub Y N 25  
5TC C5  N    sing N N 26  
5TC C5  C6   sing Y N 27  
5TC C23 C26  sing N N 28  
5TC C23 C22  doub Y N 29  
5TC C3  C2   sing N N 30  
5TC C3  C4   sing N N 31  
5TC C26 N3   trip N N 32  
5TC C2  C1   sing N N 33  
5TC N   C4   sing N N 34  
5TC C21 C22  sing Y N 35  
5TC C   H1   sing N N 36  
5TC C   H2   sing N N 37  
5TC N1  H3   sing N N 38  
5TC C11 H4   sing N N 39  
5TC C11 H5   sing N N 40  
5TC C7  H6   sing N N 41  
5TC C6  H7   sing N N 42  
5TC C9  H8   sing N N 43  
5TC C10 H9   sing N N 44  
5TC C4  H10  sing N N 45  
5TC C4  H11  sing N N 46  
5TC C3  H12  sing N N 47  
5TC C3  H13  sing N N 48  
5TC C2  H14  sing N N 49  
5TC C2  H15  sing N N 50  
5TC C1  H16  sing N N 51  
5TC C1  H17  sing N N 52  
5TC C13 H18  sing N N 53  
5TC C13 H19  sing N N 54  
5TC C14 H20  sing N N 55  
5TC C14 H21  sing N N 56  
5TC C15 H22  sing N N 57  
5TC C19 H23  sing N N 58  
5TC C19 H24  sing N N 59  
5TC C18 H25  sing N N 60  
5TC C18 H26  sing N N 61  
5TC C17 H27  sing N N 62  
5TC C17 H28  sing N N 63  
5TC C16 H29  sing N N 64  
5TC C16 H30  sing N N 65  
5TC C25 H31  sing N N 66  
5TC C24 H32  sing N N 67  
5TC C22 H33  sing N N 68  
5TC C21 H34  sing N N 69  
ALA N   CA   sing N N 70  
ALA N   H    sing N N 71  
ALA N   H2   sing N N 72  
ALA CA  C    sing N N 73  
ALA CA  CB   sing N N 74  
ALA CA  HA   sing N N 75  
ALA C   O    doub N N 76  
ALA C   OXT  sing N N 77  
ALA CB  HB1  sing N N 78  
ALA CB  HB2  sing N N 79  
ALA CB  HB3  sing N N 80  
ALA OXT HXT  sing N N 81  
ARG N   CA   sing N N 82  
ARG N   H    sing N N 83  
ARG N   H2   sing N N 84  
ARG CA  C    sing N N 85  
ARG CA  CB   sing N N 86  
ARG CA  HA   sing N N 87  
ARG C   O    doub N N 88  
ARG C   OXT  sing N N 89  
ARG CB  CG   sing N N 90  
ARG CB  HB2  sing N N 91  
ARG CB  HB3  sing N N 92  
ARG CG  CD   sing N N 93  
ARG CG  HG2  sing N N 94  
ARG CG  HG3  sing N N 95  
ARG CD  NE   sing N N 96  
ARG CD  HD2  sing N N 97  
ARG CD  HD3  sing N N 98  
ARG NE  CZ   sing N N 99  
ARG NE  HE   sing N N 100 
ARG CZ  NH1  sing N N 101 
ARG CZ  NH2  doub N N 102 
ARG NH1 HH11 sing N N 103 
ARG NH1 HH12 sing N N 104 
ARG NH2 HH21 sing N N 105 
ARG NH2 HH22 sing N N 106 
ARG OXT HXT  sing N N 107 
ASN N   CA   sing N N 108 
ASN N   H    sing N N 109 
ASN N   H2   sing N N 110 
ASN CA  C    sing N N 111 
ASN CA  CB   sing N N 112 
ASN CA  HA   sing N N 113 
ASN C   O    doub N N 114 
ASN C   OXT  sing N N 115 
ASN CB  CG   sing N N 116 
ASN CB  HB2  sing N N 117 
ASN CB  HB3  sing N N 118 
ASN CG  OD1  doub N N 119 
ASN CG  ND2  sing N N 120 
ASN ND2 HD21 sing N N 121 
ASN ND2 HD22 sing N N 122 
ASN OXT HXT  sing N N 123 
ASP N   CA   sing N N 124 
ASP N   H    sing N N 125 
ASP N   H2   sing N N 126 
ASP CA  C    sing N N 127 
ASP CA  CB   sing N N 128 
ASP CA  HA   sing N N 129 
ASP C   O    doub N N 130 
ASP C   OXT  sing N N 131 
ASP CB  CG   sing N N 132 
ASP CB  HB2  sing N N 133 
ASP CB  HB3  sing N N 134 
ASP CG  OD1  doub N N 135 
ASP CG  OD2  sing N N 136 
ASP OD2 HD2  sing N N 137 
ASP OXT HXT  sing N N 138 
GLN N   CA   sing N N 139 
GLN N   H    sing N N 140 
GLN N   H2   sing N N 141 
GLN CA  C    sing N N 142 
GLN CA  CB   sing N N 143 
GLN CA  HA   sing N N 144 
GLN C   O    doub N N 145 
GLN C   OXT  sing N N 146 
GLN CB  CG   sing N N 147 
GLN CB  HB2  sing N N 148 
GLN CB  HB3  sing N N 149 
GLN CG  CD   sing N N 150 
GLN CG  HG2  sing N N 151 
GLN CG  HG3  sing N N 152 
GLN CD  OE1  doub N N 153 
GLN CD  NE2  sing N N 154 
GLN NE2 HE21 sing N N 155 
GLN NE2 HE22 sing N N 156 
GLN OXT HXT  sing N N 157 
GLU N   CA   sing N N 158 
GLU N   H    sing N N 159 
GLU N   H2   sing N N 160 
GLU CA  C    sing N N 161 
GLU CA  CB   sing N N 162 
GLU CA  HA   sing N N 163 
GLU C   O    doub N N 164 
GLU C   OXT  sing N N 165 
GLU CB  CG   sing N N 166 
GLU CB  HB2  sing N N 167 
GLU CB  HB3  sing N N 168 
GLU CG  CD   sing N N 169 
GLU CG  HG2  sing N N 170 
GLU CG  HG3  sing N N 171 
GLU CD  OE1  doub N N 172 
GLU CD  OE2  sing N N 173 
GLU OE2 HE2  sing N N 174 
GLU OXT HXT  sing N N 175 
GLY N   CA   sing N N 176 
GLY N   H    sing N N 177 
GLY N   H2   sing N N 178 
GLY CA  C    sing N N 179 
GLY CA  HA2  sing N N 180 
GLY CA  HA3  sing N N 181 
GLY C   O    doub N N 182 
GLY C   OXT  sing N N 183 
GLY OXT HXT  sing N N 184 
HIS N   CA   sing N N 185 
HIS N   H    sing N N 186 
HIS N   H2   sing N N 187 
HIS CA  C    sing N N 188 
HIS CA  CB   sing N N 189 
HIS CA  HA   sing N N 190 
HIS C   O    doub N N 191 
HIS C   OXT  sing N N 192 
HIS CB  CG   sing N N 193 
HIS CB  HB2  sing N N 194 
HIS CB  HB3  sing N N 195 
HIS CG  ND1  sing Y N 196 
HIS CG  CD2  doub Y N 197 
HIS ND1 CE1  doub Y N 198 
HIS ND1 HD1  sing N N 199 
HIS CD2 NE2  sing Y N 200 
HIS CD2 HD2  sing N N 201 
HIS CE1 NE2  sing Y N 202 
HIS CE1 HE1  sing N N 203 
HIS NE2 HE2  sing N N 204 
HIS OXT HXT  sing N N 205 
HOH O   H1   sing N N 206 
HOH O   H2   sing N N 207 
ILE N   CA   sing N N 208 
ILE N   H    sing N N 209 
ILE N   H2   sing N N 210 
ILE CA  C    sing N N 211 
ILE CA  CB   sing N N 212 
ILE CA  HA   sing N N 213 
ILE C   O    doub N N 214 
ILE C   OXT  sing N N 215 
ILE CB  CG1  sing N N 216 
ILE CB  CG2  sing N N 217 
ILE CB  HB   sing N N 218 
ILE CG1 CD1  sing N N 219 
ILE CG1 HG12 sing N N 220 
ILE CG1 HG13 sing N N 221 
ILE CG2 HG21 sing N N 222 
ILE CG2 HG22 sing N N 223 
ILE CG2 HG23 sing N N 224 
ILE CD1 HD11 sing N N 225 
ILE CD1 HD12 sing N N 226 
ILE CD1 HD13 sing N N 227 
ILE OXT HXT  sing N N 228 
LEU N   CA   sing N N 229 
LEU N   H    sing N N 230 
LEU N   H2   sing N N 231 
LEU CA  C    sing N N 232 
LEU CA  CB   sing N N 233 
LEU CA  HA   sing N N 234 
LEU C   O    doub N N 235 
LEU C   OXT  sing N N 236 
LEU CB  CG   sing N N 237 
LEU CB  HB2  sing N N 238 
LEU CB  HB3  sing N N 239 
LEU CG  CD1  sing N N 240 
LEU CG  CD2  sing N N 241 
LEU CG  HG   sing N N 242 
LEU CD1 HD11 sing N N 243 
LEU CD1 HD12 sing N N 244 
LEU CD1 HD13 sing N N 245 
LEU CD2 HD21 sing N N 246 
LEU CD2 HD22 sing N N 247 
LEU CD2 HD23 sing N N 248 
LEU OXT HXT  sing N N 249 
LYS N   CA   sing N N 250 
LYS N   H    sing N N 251 
LYS N   H2   sing N N 252 
LYS CA  C    sing N N 253 
LYS CA  CB   sing N N 254 
LYS CA  HA   sing N N 255 
LYS C   O    doub N N 256 
LYS C   OXT  sing N N 257 
LYS CB  CG   sing N N 258 
LYS CB  HB2  sing N N 259 
LYS CB  HB3  sing N N 260 
LYS CG  CD   sing N N 261 
LYS CG  HG2  sing N N 262 
LYS CG  HG3  sing N N 263 
LYS CD  CE   sing N N 264 
LYS CD  HD2  sing N N 265 
LYS CD  HD3  sing N N 266 
LYS CE  NZ   sing N N 267 
LYS CE  HE2  sing N N 268 
LYS CE  HE3  sing N N 269 
LYS NZ  HZ1  sing N N 270 
LYS NZ  HZ2  sing N N 271 
LYS NZ  HZ3  sing N N 272 
LYS OXT HXT  sing N N 273 
MET N   CA   sing N N 274 
MET N   H    sing N N 275 
MET N   H2   sing N N 276 
MET CA  C    sing N N 277 
MET CA  CB   sing N N 278 
MET CA  HA   sing N N 279 
MET C   O    doub N N 280 
MET C   OXT  sing N N 281 
MET CB  CG   sing N N 282 
MET CB  HB2  sing N N 283 
MET CB  HB3  sing N N 284 
MET CG  SD   sing N N 285 
MET CG  HG2  sing N N 286 
MET CG  HG3  sing N N 287 
MET SD  CE   sing N N 288 
MET CE  HE1  sing N N 289 
MET CE  HE2  sing N N 290 
MET CE  HE3  sing N N 291 
MET OXT HXT  sing N N 292 
PHE N   CA   sing N N 293 
PHE N   H    sing N N 294 
PHE N   H2   sing N N 295 
PHE CA  C    sing N N 296 
PHE CA  CB   sing N N 297 
PHE CA  HA   sing N N 298 
PHE C   O    doub N N 299 
PHE C   OXT  sing N N 300 
PHE CB  CG   sing N N 301 
PHE CB  HB2  sing N N 302 
PHE CB  HB3  sing N N 303 
PHE CG  CD1  doub Y N 304 
PHE CG  CD2  sing Y N 305 
PHE CD1 CE1  sing Y N 306 
PHE CD1 HD1  sing N N 307 
PHE CD2 CE2  doub Y N 308 
PHE CD2 HD2  sing N N 309 
PHE CE1 CZ   doub Y N 310 
PHE CE1 HE1  sing N N 311 
PHE CE2 CZ   sing Y N 312 
PHE CE2 HE2  sing N N 313 
PHE CZ  HZ   sing N N 314 
PHE OXT HXT  sing N N 315 
PRO N   CA   sing N N 316 
PRO N   CD   sing N N 317 
PRO N   H    sing N N 318 
PRO CA  C    sing N N 319 
PRO CA  CB   sing N N 320 
PRO CA  HA   sing N N 321 
PRO C   O    doub N N 322 
PRO C   OXT  sing N N 323 
PRO CB  CG   sing N N 324 
PRO CB  HB2  sing N N 325 
PRO CB  HB3  sing N N 326 
PRO CG  CD   sing N N 327 
PRO CG  HG2  sing N N 328 
PRO CG  HG3  sing N N 329 
PRO CD  HD2  sing N N 330 
PRO CD  HD3  sing N N 331 
PRO OXT HXT  sing N N 332 
SER N   CA   sing N N 333 
SER N   H    sing N N 334 
SER N   H2   sing N N 335 
SER CA  C    sing N N 336 
SER CA  CB   sing N N 337 
SER CA  HA   sing N N 338 
SER C   O    doub N N 339 
SER C   OXT  sing N N 340 
SER CB  OG   sing N N 341 
SER CB  HB2  sing N N 342 
SER CB  HB3  sing N N 343 
SER OG  HG   sing N N 344 
SER OXT HXT  sing N N 345 
THR N   CA   sing N N 346 
THR N   H    sing N N 347 
THR N   H2   sing N N 348 
THR CA  C    sing N N 349 
THR CA  CB   sing N N 350 
THR CA  HA   sing N N 351 
THR C   O    doub N N 352 
THR C   OXT  sing N N 353 
THR CB  OG1  sing N N 354 
THR CB  CG2  sing N N 355 
THR CB  HB   sing N N 356 
THR OG1 HG1  sing N N 357 
THR CG2 HG21 sing N N 358 
THR CG2 HG22 sing N N 359 
THR CG2 HG23 sing N N 360 
THR OXT HXT  sing N N 361 
TRP N   CA   sing N N 362 
TRP N   H    sing N N 363 
TRP N   H2   sing N N 364 
TRP CA  C    sing N N 365 
TRP CA  CB   sing N N 366 
TRP CA  HA   sing N N 367 
TRP C   O    doub N N 368 
TRP C   OXT  sing N N 369 
TRP CB  CG   sing N N 370 
TRP CB  HB2  sing N N 371 
TRP CB  HB3  sing N N 372 
TRP CG  CD1  doub Y N 373 
TRP CG  CD2  sing Y N 374 
TRP CD1 NE1  sing Y N 375 
TRP CD1 HD1  sing N N 376 
TRP CD2 CE2  doub Y N 377 
TRP CD2 CE3  sing Y N 378 
TRP NE1 CE2  sing Y N 379 
TRP NE1 HE1  sing N N 380 
TRP CE2 CZ2  sing Y N 381 
TRP CE3 CZ3  doub Y N 382 
TRP CE3 HE3  sing N N 383 
TRP CZ2 CH2  doub Y N 384 
TRP CZ2 HZ2  sing N N 385 
TRP CZ3 CH2  sing Y N 386 
TRP CZ3 HZ3  sing N N 387 
TRP CH2 HH2  sing N N 388 
TRP OXT HXT  sing N N 389 
TYR N   CA   sing N N 390 
TYR N   H    sing N N 391 
TYR N   H2   sing N N 392 
TYR CA  C    sing N N 393 
TYR CA  CB   sing N N 394 
TYR CA  HA   sing N N 395 
TYR C   O    doub N N 396 
TYR C   OXT  sing N N 397 
TYR CB  CG   sing N N 398 
TYR CB  HB2  sing N N 399 
TYR CB  HB3  sing N N 400 
TYR CG  CD1  doub Y N 401 
TYR CG  CD2  sing Y N 402 
TYR CD1 CE1  sing Y N 403 
TYR CD1 HD1  sing N N 404 
TYR CD2 CE2  doub Y N 405 
TYR CD2 HD2  sing N N 406 
TYR CE1 CZ   doub Y N 407 
TYR CE1 HE1  sing N N 408 
TYR CE2 CZ   sing Y N 409 
TYR CE2 HE2  sing N N 410 
TYR CZ  OH   sing N N 411 
TYR OH  HH   sing N N 412 
TYR OXT HXT  sing N N 413 
VAL N   CA   sing N N 414 
VAL N   H    sing N N 415 
VAL N   H2   sing N N 416 
VAL CA  C    sing N N 417 
VAL CA  CB   sing N N 418 
VAL CA  HA   sing N N 419 
VAL C   O    doub N N 420 
VAL C   OXT  sing N N 421 
VAL CB  CG1  sing N N 422 
VAL CB  CG2  sing N N 423 
VAL CB  HB   sing N N 424 
VAL CG1 HG11 sing N N 425 
VAL CG1 HG12 sing N N 426 
VAL CG1 HG13 sing N N 427 
VAL CG2 HG21 sing N N 428 
VAL CG2 HG22 sing N N 429 
VAL CG2 HG23 sing N N 430 
VAL OXT HXT  sing N N 431 
# 
loop_
_pdbx_audit_support.funding_organization 
_pdbx_audit_support.country 
_pdbx_audit_support.grant_number 
_pdbx_audit_support.ordinal 
'Engineering and Physical Sciences Research Council' 'United Kingdom' ? 1 
'Bill & Melinda Gates Foundation'                    'United States'  ? 2 
'European Union'                                     ?                ? 3 
# 
_pdbx_initial_refinement_model.id               1 
_pdbx_initial_refinement_model.entity_id_list   ? 
_pdbx_initial_refinement_model.type             'experimental model' 
_pdbx_initial_refinement_model.source_name      PDB 
_pdbx_initial_refinement_model.accession_code   1T56 
_pdbx_initial_refinement_model.details          ? 
# 
_atom_sites.entry_id                    5F0H 
_atom_sites.fract_transf_matrix[1][1]   0.00388813 
_atom_sites.fract_transf_matrix[1][2]   -0.00062990 
_atom_sites.fract_transf_matrix[1][3]   0.00731609 
_atom_sites.fract_transf_matrix[2][1]   0.00593219 
_atom_sites.fract_transf_matrix[2][2]   -0.00460969 
_atom_sites.fract_transf_matrix[2][3]   -0.00354955 
_atom_sites.fract_transf_matrix[3][1]   0.01545637 
_atom_sites.fract_transf_matrix[3][2]   0.02458592 
_atom_sites.fract_transf_matrix[3][3]   -0.00609749 
_atom_sites.fract_transf_vector[1]      0.285719 
_atom_sites.fract_transf_vector[2]      -0.139483 
_atom_sites.fract_transf_vector[3]      -0.243190 
# 
loop_
_atom_type.symbol 
C 
N 
O 
S 
# 
loop_
_atom_site.group_PDB 
_atom_site.id 
_atom_site.type_symbol 
_atom_site.label_atom_id 
_atom_site.label_alt_id 
_atom_site.label_comp_id 
_atom_site.label_asym_id 
_atom_site.label_entity_id 
_atom_site.label_seq_id 
_atom_site.pdbx_PDB_ins_code 
_atom_site.Cartn_x 
_atom_site.Cartn_y 
_atom_site.Cartn_z 
_atom_site.occupancy 
_atom_site.B_iso_or_equiv 
_atom_site.pdbx_formal_charge 
_atom_site.auth_seq_id 
_atom_site.auth_comp_id 
_atom_site.auth_asym_id 
_atom_site.auth_atom_id 
_atom_site.pdbx_PDB_model_num 
ATOM   1    N N   . GLY A 1 26  ? 14.043  -2.455  24.220  1.00 64.90  ? 22  GLY A N   1 
ATOM   2    C CA  . GLY A 1 26  ? 13.948  -0.972  24.063  1.00 70.41  ? 22  GLY A CA  1 
ATOM   3    C C   . GLY A 1 26  ? 13.157  -0.652  22.809  1.00 80.14  ? 22  GLY A C   1 
ATOM   4    O O   . GLY A 1 26  ? 11.990  -0.260  22.897  1.00 75.45  ? 22  GLY A O   1 
ATOM   5    N N   . ASP A 1 27  ? 13.804  -0.805  21.642  1.00 84.19  ? 23  ASP A N   1 
ATOM   6    C CA  . ASP A 1 27  ? 13.123  -0.939  20.338  1.00 77.07  ? 23  ASP A CA  1 
ATOM   7    C C   . ASP A 1 27  ? 12.179  -2.141  20.459  1.00 79.12  ? 23  ASP A C   1 
ATOM   8    O O   . ASP A 1 27  ? 11.200  -2.240  19.723  1.00 88.37  ? 23  ASP A O   1 
ATOM   9    C CB  . ASP A 1 27  ? 14.117  -1.123  19.165  1.00 64.33  ? 23  ASP A CB  1 
ATOM   10   N N   . ASP A 1 28  ? 12.475  -3.031  21.414  1.00 73.43  ? 24  ASP A N   1 
ATOM   11   C CA  . ASP A 1 28  ? 11.622  -4.161  21.801  1.00 68.08  ? 24  ASP A CA  1 
ATOM   12   C C   . ASP A 1 28  ? 10.246  -3.806  22.338  1.00 61.09  ? 24  ASP A C   1 
ATOM   13   O O   . ASP A 1 28  ? 9.234   -4.412  21.963  1.00 56.97  ? 24  ASP A O   1 
ATOM   14   C CB  . ASP A 1 28  ? 12.333  -4.989  22.862  1.00 76.61  ? 24  ASP A CB  1 
ATOM   15   C CG  . ASP A 1 28  ? 13.263  -6.008  22.250  1.00 100.23 ? 24  ASP A CG  1 
ATOM   16   O OD1 . ASP A 1 28  ? 13.303  -6.098  20.992  1.00 97.92  ? 24  ASP A OD1 1 
ATOM   17   O OD2 . ASP A 1 28  ? 13.940  -6.722  23.025  1.00 107.36 ? 24  ASP A OD2 1 
ATOM   18   N N   . ARG A 1 29  ? 10.199  -2.854  23.259  1.00 52.79  ? 25  ARG A N   1 
ATOM   19   C CA  . ARG A 1 29  ? 8.900   -2.392  23.751  1.00 48.55  ? 25  ARG A CA  1 
ATOM   20   C C   . ARG A 1 29  ? 8.182   -1.703  22.553  1.00 43.53  ? 25  ARG A C   1 
ATOM   21   O O   . ARG A 1 29  ? 6.975   -1.829  22.389  1.00 44.58  ? 25  ARG A O   1 
ATOM   22   C CB  . ARG A 1 29  ? 9.063   -1.487  24.994  1.00 50.93  ? 25  ARG A CB  1 
ATOM   23   C CG  . ARG A 1 29  ? 9.446   -2.219  26.306  1.00 50.13  ? 25  ARG A CG  1 
ATOM   24   N N   . GLU A 1 30  ? 8.939   -1.023  21.700  1.00 42.65  ? 26  GLU A N   1 
ATOM   25   C CA  . GLU A 1 30  ? 8.348   -0.300  20.587  1.00 41.38  ? 26  GLU A CA  1 
ATOM   26   C C   . GLU A 1 30  ? 7.605   -1.267  19.606  1.00 38.19  ? 26  GLU A C   1 
ATOM   27   O O   . GLU A 1 30  ? 6.454   -1.026  19.262  1.00 36.62  ? 26  GLU A O   1 
ATOM   28   C CB  . GLU A 1 30  ? 9.416   0.539   19.911  1.00 40.57  ? 26  GLU A CB  1 
ATOM   29   C CG  . GLU A 1 30  ? 8.830   1.395   18.830  1.00 47.98  ? 26  GLU A CG  1 
ATOM   30   C CD  . GLU A 1 30  ? 9.792   2.424   18.278  1.00 59.38  ? 26  GLU A CD  1 
ATOM   31   O OE1 . GLU A 1 30  ? 10.709  2.876   19.004  1.00 61.85  ? 26  GLU A OE1 1 
ATOM   32   O OE2 . GLU A 1 30  ? 9.599   2.785   17.100  1.00 68.17  ? 26  GLU A OE2 1 
ATOM   33   N N   . LEU A 1 31  ? 8.281   -2.353  19.221  1.00 43.17  ? 27  LEU A N   1 
ATOM   34   C CA  . LEU A 1 31  ? 7.749   -3.430  18.388  1.00 47.60  ? 27  LEU A CA  1 
ATOM   35   C C   . LEU A 1 31  ? 6.526   -4.084  19.024  1.00 43.33  ? 27  LEU A C   1 
ATOM   36   O O   . LEU A 1 31  ? 5.530   -4.473  18.348  1.00 38.40  ? 27  LEU A O   1 
ATOM   37   C CB  . LEU A 1 31  ? 8.822   -4.490  18.110  1.00 48.48  ? 27  LEU A CB  1 
ATOM   38   C CG  . LEU A 1 31  ? 9.960   -4.178  17.123  1.00 58.10  ? 27  LEU A CG  1 
ATOM   39   C CD1 . LEU A 1 31  ? 10.984  -5.313  17.113  1.00 58.57  ? 27  LEU A CD1 1 
ATOM   40   C CD2 . LEU A 1 31  ? 9.514   -3.904  15.685  1.00 49.04  ? 27  LEU A CD2 1 
ATOM   41   N N   . ALA A 1 32  ? 6.568   -4.193  20.343  1.00 41.55  ? 28  ALA A N   1 
ATOM   42   C CA  . ALA A 1 32  ? 5.452   -4.808  21.040  1.00 39.78  ? 28  ALA A CA  1 
ATOM   43   C C   . ALA A 1 32  ? 4.227   -3.907  20.975  1.00 34.43  ? 28  ALA A C   1 
ATOM   44   O O   . ALA A 1 32  ? 3.084   -4.396  20.930  1.00 36.52  ? 28  ALA A O   1 
ATOM   45   C CB  . ALA A 1 32  ? 5.824   -5.123  22.504  1.00 45.46  ? 28  ALA A CB  1 
ATOM   46   N N   . ILE A 1 33  ? 4.457   -2.591  21.062  1.00 29.28  ? 29  ILE A N   1 
ATOM   47   C CA  . ILE A 1 33  ? 3.362   -1.674  21.022  1.00 31.10  ? 29  ILE A CA  1 
ATOM   48   C C   . ILE A 1 33  ? 2.785   -1.799  19.536  1.00 32.04  ? 29  ILE A C   1 
ATOM   49   O O   . ILE A 1 33  ? 1.580   -1.927  19.349  1.00 28.96  ? 29  ILE A O   1 
ATOM   50   C CB  . ILE A 1 33  ? 3.805   -0.226  21.222  1.00 29.33  ? 29  ILE A CB  1 
ATOM   51   C CG1 . ILE A 1 33  ? 4.201   0.060   22.683  1.00 35.31  ? 29  ILE A CG1 1 
ATOM   52   C CG2 . ILE A 1 33  ? 2.689   0.712   20.784  1.00 28.37  ? 29  ILE A CG2 1 
ATOM   53   C CD1 . ILE A 1 33  ? 4.943   1.404   22.875  1.00 35.84  ? 29  ILE A CD1 1 
ATOM   54   N N   . LEU A 1 34  ? 3.662   -1.750  18.542  1.00 31.01  ? 30  LEU A N   1 
ATOM   55   C CA  . LEU A 1 34  ? 3.220   -1.885  17.101  1.00 33.05  ? 30  LEU A CA  1 
ATOM   56   C C   . LEU A 1 34  ? 2.471   -3.209  16.844  1.00 31.76  ? 30  LEU A C   1 
ATOM   57   O O   . LEU A 1 34  ? 1.364   -3.191  16.302  1.00 32.07  ? 30  LEU A O   1 
ATOM   58   C CB  . LEU A 1 34  ? 4.422   -1.788  16.188  1.00 31.50  ? 30  LEU A CB  1 
ATOM   59   C CG  . LEU A 1 34  ? 5.114   -0.419  16.217  1.00 35.27  ? 30  LEU A CG  1 
ATOM   60   C CD1 . LEU A 1 34  ? 6.493   -0.478  15.548  1.00 34.56  ? 30  LEU A CD1 1 
ATOM   61   C CD2 . LEU A 1 34  ? 4.194   0.627   15.562  1.00 36.60  ? 30  LEU A CD2 1 
ATOM   62   N N   . ALA A 1 35  ? 3.047   -4.331  17.294  1.00 35.16  ? 31  ALA A N   1 
ATOM   63   C CA  . ALA A 1 35  ? 2.389   -5.656  17.145  1.00 37.14  ? 31  ALA A CA  1 
ATOM   64   C C   . ALA A 1 35  ? 0.997   -5.712  17.818  1.00 39.91  ? 31  ALA A C   1 
ATOM   65   O O   . ALA A 1 35  ? 0.048   -6.273  17.235  1.00 37.18  ? 31  ALA A O   1 
ATOM   66   C CB  . ALA A 1 35  ? 3.302   -6.796  17.633  1.00 39.68  ? 31  ALA A CB  1 
ATOM   67   N N   . THR A 1 36  ? 0.852   -5.108  19.016  1.00 38.15  ? 32  THR A N   1 
ATOM   68   C CA  . THR A 1 36  ? -0.448  -5.021  19.683  1.00 34.25  ? 32  THR A CA  1 
ATOM   69   C C   . THR A 1 36  ? -1.447  -4.191  18.913  1.00 34.67  ? 32  THR A C   1 
ATOM   70   O O   . THR A 1 36  ? -2.588  -4.613  18.800  1.00 35.54  ? 32  THR A O   1 
ATOM   71   C CB  . THR A 1 36  ? -0.347  -4.389  21.114  1.00 31.30  ? 32  THR A CB  1 
ATOM   72   O OG1 . THR A 1 36  ? 0.533   -5.192  21.887  1.00 34.44  ? 32  THR A OG1 1 
ATOM   73   C CG2 . THR A 1 36  ? -1.676  -4.324  21.803  1.00 28.45  ? 32  THR A CG2 1 
ATOM   74   N N   . ALA A 1 37  ? -1.067  -2.997  18.432  1.00 31.55  ? 33  ALA A N   1 
ATOM   75   C CA  . ALA A 1 37  ? -2.002  -2.167  17.659  1.00 31.89  ? 33  ALA A CA  1 
ATOM   76   C C   . ALA A 1 37  ? -2.486  -2.917  16.380  1.00 28.80  ? 33  ALA A C   1 
ATOM   77   O O   . ALA A 1 37  ? -3.671  -2.905  16.056  1.00 29.91  ? 33  ALA A O   1 
ATOM   78   C CB  . ALA A 1 37  ? -1.384  -0.788  17.305  1.00 28.65  ? 33  ALA A CB  1 
ATOM   79   N N   . GLU A 1 38  ? -1.549  -3.560  15.682  1.00 30.36  ? 34  GLU A N   1 
ATOM   80   C CA  . GLU A 1 38  ? -1.927  -4.287  14.485  1.00 34.76  ? 34  GLU A CA  1 
ATOM   81   C C   . GLU A 1 38  ? -2.897  -5.426  14.843  1.00 35.29  ? 34  GLU A C   1 
ATOM   82   O O   . GLU A 1 38  ? -3.933  -5.556  14.208  1.00 31.52  ? 34  GLU A O   1 
ATOM   83   C CB  . GLU A 1 38  ? -0.716  -4.746  13.729  1.00 35.82  ? 34  GLU A CB  1 
ATOM   84   C CG  . GLU A 1 38  ? -1.115  -5.448  12.448  1.00 39.39  ? 34  GLU A CG  1 
ATOM   85   C CD  . GLU A 1 38  ? 0.044   -5.601  11.455  1.00 48.09  ? 34  GLU A CD  1 
ATOM   86   O OE1 . GLU A 1 38  ? 1.230   -5.690  11.887  1.00 45.24  ? 34  GLU A OE1 1 
ATOM   87   O OE2 . GLU A 1 38  ? -0.227  -5.648  10.213  1.00 38.81  ? 34  GLU A OE2 1 
ATOM   88   N N   . ASN A 1 39  ? -2.642  -6.165  15.927  1.00 40.37  ? 35  ASN A N   1 
ATOM   89   C CA  . ASN A 1 39  ? -3.601  -7.221  16.363  1.00 40.51  ? 35  ASN A CA  1 
ATOM   90   C C   . ASN A 1 39  ? -4.930  -6.634  16.753  1.00 40.78  ? 35  ASN A C   1 
ATOM   91   O O   . ASN A 1 39  ? -6.002  -7.114  16.343  1.00 45.36  ? 35  ASN A O   1 
ATOM   92   C CB  . ASN A 1 39  ? -3.078  -8.097  17.489  1.00 49.55  ? 35  ASN A CB  1 
ATOM   93   C CG  . ASN A 1 39  ? -1.852  -8.881  17.092  1.00 60.45  ? 35  ASN A CG  1 
ATOM   94   O OD1 . ASN A 1 39  ? -1.597  -9.141  15.914  1.00 64.92  ? 35  ASN A OD1 1 
ATOM   95   N ND2 . ASN A 1 39  ? -1.073  -9.273  18.091  1.00 68.54  ? 35  ASN A ND2 1 
ATOM   96   N N   . LEU A 1 40  ? -4.926  -5.554  17.500  1.00 37.21  ? 36  LEU A N   1 
ATOM   97   C CA  . LEU A 1 40  ? -6.239  -5.008  17.882  1.00 34.15  ? 36  LEU A CA  1 
ATOM   98   C C   . LEU A 1 40  ? -6.984  -4.379  16.701  1.00 36.32  ? 36  LEU A C   1 
ATOM   99   O O   . LEU A 1 40  ? -8.194  -4.418  16.649  1.00 38.47  ? 36  LEU A O   1 
ATOM   100  C CB  . LEU A 1 40  ? -6.107  -3.994  19.024  1.00 36.25  ? 36  LEU A CB  1 
ATOM   101  C CG  . LEU A 1 40  ? -5.434  -4.555  20.295  1.00 37.86  ? 36  LEU A CG  1 
ATOM   102  C CD1 . LEU A 1 40  ? -5.340  -3.382  21.239  1.00 37.01  ? 36  LEU A CD1 1 
ATOM   103  C CD2 . LEU A 1 40  ? -6.276  -5.711  20.859  1.00 36.38  ? 36  LEU A CD2 1 
ATOM   104  N N   . LEU A 1 41  ? -6.262  -3.742  15.783  1.00 35.32  ? 37  LEU A N   1 
ATOM   105  C CA  . LEU A 1 41  ? -6.907  -3.205  14.585  1.00 33.46  ? 37  LEU A CA  1 
ATOM   106  C C   . LEU A 1 41  ? -7.596  -4.321  13.741  1.00 34.85  ? 37  LEU A C   1 
ATOM   107  O O   . LEU A 1 41  ? -8.531  -4.019  13.068  1.00 37.47  ? 37  LEU A O   1 
ATOM   108  C CB  . LEU A 1 41  ? -5.911  -2.437  13.732  1.00 32.63  ? 37  LEU A CB  1 
ATOM   109  C CG  . LEU A 1 41  ? -5.531  -1.069  14.311  1.00 35.01  ? 37  LEU A CG  1 
ATOM   110  C CD1 . LEU A 1 41  ? -4.265  -0.570  13.596  1.00 28.71  ? 37  LEU A CD1 1 
ATOM   111  C CD2 . LEU A 1 41  ? -6.694  -0.035  14.297  1.00 31.34  ? 37  LEU A CD2 1 
ATOM   112  N N   . GLU A 1 42  ? -7.162  -5.579  13.775  1.00 37.92  ? 38  GLU A N   1 
ATOM   113  C CA  . GLU A 1 42  ? -7.983  -6.665  13.167  1.00 45.62  ? 38  GLU A CA  1 
ATOM   114  C C   . GLU A 1 42  ? -9.390  -6.660  13.731  1.00 53.45  ? 38  GLU A C   1 
ATOM   115  O O   . GLU A 1 42  ? -10.324 -6.868  13.000  1.00 53.60  ? 38  GLU A O   1 
ATOM   116  C CB  . GLU A 1 42  ? -7.344  -8.036  13.296  1.00 44.08  ? 38  GLU A CB  1 
ATOM   117  C CG  . GLU A 1 42  ? -6.853  -8.591  11.962  1.00 70.75  ? 38  GLU A CG  1 
ATOM   118  C CD  . GLU A 1 42  ? -5.461  -8.080  11.518  1.00 81.19  ? 38  GLU A CD  1 
ATOM   119  O OE1 . GLU A 1 42  ? -4.539  -8.009  12.377  1.00 83.82  ? 38  GLU A OE1 1 
ATOM   120  O OE2 . GLU A 1 42  ? -5.269  -7.775  10.292  1.00 82.28  ? 38  GLU A OE2 1 
ATOM   121  N N   . ASP A 1 43  ? -9.547  -6.287  15.007  1.00 67.14  ? 39  ASP A N   1 
ATOM   122  C CA  . ASP A 1 43  ? -10.832 -6.380  15.721  1.00 57.81  ? 39  ASP A CA  1 
ATOM   123  C C   . ASP A 1 43  ? -11.723 -5.200  15.749  1.00 57.15  ? 39  ASP A C   1 
ATOM   124  O O   . ASP A 1 43  ? -12.916 -5.384  15.740  1.00 51.23  ? 39  ASP A O   1 
ATOM   125  C CB  . ASP A 1 43  ? -10.622 -6.833  17.141  1.00 68.01  ? 39  ASP A CB  1 
ATOM   126  C CG  . ASP A 1 43  ? -10.486 -8.316  17.225  1.00 77.13  ? 39  ASP A CG  1 
ATOM   127  O OD1 . ASP A 1 43  ? -10.704 -8.982  16.185  1.00 74.60  ? 39  ASP A OD1 1 
ATOM   128  O OD2 . ASP A 1 43  ? -10.166 -8.819  18.319  1.00 93.36  ? 39  ASP A OD2 1 
ATOM   129  N N   . ARG A 1 44  ? -11.169 -3.995  15.833  1.00 55.17  ? 40  ARG A N   1 
ATOM   130  C CA  . ARG A 1 44  ? -11.982 -2.778  15.891  1.00 48.81  ? 40  ARG A CA  1 
ATOM   131  C C   . ARG A 1 44  ? -11.213 -1.603  15.332  1.00 45.76  ? 40  ARG A C   1 
ATOM   132  O O   . ARG A 1 44  ? -9.999  -1.703  15.134  1.00 46.84  ? 40  ARG A O   1 
ATOM   133  C CB  . ARG A 1 44  ? -12.339 -2.467  17.337  1.00 61.50  ? 40  ARG A CB  1 
ATOM   134  C CG  . ARG A 1 44  ? -11.258 -2.752  18.361  1.00 59.51  ? 40  ARG A CG  1 
ATOM   135  C CD  . ARG A 1 44  ? -11.865 -2.499  19.739  1.00 71.10  ? 40  ARG A CD  1 
ATOM   136  N NE  . ARG A 1 44  ? -11.012 -2.882  20.869  1.00 64.54  ? 40  ARG A NE  1 
ATOM   137  C CZ  . ARG A 1 44  ? -10.438 -4.072  21.018  1.00 74.80  ? 40  ARG A CZ  1 
ATOM   138  N NH1 . ARG A 1 44  ? -10.544 -5.010  20.073  1.00 82.68  ? 40  ARG A NH1 1 
ATOM   139  N NH2 . ARG A 1 44  ? -9.709  -4.305  22.097  1.00 74.52  ? 40  ARG A NH2 1 
ATOM   140  N N   . PRO A 1 45  ? -11.896 -0.489  15.084  1.00 42.52  ? 41  PRO A N   1 
ATOM   141  C CA  . PRO A 1 45  ? -11.238 0.731   14.570  1.00 49.18  ? 41  PRO A CA  1 
ATOM   142  C C   . PRO A 1 45  ? -10.362 1.423   15.619  1.00 51.46  ? 41  PRO A C   1 
ATOM   143  O O   . PRO A 1 45  ? -10.497 1.140   16.816  1.00 49.30  ? 41  PRO A O   1 
ATOM   144  C CB  . PRO A 1 45  ? -12.419 1.666   14.224  1.00 49.61  ? 41  PRO A CB  1 
ATOM   145  C CG  . PRO A 1 45  ? -13.555 1.136   15.055  1.00 47.14  ? 41  PRO A CG  1 
ATOM   146  C CD  . PRO A 1 45  ? -13.368 -0.353  15.117  1.00 48.04  ? 41  PRO A CD  1 
ATOM   147  N N   . LEU A 1 46  ? -9.513  2.337   15.144  1.00 44.23  ? 42  LEU A N   1 
ATOM   148  C CA  . LEU A 1 46  ? -8.617  3.102   15.985  1.00 51.45  ? 42  LEU A CA  1 
ATOM   149  C C   . LEU A 1 46  ? -9.408  3.828   17.129  1.00 53.74  ? 42  LEU A C   1 
ATOM   150  O O   . LEU A 1 46  ? -9.060  3.656   18.309  1.00 49.48  ? 42  LEU A O   1 
ATOM   151  C CB  . LEU A 1 46  ? -7.711  4.040   15.151  1.00 42.54  ? 42  LEU A CB  1 
ATOM   152  C CG  . LEU A 1 46  ? -6.462  4.509   15.922  1.00 43.89  ? 42  LEU A CG  1 
ATOM   153  C CD1 . LEU A 1 46  ? -5.534  3.374   16.404  1.00 44.81  ? 42  LEU A CD1 1 
ATOM   154  C CD2 . LEU A 1 46  ? -5.684  5.576   15.168  1.00 49.29  ? 42  LEU A CD2 1 
ATOM   155  N N   . ALA A 1 47  ? -10.484 4.553   16.768  1.00 56.04  ? 43  ALA A N   1 
ATOM   156  C CA  . ALA A 1 47  ? -11.466 5.129   17.735  1.00 55.45  ? 43  ALA A CA  1 
ATOM   157  C C   . ALA A 1 47  ? -11.888 4.198   18.916  1.00 59.97  ? 43  ALA A C   1 
ATOM   158  O O   . ALA A 1 47  ? -12.185 4.697   19.990  1.00 57.84  ? 43  ALA A O   1 
ATOM   159  C CB  . ALA A 1 47  ? -12.707 5.665   17.014  1.00 52.19  ? 43  ALA A CB  1 
ATOM   160  N N   . ASP A 1 48  ? -11.902 2.872   18.734  1.00 57.29  ? 44  ASP A N   1 
ATOM   161  C CA  . ASP A 1 48  ? -12.310 1.950   19.790  1.00 54.09  ? 44  ASP A CA  1 
ATOM   162  C C   . ASP A 1 48  ? -11.131 1.265   20.420  1.00 55.06  ? 44  ASP A C   1 
ATOM   163  O O   . ASP A 1 48  ? -11.288 0.271   21.125  1.00 54.58  ? 44  ASP A O   1 
ATOM   164  C CB  . ASP A 1 48  ? -13.260 0.879   19.259  1.00 61.95  ? 44  ASP A CB  1 
ATOM   165  C CG  . ASP A 1 48  ? -14.660 1.428   18.905  1.00 70.28  ? 44  ASP A CG  1 
ATOM   166  O OD1 . ASP A 1 48  ? -14.772 2.542   18.337  1.00 72.63  ? 44  ASP A OD1 1 
ATOM   167  O OD2 . ASP A 1 48  ? -15.657 0.721   19.171  1.00 75.87  ? 44  ASP A OD2 1 
ATOM   168  N N   . ILE A 1 49  ? -9.933  1.749   20.138  1.00 56.78  ? 45  ILE A N   1 
ATOM   169  C CA  . ILE A 1 49  ? -8.748  1.201   20.808  1.00 53.58  ? 45  ILE A CA  1 
ATOM   170  C C   . ILE A 1 49  ? -8.255  2.334   21.709  1.00 54.30  ? 45  ILE A C   1 
ATOM   171  O O   . ILE A 1 49  ? -8.174  3.494   21.260  1.00 52.84  ? 45  ILE A O   1 
ATOM   172  C CB  . ILE A 1 49  ? -7.649  0.765   19.799  1.00 49.67  ? 45  ILE A CB  1 
ATOM   173  C CG1 . ILE A 1 49  ? -8.122  -0.411  18.927  1.00 46.76  ? 45  ILE A CG1 1 
ATOM   174  C CG2 . ILE A 1 49  ? -6.366  0.351   20.512  1.00 43.03  ? 45  ILE A CG2 1 
ATOM   175  C CD1 . ILE A 1 49  ? -7.136  -0.763  17.836  1.00 37.61  ? 45  ILE A CD1 1 
ATOM   176  N N   . SER A 1 50  ? -7.958  2.022   22.969  1.00 55.90  ? 46  SER A N   1 
ATOM   177  C CA  . SER A 1 50  ? -7.377  3.042   23.884  1.00 66.01  ? 46  SER A CA  1 
ATOM   178  C C   . SER A 1 50  ? -5.876  2.807   24.092  1.00 52.97  ? 46  SER A C   1 
ATOM   179  O O   . SER A 1 50  ? -5.394  1.706   23.857  1.00 50.22  ? 46  SER A O   1 
ATOM   180  C CB  . SER A 1 50  ? -8.092  3.085   25.240  1.00 58.99  ? 46  SER A CB  1 
ATOM   181  O OG  . SER A 1 50  ? -7.693  1.944   25.973  1.00 61.20  ? 46  SER A OG  1 
ATOM   182  N N   . VAL A 1 51  ? -5.162  3.865   24.510  1.00 63.45  ? 47  VAL A N   1 
ATOM   183  C CA  . VAL A 1 51  ? -3.712  3.836   24.833  1.00 52.12  ? 47  VAL A CA  1 
ATOM   184  C C   . VAL A 1 51  ? -3.461  2.788   25.929  1.00 52.68  ? 47  VAL A C   1 
ATOM   185  O O   . VAL A 1 51  ? -2.438  2.055   25.910  1.00 47.05  ? 47  VAL A O   1 
ATOM   186  C CB  . VAL A 1 51  ? -3.163  5.249   25.215  1.00 53.83  ? 47  VAL A CB  1 
ATOM   187  C CG1 . VAL A 1 51  ? -1.684  5.203   25.645  1.00 47.60  ? 47  VAL A CG1 1 
ATOM   188  C CG2 . VAL A 1 51  ? -3.352  6.217   24.057  1.00 55.15  ? 47  VAL A CG2 1 
ATOM   189  N N   . ASP A 1 52  ? -4.422  2.674   26.846  1.00 52.69  ? 48  ASP A N   1 
ATOM   190  C CA  . ASP A 1 52  ? -4.302  1.667   27.888  1.00 55.58  ? 48  ASP A CA  1 
ATOM   191  C C   . ASP A 1 52  ? -4.327  0.267   27.293  1.00 50.17  ? 48  ASP A C   1 
ATOM   192  O O   . ASP A 1 52  ? -3.552  -0.595  27.733  1.00 49.86  ? 48  ASP A O   1 
ATOM   193  C CB  . ASP A 1 52  ? -5.321  1.884   29.040  1.00 68.07  ? 48  ASP A CB  1 
ATOM   194  C CG  . ASP A 1 52  ? -4.991  3.147   29.890  1.00 79.01  ? 48  ASP A CG  1 
ATOM   195  O OD1 . ASP A 1 52  ? -3.816  3.372   30.290  1.00 78.89  ? 48  ASP A OD1 1 
ATOM   196  O OD2 . ASP A 1 52  ? -5.907  3.945   30.151  1.00 80.88  ? 48  ASP A OD2 1 
ATOM   197  N N   . ASP A 1 53  ? -5.178  0.047   26.268  1.00 49.48  ? 49  ASP A N   1 
ATOM   198  C CA  . ASP A 1 53  ? -5.204  -1.266  25.564  1.00 48.30  ? 49  ASP A CA  1 
ATOM   199  C C   . ASP A 1 53  ? -3.878  -1.557  24.947  1.00 39.66  ? 49  ASP A C   1 
ATOM   200  O O   . ASP A 1 53  ? -3.336  -2.670  25.071  1.00 43.57  ? 49  ASP A O   1 
ATOM   201  C CB  . ASP A 1 53  ? -6.239  -1.307  24.459  1.00 53.60  ? 49  ASP A CB  1 
ATOM   202  C CG  . ASP A 1 53  ? -7.626  -1.089  24.966  1.00 61.64  ? 49  ASP A CG  1 
ATOM   203  O OD1 . ASP A 1 53  ? -7.991  -1.752  25.960  1.00 58.27  ? 49  ASP A OD1 1 
ATOM   204  O OD2 . ASP A 1 53  ? -8.352  -0.267  24.355  1.00 68.07  ? 49  ASP A OD2 1 
ATOM   205  N N   . LEU A 1 54  ? -3.315  -0.541  24.302  1.00 40.29  ? 50  LEU A N   1 
ATOM   206  C CA  . LEU A 1 54  ? -1.989  -0.699  23.674  1.00 37.28  ? 50  LEU A CA  1 
ATOM   207  C C   . LEU A 1 54  ? -0.882  -0.966  24.679  1.00 41.65  ? 50  LEU A C   1 
ATOM   208  O O   . LEU A 1 54  ? -0.031  -1.864  24.451  1.00 38.31  ? 50  LEU A O   1 
ATOM   209  C CB  . LEU A 1 54  ? -1.624  0.508   22.808  1.00 36.32  ? 50  LEU A CB  1 
ATOM   210  C CG  . LEU A 1 54  ? -2.546  0.698   21.590  1.00 38.63  ? 50  LEU A CG  1 
ATOM   211  C CD1 . LEU A 1 54  ? -2.032  1.926   20.860  1.00 35.83  ? 50  LEU A CD1 1 
ATOM   212  C CD2 . LEU A 1 54  ? -2.528  -0.550  20.702  1.00 34.75  ? 50  LEU A CD2 1 
ATOM   213  N N   . ALA A 1 55  ? -0.895  -0.209  25.803  1.00 43.63  ? 51  ALA A N   1 
ATOM   214  C CA  . ALA A 1 55  ? 0.078   -0.459  26.886  1.00 40.49  ? 51  ALA A CA  1 
ATOM   215  C C   . ALA A 1 55  ? -0.107  -1.818  27.553  1.00 33.87  ? 51  ALA A C   1 
ATOM   216  O O   . ALA A 1 55  ? 0.889   -2.536  27.719  1.00 34.97  ? 51  ALA A O   1 
ATOM   217  C CB  . ALA A 1 55  ? 0.026   0.668   27.914  1.00 42.03  ? 51  ALA A CB  1 
ATOM   218  N N   . LYS A 1 56  ? -1.363  -2.130  27.952  1.00 42.87  ? 52  LYS A N   1 
ATOM   219  C CA  . LYS A 1 56  ? -1.757  -3.505  28.454  1.00 44.25  ? 52  LYS A CA  1 
ATOM   220  C C   . LYS A 1 56  ? -1.161  -4.560  27.511  1.00 45.31  ? 52  LYS A C   1 
ATOM   221  O O   . LYS A 1 56  ? -0.197  -5.182  27.901  1.00 46.40  ? 52  LYS A O   1 
ATOM   222  C CB  . LYS A 1 56  ? -3.282  -3.677  28.741  1.00 42.60  ? 52  LYS A CB  1 
ATOM   223  N N   . GLY A 1 57  ? -1.606  -4.666  26.234  1.00 46.18  ? 53  GLY A N   1 
ATOM   224  C CA  . GLY A 1 57  ? -0.985  -5.650  25.299  1.00 39.24  ? 53  GLY A CA  1 
ATOM   225  C C   . GLY A 1 57  ? 0.536   -5.614  25.167  1.00 42.98  ? 53  GLY A C   1 
ATOM   226  O O   . GLY A 1 57  ? 1.204   -6.628  24.910  1.00 41.27  ? 53  GLY A O   1 
ATOM   227  N N   . ALA A 1 58  ? 1.151   -4.464  25.337  1.00 40.94  ? 54  ALA A N   1 
ATOM   228  C CA  . ALA A 1 58  ? 2.606   -4.425  25.185  1.00 35.89  ? 54  ALA A CA  1 
ATOM   229  C C   . ALA A 1 58  ? 3.331   -4.749  26.503  1.00 39.47  ? 54  ALA A C   1 
ATOM   230  O O   . ALA A 1 58  ? 4.555   -4.817  26.567  1.00 40.01  ? 54  ALA A O   1 
ATOM   231  C CB  . ALA A 1 58  ? 3.008   -3.022  24.639  1.00 34.28  ? 54  ALA A CB  1 
ATOM   232  N N   . GLY A 1 59  ? 2.580   -4.928  27.585  1.00 45.96  ? 55  GLY A N   1 
ATOM   233  C CA  . GLY A 1 59  ? 3.214   -5.302  28.869  1.00 43.52  ? 55  GLY A CA  1 
ATOM   234  C C   . GLY A 1 59  ? 3.950   -4.119  29.484  1.00 41.09  ? 55  GLY A C   1 
ATOM   235  O O   . GLY A 1 59  ? 4.981   -4.306  30.122  1.00 39.90  ? 55  GLY A O   1 
ATOM   236  N N   . ILE A 1 60  ? 3.436   -2.904  29.288  1.00 37.58  ? 56  ILE A N   1 
ATOM   237  C CA  . ILE A 1 60  ? 4.087   -1.670  29.831  1.00 37.01  ? 56  ILE A CA  1 
ATOM   238  C C   . ILE A 1 60  ? 3.026   -0.795  30.441  1.00 32.03  ? 56  ILE A C   1 
ATOM   239  O O   . ILE A 1 60  ? 1.844   -1.045  30.223  1.00 35.47  ? 56  ILE A O   1 
ATOM   240  C CB  . ILE A 1 60  ? 4.759   -0.819  28.709  1.00 37.24  ? 56  ILE A CB  1 
ATOM   241  C CG1 . ILE A 1 60  ? 3.734   -0.438  27.610  1.00 34.22  ? 56  ILE A CG1 1 
ATOM   242  C CG2 . ILE A 1 60  ? 6.073   -1.433  28.261  1.00 36.65  ? 56  ILE A CG2 1 
ATOM   243  C CD1 . ILE A 1 60  ? 4.340   0.347   26.466  1.00 39.33  ? 56  ILE A CD1 1 
ATOM   244  N N   . SER A 1 61  ? 3.395   0.297   31.140  1.00 36.87  ? 57  SER A N   1 
ATOM   245  C CA  . SER A 1 61  ? 2.359   1.294   31.652  1.00 29.19  ? 57  SER A CA  1 
ATOM   246  C C   . SER A 1 61  ? 1.933   2.300   30.633  1.00 30.39  ? 57  SER A C   1 
ATOM   247  O O   . SER A 1 61  ? 2.566   2.545   29.613  1.00 34.82  ? 57  SER A O   1 
ATOM   248  C CB  . SER A 1 61  ? 2.911   2.068   32.895  1.00 30.47  ? 57  SER A CB  1 
ATOM   249  O OG  . SER A 1 61  ? 4.029   2.813   32.463  1.00 25.03  ? 57  SER A OG  1 
ATOM   250  N N   . ARG A 1 62  ? 0.854   2.961   30.917  1.00 31.13  ? 58  ARG A N   1 
ATOM   251  C CA  . ARG A 1 62  ? 0.495   4.052   30.110  1.00 33.13  ? 58  ARG A CA  1 
ATOM   252  C C   . ARG A 1 62  ? 1.551   5.171   29.976  1.00 37.25  ? 58  ARG A C   1 
ATOM   253  O O   . ARG A 1 62  ? 1.787   5.622   28.835  1.00 36.03  ? 58  ARG A O   1 
ATOM   254  C CB  . ARG A 1 62  ? -0.914  4.520   30.512  1.00 38.08  ? 58  ARG A CB  1 
ATOM   255  C CG  . ARG A 1 62  ? -1.417  5.792   29.891  1.00 49.45  ? 58  ARG A CG  1 
ATOM   256  C CD  . ARG A 1 62  ? -2.637  6.366   30.627  1.00 58.44  ? 58  ARG A CD  1 
ATOM   257  N NE  . ARG A 1 62  ? -3.080  7.568   29.914  1.00 73.15  ? 58  ARG A NE  1 
ATOM   258  C CZ  . ARG A 1 62  ? -3.902  7.568   28.856  1.00 76.55  ? 58  ARG A CZ  1 
ATOM   259  N NH1 . ARG A 1 62  ? -4.421  6.430   28.403  1.00 80.57  ? 58  ARG A NH1 1 
ATOM   260  N NH2 . ARG A 1 62  ? -4.232  8.711   28.258  1.00 71.73  ? 58  ARG A NH2 1 
ATOM   261  N N   . PRO A 1 63  ? 2.190   5.670   31.110  1.00 32.80  ? 59  PRO A N   1 
ATOM   262  C CA  . PRO A 1 63  ? 3.202   6.723   30.820  1.00 31.70  ? 59  PRO A CA  1 
ATOM   263  C C   . PRO A 1 63  ? 4.403   6.142   30.053  1.00 28.76  ? 59  PRO A C   1 
ATOM   264  O O   . PRO A 1 63  ? 5.093   6.872   29.317  1.00 31.12  ? 59  PRO A O   1 
ATOM   265  C CB  . PRO A 1 63  ? 3.669   7.238   32.255  1.00 29.63  ? 59  PRO A CB  1 
ATOM   266  C CG  . PRO A 1 63  ? 3.060   6.232   33.233  1.00 27.78  ? 59  PRO A CG  1 
ATOM   267  C CD  . PRO A 1 63  ? 1.806   5.653   32.545  1.00 29.83  ? 59  PRO A CD  1 
ATOM   268  N N   . THR A 1 64  ? 4.656   4.847   30.184  1.00 27.14  ? 60  THR A N   1 
ATOM   269  C CA  . THR A 1 64  ? 5.820   4.310   29.472  1.00 28.50  ? 60  THR A CA  1 
ATOM   270  C C   . THR A 1 64  ? 5.484   4.279   27.945  1.00 31.28  ? 60  THR A C   1 
ATOM   271  O O   . THR A 1 64  ? 6.385   4.521   27.088  1.00 31.30  ? 60  THR A O   1 
ATOM   272  C CB  . THR A 1 64  ? 6.275   2.920   29.997  1.00 30.86  ? 60  THR A CB  1 
ATOM   273  O OG1 . THR A 1 64  ? 6.905   3.038   31.294  1.00 30.91  ? 60  THR A OG1 1 
ATOM   274  C CG2 . THR A 1 64  ? 7.342   2.282   29.002  1.00 29.61  ? 60  THR A CG2 1 
ATOM   275  N N   . PHE A 1 65  ? 4.206   4.025   27.625  1.00 29.65  ? 61  PHE A N   1 
ATOM   276  C CA  . PHE A 1 65  ? 3.707   4.153   26.215  1.00 35.23  ? 61  PHE A CA  1 
ATOM   277  C C   . PHE A 1 65  ? 4.124   5.519   25.587  1.00 42.50  ? 61  PHE A C   1 
ATOM   278  O O   . PHE A 1 65  ? 4.792   5.581   24.531  1.00 36.48  ? 61  PHE A O   1 
ATOM   279  C CB  . PHE A 1 65  ? 2.177   3.962   26.131  1.00 31.09  ? 61  PHE A CB  1 
ATOM   280  C CG  . PHE A 1 65  ? 1.604   4.271   24.757  1.00 37.61  ? 61  PHE A CG  1 
ATOM   281  C CD1 . PHE A 1 65  ? 1.555   3.285   23.766  1.00 36.15  ? 61  PHE A CD1 1 
ATOM   282  C CD2 . PHE A 1 65  ? 1.183   5.596   24.408  1.00 42.65  ? 61  PHE A CD2 1 
ATOM   283  C CE1 . PHE A 1 65  ? 1.082   3.584   22.481  1.00 34.60  ? 61  PHE A CE1 1 
ATOM   284  C CE2 . PHE A 1 65  ? 0.724   5.898   23.109  1.00 43.26  ? 61  PHE A CE2 1 
ATOM   285  C CZ  . PHE A 1 65  ? 0.652   4.873   22.156  1.00 36.00  ? 61  PHE A CZ  1 
ATOM   286  N N   . TYR A 1 66  ? 3.747   6.602   26.282  1.00 40.87  ? 62  TYR A N   1 
ATOM   287  C CA  . TYR A 1 66  ? 3.982   7.951   25.822  1.00 38.69  ? 62  TYR A CA  1 
ATOM   288  C C   . TYR A 1 66  ? 5.381   8.337   25.657  1.00 39.00  ? 62  TYR A C   1 
ATOM   289  O O   . TYR A 1 66  ? 5.663   9.385   25.046  1.00 48.56  ? 62  TYR A O   1 
ATOM   290  C CB  . TYR A 1 66  ? 3.357   8.924   26.747  1.00 40.14  ? 62  TYR A CB  1 
ATOM   291  C CG  . TYR A 1 66  ? 1.889   8.951   26.587  1.00 44.52  ? 62  TYR A CG  1 
ATOM   292  C CD1 . TYR A 1 66  ? 1.323   9.400   25.399  1.00 40.39  ? 62  TYR A CD1 1 
ATOM   293  C CD2 . TYR A 1 66  ? 1.049   8.567   27.624  1.00 46.78  ? 62  TYR A CD2 1 
ATOM   294  C CE1 . TYR A 1 66  ? -0.047  9.467   25.241  1.00 43.06  ? 62  TYR A CE1 1 
ATOM   295  C CE2 . TYR A 1 66  ? -0.333  8.626   27.462  1.00 50.09  ? 62  TYR A CE2 1 
ATOM   296  C CZ  . TYR A 1 66  ? -0.857  9.082   26.260  1.00 45.94  ? 62  TYR A CZ  1 
ATOM   297  O OH  . TYR A 1 66  ? -2.216  9.140   26.078  1.00 53.61  ? 62  TYR A OH  1 
ATOM   298  N N   . PHE A 1 67  ? 6.276   7.519   26.193  1.00 37.30  ? 63  PHE A N   1 
ATOM   299  C CA  . PHE A 1 67  ? 7.665   7.693   25.949  1.00 38.72  ? 63  PHE A CA  1 
ATOM   300  C C   . PHE A 1 67  ? 7.950   7.323   24.519  1.00 47.46  ? 63  PHE A C   1 
ATOM   301  O O   . PHE A 1 67  ? 8.836   7.922   23.919  1.00 48.42  ? 63  PHE A O   1 
ATOM   302  C CB  . PHE A 1 67  ? 8.543   6.807   26.840  1.00 44.40  ? 63  PHE A CB  1 
ATOM   303  C CG  . PHE A 1 67  ? 10.042  6.988   26.629  1.00 43.59  ? 63  PHE A CG  1 
ATOM   304  C CD1 . PHE A 1 67  ? 10.732  8.123   27.150  1.00 50.36  ? 63  PHE A CD1 1 
ATOM   305  C CD2 . PHE A 1 67  ? 10.798  6.018   25.957  1.00 44.44  ? 63  PHE A CD2 1 
ATOM   306  C CE1 . PHE A 1 67  ? 12.124  8.281   26.947  1.00 46.68  ? 63  PHE A CE1 1 
ATOM   307  C CE2 . PHE A 1 67  ? 12.191  6.163   25.783  1.00 44.70  ? 63  PHE A CE2 1 
ATOM   308  C CZ  . PHE A 1 67  ? 12.849  7.285   26.270  1.00 43.52  ? 63  PHE A CZ  1 
ATOM   309  N N   . TYR A 1 68  ? 7.277   6.289   24.006  1.00 46.34  ? 64  TYR A N   1 
ATOM   310  C CA  . TYR A 1 68  ? 7.616   5.748   22.663  1.00 45.56  ? 64  TYR A CA  1 
ATOM   311  C C   . TYR A 1 68  ? 6.794   6.364   21.570  1.00 38.84  ? 64  TYR A C   1 
ATOM   312  O O   . TYR A 1 68  ? 7.271   6.436   20.459  1.00 49.39  ? 64  TYR A O   1 
ATOM   313  C CB  . TYR A 1 68  ? 7.440   4.227   22.593  1.00 44.90  ? 64  TYR A CB  1 
ATOM   314  C CG  . TYR A 1 68  ? 8.445   3.477   23.412  1.00 43.43  ? 64  TYR A CG  1 
ATOM   315  C CD1 . TYR A 1 68  ? 9.725   3.294   22.931  1.00 46.72  ? 64  TYR A CD1 1 
ATOM   316  C CD2 . TYR A 1 68  ? 8.121   2.962   24.677  1.00 35.97  ? 64  TYR A CD2 1 
ATOM   317  C CE1 . TYR A 1 68  ? 10.667  2.615   23.664  1.00 44.86  ? 64  TYR A CE1 1 
ATOM   318  C CE2 . TYR A 1 68  ? 9.073   2.289   25.435  1.00 40.60  ? 64  TYR A CE2 1 
ATOM   319  C CZ  . TYR A 1 68  ? 10.341  2.129   24.903  1.00 45.12  ? 64  TYR A CZ  1 
ATOM   320  O OH  . TYR A 1 68  ? 11.318  1.471   25.567  1.00 53.90  ? 64  TYR A OH  1 
ATOM   321  N N   . PHE A 1 69  ? 5.575   6.796   21.883  1.00 39.65  ? 65  PHE A N   1 
ATOM   322  C CA  . PHE A 1 69  ? 4.650   7.340   20.928  1.00 43.60  ? 65  PHE A CA  1 
ATOM   323  C C   . PHE A 1 69  ? 3.908   8.470   21.545  1.00 48.83  ? 65  PHE A C   1 
ATOM   324  O O   . PHE A 1 69  ? 3.379   8.321   22.667  1.00 52.12  ? 65  PHE A O   1 
ATOM   325  C CB  . PHE A 1 69  ? 3.618   6.283   20.416  1.00 36.95  ? 65  PHE A CB  1 
ATOM   326  C CG  . PHE A 1 69  ? 4.255   5.270   19.554  1.00 38.14  ? 65  PHE A CG  1 
ATOM   327  C CD1 . PHE A 1 69  ? 4.521   5.548   18.183  1.00 37.66  ? 65  PHE A CD1 1 
ATOM   328  C CD2 . PHE A 1 69  ? 4.695   4.081   20.087  1.00 37.02  ? 65  PHE A CD2 1 
ATOM   329  C CE1 . PHE A 1 69  ? 5.170   4.601   17.408  1.00 36.20  ? 65  PHE A CE1 1 
ATOM   330  C CE2 . PHE A 1 69  ? 5.344   3.116   19.295  1.00 37.96  ? 65  PHE A CE2 1 
ATOM   331  C CZ  . PHE A 1 69  ? 5.594   3.374   17.961  1.00 39.98  ? 65  PHE A CZ  1 
ATOM   332  N N   . PRO A 1 70  ? 3.830   9.595   20.809  1.00 48.28  ? 66  PRO A N   1 
ATOM   333  C CA  . PRO A 1 70  ? 3.035   10.680  21.322  1.00 41.88  ? 66  PRO A CA  1 
ATOM   334  C C   . PRO A 1 70  ? 1.580   10.395  21.375  1.00 48.26  ? 66  PRO A C   1 
ATOM   335  O O   . PRO A 1 70  ? 0.933   11.113  22.072  1.00 44.18  ? 66  PRO A O   1 
ATOM   336  C CB  . PRO A 1 70  ? 3.300   11.824  20.336  1.00 49.36  ? 66  PRO A CB  1 
ATOM   337  C CG  . PRO A 1 70  ? 4.182   11.268  19.255  1.00 51.56  ? 66  PRO A CG  1 
ATOM   338  C CD  . PRO A 1 70  ? 4.826   10.048  19.806  1.00 49.22  ? 66  PRO A CD  1 
ATOM   339  N N   . SER A 1 71  ? 1.038   9.398   20.649  1.00 45.88  ? 67  SER A N   1 
ATOM   340  C CA  . SER A 1 71  ? -0.443  9.152   20.635  1.00 43.14  ? 67  SER A CA  1 
ATOM   341  C C   . SER A 1 71  ? -0.796  7.838   19.892  1.00 40.28  ? 67  SER A C   1 
ATOM   342  O O   . SER A 1 71  ? 0.080   7.263   19.233  1.00 40.93  ? 67  SER A O   1 
ATOM   343  C CB  . SER A 1 71  ? -1.193  10.297  19.964  1.00 49.51  ? 67  SER A CB  1 
ATOM   344  O OG  . SER A 1 71  ? -1.120  10.181  18.548  1.00 51.20  ? 67  SER A OG  1 
ATOM   345  N N   . LYS A 1 72  ? -2.041  7.377   19.978  1.00 41.51  ? 68  LYS A N   1 
ATOM   346  C CA  . LYS A 1 72  ? -2.382  6.130   19.282  1.00 43.56  ? 68  LYS A CA  1 
ATOM   347  C C   . LYS A 1 72  ? -2.299  6.345   17.754  1.00 49.12  ? 68  LYS A C   1 
ATOM   348  O O   . LYS A 1 72  ? -1.970  5.411   16.998  1.00 44.08  ? 68  LYS A O   1 
ATOM   349  C CB  . LYS A 1 72  ? -3.715  5.573   19.713  1.00 39.72  ? 68  LYS A CB  1 
ATOM   350  C CG  . LYS A 1 72  ? -4.908  6.424   19.326  1.00 51.16  ? 68  LYS A CG  1 
ATOM   351  C CD  . LYS A 1 72  ? -6.196  5.844   19.903  1.00 45.04  ? 68  LYS A CD  1 
ATOM   352  C CE  . LYS A 1 72  ? -7.418  6.632   19.430  1.00 52.49  ? 68  LYS A CE  1 
ATOM   353  N NZ  . LYS A 1 72  ? -8.684  6.113   20.048  1.00 47.83  ? 68  LYS A NZ  1 
ATOM   354  N N   . GLU A 1 73  ? -2.501  7.600   17.346  1.00 46.24  ? 69  GLU A N   1 
ATOM   355  C CA  . GLU A 1 73  ? -2.504  7.968   15.949  1.00 47.46  ? 69  GLU A CA  1 
ATOM   356  C C   . GLU A 1 73  ? -1.133  7.916   15.441  1.00 44.74  ? 69  GLU A C   1 
ATOM   357  O O   . GLU A 1 73  ? -0.957  7.536   14.293  1.00 39.05  ? 69  GLU A O   1 
ATOM   358  C CB  . GLU A 1 73  ? -3.127  9.343   15.682  1.00 49.43  ? 69  GLU A CB  1 
ATOM   359  C CG  . GLU A 1 73  ? -4.654  9.348   15.904  1.00 51.51  ? 69  GLU A CG  1 
ATOM   360  C CD  . GLU A 1 73  ? -5.083  9.642   17.365  1.00 57.88  ? 69  GLU A CD  1 
ATOM   361  O OE1 . GLU A 1 73  ? -4.220  9.848   18.274  1.00 55.79  ? 69  GLU A OE1 1 
ATOM   362  O OE2 . GLU A 1 73  ? -6.312  9.661   17.605  1.00 56.85  ? 69  GLU A OE2 1 
ATOM   363  N N   . ALA A 1 74  ? -0.129  8.241   16.263  1.00 40.07  ? 70  ALA A N   1 
ATOM   364  C CA  . ALA A 1 74  ? 1.267   8.131   15.756  1.00 34.29  ? 70  ALA A CA  1 
ATOM   365  C C   . ALA A 1 74  ? 1.650   6.675   15.674  1.00 30.55  ? 70  ALA A C   1 
ATOM   366  O O   . ALA A 1 74  ? 2.622   6.343   14.975  1.00 33.32  ? 70  ALA A O   1 
ATOM   367  C CB  . ALA A 1 74  ? 2.297   8.888   16.639  1.00 37.84  ? 70  ALA A CB  1 
ATOM   368  N N   . VAL A 1 75  ? 0.976   5.803   16.467  1.00 29.95  ? 71  VAL A N   1 
ATOM   369  C CA  . VAL A 1 75  ? 1.240   4.343   16.349  1.00 28.85  ? 71  VAL A CA  1 
ATOM   370  C C   . VAL A 1 75  ? 0.761   3.863   14.926  1.00 28.76  ? 71  VAL A C   1 
ATOM   371  O O   . VAL A 1 75  ? 1.502   3.157   14.246  1.00 30.43  ? 71  VAL A O   1 
ATOM   372  C CB  . VAL A 1 75  ? 0.598   3.496   17.464  1.00 30.62  ? 71  VAL A CB  1 
ATOM   373  C CG1 . VAL A 1 75  ? 0.742   1.977   17.177  1.00 29.05  ? 71  VAL A CG1 1 
ATOM   374  C CG2 . VAL A 1 75  ? 1.267   3.835   18.863  1.00 27.18  ? 71  VAL A CG2 1 
ATOM   375  N N   . LEU A 1 76  ? -0.460  4.230   14.546  1.00 32.53  ? 72  LEU A N   1 
ATOM   376  C CA  . LEU A 1 76  ? -1.021  3.923   13.169  1.00 35.06  ? 72  LEU A CA  1 
ATOM   377  C C   . LEU A 1 76  ? -0.126  4.474   12.084  1.00 34.48  ? 72  LEU A C   1 
ATOM   378  O O   . LEU A 1 76  ? 0.242   3.766   11.139  1.00 41.95  ? 72  LEU A O   1 
ATOM   379  C CB  . LEU A 1 76  ? -2.396  4.521   12.980  1.00 35.57  ? 72  LEU A CB  1 
ATOM   380  C CG  . LEU A 1 76  ? -3.023  4.360   11.568  1.00 36.31  ? 72  LEU A CG  1 
ATOM   381  C CD1 . LEU A 1 76  ? -2.993  2.902   11.121  1.00 32.90  ? 72  LEU A CD1 1 
ATOM   382  C CD2 . LEU A 1 76  ? -4.458  4.881   11.557  1.00 39.75  ? 72  LEU A CD2 1 
ATOM   383  N N   . LEU A 1 77  ? 0.271   5.740   12.231  1.00 34.80  ? 73  LEU A N   1 
ATOM   384  C CA  . LEU A 1 77  ? 1.177   6.334   11.279  1.00 32.19  ? 73  LEU A CA  1 
ATOM   385  C C   . LEU A 1 77  ? 2.429   5.518   11.119  1.00 32.67  ? 73  LEU A C   1 
ATOM   386  O O   . LEU A 1 77  ? 2.890   5.305   9.977   1.00 29.38  ? 73  LEU A O   1 
ATOM   387  C CB  . LEU A 1 77  ? 1.531   7.791   11.672  1.00 35.24  ? 73  LEU A CB  1 
ATOM   388  C CG  . LEU A 1 77  ? 2.524   8.530   10.769  1.00 35.73  ? 73  LEU A CG  1 
ATOM   389  C CD1 . LEU A 1 77  ? 1.925   8.688   9.343   1.00 32.33  ? 73  LEU A CD1 1 
ATOM   390  C CD2 . LEU A 1 77  ? 3.030   9.836   11.411  1.00 38.38  ? 73  LEU A CD2 1 
ATOM   391  N N   . THR A 1 78  ? 3.037   5.058   12.220  1.00 27.85  ? 74  THR A N   1 
ATOM   392  C CA  . THR A 1 78  ? 4.253   4.248   12.062  1.00 26.21  ? 74  THR A CA  1 
ATOM   393  C C   . THR A 1 78  ? 4.012   2.905   11.394  1.00 27.29  ? 74  THR A C   1 
ATOM   394  O O   . THR A 1 78  ? 4.864   2.428   10.638  1.00 30.48  ? 74  THR A O   1 
ATOM   395  C CB  . THR A 1 78  ? 4.903   3.933   13.452  1.00 32.78  ? 74  THR A CB  1 
ATOM   396  O OG1 . THR A 1 78  ? 5.125   5.168   14.120  1.00 36.49  ? 74  THR A OG1 1 
ATOM   397  C CG2 . THR A 1 78  ? 6.159   3.210   13.318  1.00 29.91  ? 74  THR A CG2 1 
ATOM   398  N N   . LEU A 1 79  ? 2.891   2.255   11.743  1.00 27.29  ? 75  LEU A N   1 
ATOM   399  C CA  . LEU A 1 79  ? 2.573   0.904   11.155  1.00 30.55  ? 75  LEU A CA  1 
ATOM   400  C C   . LEU A 1 79  ? 2.414   1.116   9.621   1.00 26.70  ? 75  LEU A C   1 
ATOM   401  O O   . LEU A 1 79  ? 2.960   0.368   8.830   1.00 27.08  ? 75  LEU A O   1 
ATOM   402  C CB  . LEU A 1 79  ? 1.273   0.418   11.676  1.00 28.77  ? 75  LEU A CB  1 
ATOM   403  C CG  . LEU A 1 79  ? 1.327   -0.158  13.083  1.00 31.85  ? 75  LEU A CG  1 
ATOM   404  C CD1 . LEU A 1 79  ? -0.119  -0.224  13.603  1.00 32.52  ? 75  LEU A CD1 1 
ATOM   405  C CD2 . LEU A 1 79  ? 2.080   -1.481  13.062  1.00 31.43  ? 75  LEU A CD2 1 
ATOM   406  N N   . LEU A 1 80  ? 1.693   2.179   9.252   1.00 27.87  ? 76  LEU A N   1 
ATOM   407  C CA  . LEU A 1 80  ? 1.432   2.446   7.806   1.00 30.21  ? 76  LEU A CA  1 
ATOM   408  C C   . LEU A 1 80  ? 2.757   2.754   7.155   1.00 32.46  ? 76  LEU A C   1 
ATOM   409  O O   . LEU A 1 80  ? 3.099   2.187   6.121   1.00 31.40  ? 76  LEU A O   1 
ATOM   410  C CB  . LEU A 1 80  ? 0.431   3.588   7.671   1.00 32.43  ? 76  LEU A CB  1 
ATOM   411  C CG  . LEU A 1 80  ? 0.072   3.939   6.222   1.00 39.73  ? 76  LEU A CG  1 
ATOM   412  C CD1 . LEU A 1 80  ? -0.608  2.717   5.587   1.00 38.88  ? 76  LEU A CD1 1 
ATOM   413  C CD2 . LEU A 1 80  ? -0.889  5.113   6.291   1.00 37.61  ? 76  LEU A CD2 1 
ATOM   414  N N   . ASP A 1 81  ? 3.588   3.577   7.811   1.00 33.63  ? 77  ASP A N   1 
ATOM   415  C CA  . ASP A 1 81  ? 4.901   3.869   7.276   1.00 30.72  ? 77  ASP A CA  1 
ATOM   416  C C   . ASP A 1 81  ? 5.691   2.591   7.055   1.00 31.27  ? 77  ASP A C   1 
ATOM   417  O O   . ASP A 1 81  ? 6.433   2.459   6.069   1.00 30.27  ? 77  ASP A O   1 
ATOM   418  C CB  . ASP A 1 81  ? 5.682   4.798   8.257   1.00 40.16  ? 77  ASP A CB  1 
ATOM   419  C CG  . ASP A 1 81  ? 6.951   5.373   7.635   1.00 49.46  ? 77  ASP A CG  1 
ATOM   420  O OD1 . ASP A 1 81  ? 6.912   6.495   7.103   1.00 50.39  ? 77  ASP A OD1 1 
ATOM   421  O OD2 . ASP A 1 81  ? 7.990   4.687   7.628   1.00 59.11  ? 77  ASP A OD2 1 
ATOM   422  N N   . ARG A 1 82  ? 5.616   1.649   7.987   1.00 30.21  ? 78  ARG A N   1 
ATOM   423  C CA  . ARG A 1 82  ? 6.390   0.437   7.785   1.00 29.65  ? 78  ARG A CA  1 
ATOM   424  C C   . ARG A 1 82  ? 5.840   -0.386  6.622   1.00 30.17  ? 78  ARG A C   1 
ATOM   425  O O   . ARG A 1 82  ? 6.616   -1.024  5.887   1.00 29.79  ? 78  ARG A O   1 
ATOM   426  C CB  . ARG A 1 82  ? 6.358   -0.419  9.057   1.00 36.04  ? 78  ARG A CB  1 
ATOM   427  C CG  . ARG A 1 82  ? 6.956   0.378   10.247  1.00 41.01  ? 78  ARG A CG  1 
ATOM   428  C CD  . ARG A 1 82  ? 6.676   -0.234  11.632  1.00 40.35  ? 78  ARG A CD  1 
ATOM   429  N NE  . ARG A 1 82  ? 6.840   -1.685  11.630  1.00 42.73  ? 78  ARG A NE  1 
ATOM   430  C CZ  . ARG A 1 82  ? 8.012   -2.275  11.766  1.00 49.68  ? 78  ARG A CZ  1 
ATOM   431  N NH1 . ARG A 1 82  ? 9.091   -1.536  11.921  1.00 50.58  ? 78  ARG A NH1 1 
ATOM   432  N NH2 . ARG A 1 82  ? 8.100   -3.588  11.769  1.00 53.18  ? 78  ARG A NH2 1 
ATOM   433  N N   . VAL A 1 83  ? 4.506   -0.429  6.485   1.00 28.06  ? 79  VAL A N   1 
ATOM   434  C CA  . VAL A 1 83  ? 3.883   -1.261  5.393   1.00 28.67  ? 79  VAL A CA  1 
ATOM   435  C C   . VAL A 1 83  ? 4.276   -0.649  4.006   1.00 28.64  ? 79  VAL A C   1 
ATOM   436  O O   . VAL A 1 83  ? 4.768   -1.334  3.094   1.00 30.41  ? 79  VAL A O   1 
ATOM   437  C CB  . VAL A 1 83  ? 2.340   -1.435  5.579   1.00 28.98  ? 79  VAL A CB  1 
ATOM   438  C CG1 . VAL A 1 83  ? 1.798   -2.264  4.410   1.00 28.96  ? 79  VAL A CG1 1 
ATOM   439  C CG2 . VAL A 1 83  ? 2.076   -2.250  6.826   1.00 26.78  ? 79  VAL A CG2 1 
ATOM   440  N N   . VAL A 1 84  ? 4.206   0.683   3.918   1.00 27.42  ? 80  VAL A N   1 
ATOM   441  C CA  . VAL A 1 84  ? 4.506   1.414   2.674   1.00 27.50  ? 80  VAL A CA  1 
ATOM   442  C C   . VAL A 1 84  ? 5.972   1.277   2.281   1.00 27.51  ? 80  VAL A C   1 
ATOM   443  O O   . VAL A 1 84  ? 6.334   1.037   1.124   1.00 26.60  ? 80  VAL A O   1 
ATOM   444  C CB  . VAL A 1 84  ? 4.080   2.863   2.952   1.00 29.51  ? 80  VAL A CB  1 
ATOM   445  C CG1 . VAL A 1 84  ? 4.807   3.811   2.073   1.00 31.15  ? 80  VAL A CG1 1 
ATOM   446  C CG2 . VAL A 1 84  ? 2.580   2.949   2.846   1.00 27.60  ? 80  VAL A CG2 1 
ATOM   447  N N   . ASN A 1 85  ? 6.848   1.346   3.292   1.00 28.81  ? 81  ASN A N   1 
ATOM   448  C CA  . ASN A 1 85  ? 8.266   1.108   3.038   1.00 29.43  ? 81  ASN A CA  1 
ATOM   449  C C   . ASN A 1 85  ? 8.614   -0.330  2.681   1.00 28.35  ? 81  ASN A C   1 
ATOM   450  O O   . ASN A 1 85  ? 9.477   -0.555  1.765   1.00 30.66  ? 81  ASN A O   1 
ATOM   451  C CB  . ASN A 1 85  ? 9.148   1.676   4.175   1.00 36.23  ? 81  ASN A CB  1 
ATOM   452  C CG  . ASN A 1 85  ? 9.324   3.183   4.028   1.00 39.06  ? 81  ASN A CG  1 
ATOM   453  O OD1 . ASN A 1 85  ? 10.138  3.627   3.202   1.00 43.36  ? 81  ASN A OD1 1 
ATOM   454  N ND2 . ASN A 1 85  ? 8.487   3.974   4.728   1.00 36.95  ? 81  ASN A ND2 1 
ATOM   455  N N   . GLN A 1 86  ? 7.891   -1.273  3.268   1.00 27.76  ? 82  GLN A N   1 
ATOM   456  C CA  . GLN A 1 86  ? 8.052   -2.676  2.836   1.00 30.71  ? 82  GLN A CA  1 
ATOM   457  C C   . GLN A 1 86  ? 7.658   -2.875  1.347   1.00 28.44  ? 82  GLN A C   1 
ATOM   458  O O   . GLN A 1 86  ? 8.380   -3.482  0.561   1.00 24.09  ? 82  GLN A O   1 
ATOM   459  C CB  . GLN A 1 86  ? 7.212   -3.567  3.734   1.00 32.37  ? 82  GLN A CB  1 
ATOM   460  C CG  . GLN A 1 86  ? 7.326   -5.040  3.382   1.00 43.95  ? 82  GLN A CG  1 
ATOM   461  C CD  . GLN A 1 86  ? 6.475   -5.914  4.298   1.00 52.36  ? 82  GLN A CD  1 
ATOM   462  O OE1 . GLN A 1 86  ? 6.155   -5.530  5.433   1.00 56.17  ? 82  GLN A OE1 1 
ATOM   463  N NE2 . GLN A 1 86  ? 6.103   -7.091  3.804   1.00 50.02  ? 82  GLN A NE2 1 
ATOM   464  N N   . ALA A 1 87  ? 6.521   -2.320  0.921   1.00 25.79  ? 83  ALA A N   1 
ATOM   465  C CA  . ALA A 1 87  ? 6.140   -2.378  -0.528  1.00 22.69  ? 83  ALA A CA  1 
ATOM   466  C C   . ALA A 1 87  ? 7.205   -1.691  -1.364  1.00 21.83  ? 83  ALA A C   1 
ATOM   467  O O   . ALA A 1 87  ? 7.663   -2.202  -2.382  1.00 24.02  ? 83  ALA A O   1 
ATOM   468  C CB  . ALA A 1 87  ? 4.771   -1.604  -0.719  1.00 22.44  ? 83  ALA A CB  1 
ATOM   469  N N   . ASP A 1 88  ? 7.614   -0.508  -0.944  1.00 24.58  ? 84  ASP A N   1 
ATOM   470  C CA  . ASP A 1 88  ? 8.613   0.249   -1.727  1.00 24.48  ? 84  ASP A CA  1 
ATOM   471  C C   . ASP A 1 88  ? 9.934   -0.503  -1.890  1.00 27.57  ? 84  ASP A C   1 
ATOM   472  O O   . ASP A 1 88  ? 10.516  -0.564  -2.971  1.00 27.71  ? 84  ASP A O   1 
ATOM   473  C CB  . ASP A 1 88  ? 8.906   1.601   -1.050  1.00 27.30  ? 84  ASP A CB  1 
ATOM   474  C CG  . ASP A 1 88  ? 9.569   2.566   -1.999  1.00 35.10  ? 84  ASP A CG  1 
ATOM   475  O OD1 . ASP A 1 88  ? 9.139   2.808   -3.161  1.00 35.14  ? 84  ASP A OD1 1 
ATOM   476  O OD2 . ASP A 1 88  ? 10.630  3.026   -1.642  1.00 35.48  ? 84  ASP A OD2 1 
ATOM   477  N N   . MET A 1 89  ? 10.427  -1.056  -0.796  1.00 32.00  ? 85  MET A N   1 
ATOM   478  C CA  . MET A 1 89  ? 11.623  -1.902  -0.878  1.00 36.01  ? 85  MET A CA  1 
ATOM   479  C C   . MET A 1 89  ? 11.441  -3.110  -1.763  1.00 32.08  ? 85  MET A C   1 
ATOM   480  O O   . MET A 1 89  ? 12.317  -3.459  -2.500  1.00 33.45  ? 85  MET A O   1 
ATOM   481  C CB  . MET A 1 89  ? 12.007  -2.346  0.540   1.00 43.02  ? 85  MET A CB  1 
ATOM   482  C CG  . MET A 1 89  ? 13.310  -1.776  0.999   1.00 56.49  ? 85  MET A CG  1 
ATOM   483  S SD  . MET A 1 89  ? 13.194  -1.292  2.722   1.00 68.21  ? 85  MET A SD  1 
ATOM   484  C CE  . MET A 1 89  ? 14.332  0.090   2.457   1.00 57.79  ? 85  MET A CE  1 
ATOM   485  N N   . ALA A 1 90  ? 10.302  -3.805  -1.694  1.00 32.11  ? 86  ALA A N   1 
ATOM   486  C CA  . ALA A 1 90  ? 10.146  -4.942  -2.577  1.00 28.75  ? 86  ALA A CA  1 
ATOM   487  C C   . ALA A 1 90  ? 10.130  -4.479  -4.023  1.00 29.02  ? 86  ALA A C   1 
ATOM   488  O O   . ALA A 1 90  ? 10.591  -5.173  -4.979  1.00 29.16  ? 86  ALA A O   1 
ATOM   489  C CB  . ALA A 1 90  ? 8.859   -5.703  -2.244  1.00 27.58  ? 86  ALA A CB  1 
ATOM   490  N N   . LEU A 1 91  ? 9.544   -3.320  -4.256  1.00 29.99  ? 87  LEU A N   1 
ATOM   491  C CA  . LEU A 1 91  ? 9.505   -2.819  -5.656  1.00 31.07  ? 87  LEU A CA  1 
ATOM   492  C C   . LEU A 1 91  ? 10.930  -2.464  -6.212  1.00 31.65  ? 87  LEU A C   1 
ATOM   493  O O   . LEU A 1 91  ? 11.271  -2.746  -7.394  1.00 33.20  ? 87  LEU A O   1 
ATOM   494  C CB  . LEU A 1 91  ? 8.548   -1.609  -5.722  1.00 34.64  ? 87  LEU A CB  1 
ATOM   495  C CG  . LEU A 1 91  ? 8.400   -0.939  -7.082  1.00 39.94  ? 87  LEU A CG  1 
ATOM   496  C CD1 . LEU A 1 91  ? 8.070   -1.963  -8.145  1.00 40.28  ? 87  LEU A CD1 1 
ATOM   497  C CD2 . LEU A 1 91  ? 7.290   0.122   -7.055  1.00 37.89  ? 87  LEU A CD2 1 
ATOM   498  N N   . GLN A 1 92  ? 11.694  -1.782  -5.362  1.00 31.56  ? 88  GLN A N   1 
ATOM   499  C CA  . GLN A 1 92  ? 13.120  -1.496  -5.568  1.00 38.79  ? 88  GLN A CA  1 
ATOM   500  C C   . GLN A 1 92  ? 13.865  -2.832  -5.955  1.00 40.68  ? 88  GLN A C   1 
ATOM   501  O O   . GLN A 1 92  ? 14.569  -2.895  -6.961  1.00 39.65  ? 88  GLN A O   1 
ATOM   502  C CB  . GLN A 1 92  ? 13.656  -0.864  -4.253  1.00 40.15  ? 88  GLN A CB  1 
ATOM   503  C CG  . GLN A 1 92  ? 14.980  -0.134  -4.267  1.00 52.96  ? 88  GLN A CG  1 
ATOM   504  C CD  . GLN A 1 92  ? 15.187  0.590   -5.571  1.00 69.14  ? 88  GLN A CD  1 
ATOM   505  O OE1 . GLN A 1 92  ? 14.532  1.600   -5.839  1.00 77.37  ? 88  GLN A OE1 1 
ATOM   506  N NE2 . GLN A 1 92  ? 16.070  0.050   -6.425  1.00 72.66  ? 88  GLN A NE2 1 
ATOM   507  N N   . THR A 1 93  ? 13.658  -3.913  -5.185  1.00 38.92  ? 89  THR A N   1 
ATOM   508  C CA  . THR A 1 93  ? 14.255  -5.232  -5.516  1.00 37.39  ? 89  THR A CA  1 
ATOM   509  C C   . THR A 1 93  ? 13.867  -5.749  -6.868  1.00 44.49  ? 89  THR A C   1 
ATOM   510  O O   . THR A 1 93  ? 14.736  -6.226  -7.631  1.00 40.82  ? 89  THR A O   1 
ATOM   511  C CB  . THR A 1 93  ? 13.814  -6.261  -4.497  1.00 41.69  ? 89  THR A CB  1 
ATOM   512  O OG1 . THR A 1 93  ? 14.402  -5.885  -3.256  1.00 42.80  ? 89  THR A OG1 1 
ATOM   513  C CG2 . THR A 1 93  ? 14.195  -7.718  -4.892  1.00 44.13  ? 89  THR A CG2 1 
ATOM   514  N N   . LEU A 1 94  ? 12.560  -5.704  -7.155  1.00 38.38  ? 90  LEU A N   1 
ATOM   515  C CA  . LEU A 1 94  ? 12.072  -6.073  -8.467  1.00 38.15  ? 90  LEU A CA  1 
ATOM   516  C C   . LEU A 1 94  ? 12.723  -5.278  -9.541  1.00 39.28  ? 90  LEU A C   1 
ATOM   517  O O   . LEU A 1 94  ? 13.162  -5.876  -10.551 1.00 39.03  ? 90  LEU A O   1 
ATOM   518  C CB  . LEU A 1 94  ? 10.558  -5.878  -8.595  1.00 34.22  ? 90  LEU A CB  1 
ATOM   519  C CG  . LEU A 1 94  ? 9.718   -7.120  -8.559  1.00 42.91  ? 90  LEU A CG  1 
ATOM   520  C CD1 . LEU A 1 94  ? 8.355   -6.734  -9.147  1.00 39.66  ? 90  LEU A CD1 1 
ATOM   521  C CD2 . LEU A 1 94  ? 10.368  -8.272  -9.333  1.00 40.81  ? 90  LEU A CD2 1 
ATOM   522  N N   . ALA A 1 95  ? 12.762  -3.946  -9.357  1.00 42.45  ? 91  ALA A N   1 
ATOM   523  C CA  . ALA A 1 95  ? 13.270  -3.012  -10.384 1.00 46.68  ? 91  ALA A CA  1 
ATOM   524  C C   . ALA A 1 95  ? 14.717  -3.303  -10.687 1.00 50.89  ? 91  ALA A C   1 
ATOM   525  O O   . ALA A 1 95  ? 15.067  -3.348  -11.847 1.00 57.16  ? 91  ALA A O   1 
ATOM   526  C CB  . ALA A 1 95  ? 13.123  -1.543  -9.972  1.00 44.69  ? 91  ALA A CB  1 
ATOM   527  N N   . GLU A 1 96  ? 15.557  -3.506  -9.668  1.00 51.87  ? 92  GLU A N   1 
ATOM   528  C CA  . GLU A 1 96  ? 16.994  -3.812  -9.935  1.00 59.14  ? 92  GLU A CA  1 
ATOM   529  C C   . GLU A 1 96  ? 17.258  -5.134  -10.657 1.00 61.81  ? 92  GLU A C   1 
ATOM   530  O O   . GLU A 1 96  ? 18.108  -5.194  -11.511 1.00 64.36  ? 92  GLU A O   1 
ATOM   531  C CB  . GLU A 1 96  ? 17.845  -3.735  -8.682  1.00 57.08  ? 92  GLU A CB  1 
ATOM   532  C CG  . GLU A 1 96  ? 17.692  -2.423  -7.947  1.00 56.95  ? 92  GLU A CG  1 
ATOM   533  C CD  . GLU A 1 96  ? 18.110  -2.547  -6.491  1.00 63.05  ? 92  GLU A CD  1 
ATOM   534  O OE1 . GLU A 1 96  ? 18.280  -3.690  -5.991  1.00 62.70  ? 92  GLU A OE1 1 
ATOM   535  O OE2 . GLU A 1 96  ? 18.270  -1.497  -5.839  1.00 66.89  ? 92  GLU A OE2 1 
ATOM   536  N N   . ASN A 1 97  ? 16.512  -6.182  -10.344 1.00 71.00  ? 93  ASN A N   1 
ATOM   537  C CA  . ASN A 1 97  ? 16.705  -7.462  -11.021 1.00 74.67  ? 93  ASN A CA  1 
ATOM   538  C C   . ASN A 1 97  ? 15.403  -7.892  -11.660 1.00 81.13  ? 93  ASN A C   1 
ATOM   539  O O   . ASN A 1 97  ? 14.620  -8.637  -11.025 1.00 70.81  ? 93  ASN A O   1 
ATOM   540  C CB  . ASN A 1 97  ? 17.130  -8.499  -10.011 1.00 74.07  ? 93  ASN A CB  1 
ATOM   541  C CG  . ASN A 1 97  ? 17.504  -7.866  -8.697  1.00 77.77  ? 93  ASN A CG  1 
ATOM   542  O OD1 . ASN A 1 97  ? 18.418  -7.057  -8.633  1.00 88.51  ? 93  ASN A OD1 1 
ATOM   543  N ND2 . ASN A 1 97  ? 16.766  -8.184  -7.656  1.00 71.45  ? 93  ASN A ND2 1 
ATOM   544  N N   . PRO A 1 98  ? 15.157  -7.414  -12.913 1.00 86.64  ? 94  PRO A N   1 
ATOM   545  C CA  . PRO A 1 98  ? 13.967  -7.787  -13.729 1.00 85.47  ? 94  PRO A CA  1 
ATOM   546  C C   . PRO A 1 98  ? 13.622  -9.322  -13.752 1.00 91.20  ? 94  PRO A C   1 
ATOM   547  O O   . PRO A 1 98  ? 14.445  -10.127 -14.219 1.00 88.79  ? 94  PRO A O   1 
ATOM   548  C CB  . PRO A 1 98  ? 14.333  -7.286  -15.159 1.00 74.28  ? 94  PRO A CB  1 
ATOM   549  C CG  . PRO A 1 98  ? 15.750  -6.767  -15.084 1.00 82.27  ? 94  PRO A CG  1 
ATOM   550  C CD  . PRO A 1 98  ? 16.058  -6.486  -13.636 1.00 74.21  ? 94  PRO A CD  1 
ATOM   551  N N   . ALA A 1 99  ? 12.437  -9.708  -13.239 1.00 85.95  ? 95  ALA A N   1 
ATOM   552  C CA  . ALA A 1 99  ? 11.821  -11.038 -13.506 1.00 88.17  ? 95  ALA A CA  1 
ATOM   553  C C   . ALA A 1 99  ? 11.660  -11.264 -15.027 1.00 95.93  ? 95  ALA A C   1 
ATOM   554  O O   . ALA A 1 99  ? 10.721  -10.744 -15.638 1.00 103.42 ? 95  ALA A O   1 
ATOM   555  C CB  . ALA A 1 99  ? 10.460  -11.164 -12.815 1.00 69.57  ? 95  ALA A CB  1 
ATOM   556  N N   . ASP A 1 100 ? 12.578  -12.020 -15.639 1.00 105.05 ? 96  ASP A N   1 
ATOM   557  C CA  . ASP A 1 100 ? 12.526  -12.261 -17.095 1.00 98.85  ? 96  ASP A CA  1 
ATOM   558  C C   . ASP A 1 100 ? 11.421  -13.237 -17.544 1.00 95.06  ? 96  ASP A C   1 
ATOM   559  O O   . ASP A 1 100 ? 11.422  -14.443 -17.233 1.00 87.47  ? 96  ASP A O   1 
ATOM   560  C CB  . ASP A 1 100 ? 13.870  -12.679 -17.693 1.00 95.46  ? 96  ASP A CB  1 
ATOM   561  C CG  . ASP A 1 100 ? 13.688  -13.405 -19.007 1.00 94.42  ? 96  ASP A CG  1 
ATOM   562  O OD1 . ASP A 1 100 ? 13.105  -12.810 -19.954 1.00 88.70  ? 96  ASP A OD1 1 
ATOM   563  O OD2 . ASP A 1 100 ? 14.070  -14.590 -19.069 1.00 93.35  ? 96  ASP A OD2 1 
ATOM   564  N N   . THR A 1 101 ? 10.518  -12.683 -18.346 1.00 88.69  ? 97  THR A N   1 
ATOM   565  C CA  . THR A 1 101 ? 9.199   -13.247 -18.593 1.00 74.63  ? 97  THR A CA  1 
ATOM   566  C C   . THR A 1 101 ? 8.578   -12.398 -19.750 1.00 66.82  ? 97  THR A C   1 
ATOM   567  O O   . THR A 1 101 ? 9.212   -11.442 -20.252 1.00 61.73  ? 97  THR A O   1 
ATOM   568  C CB  . THR A 1 101 ? 8.392   -13.311 -17.237 1.00 69.83  ? 97  THR A CB  1 
ATOM   569  O OG1 . THR A 1 101 ? 7.142   -13.977 -17.413 1.00 78.52  ? 97  THR A OG1 1 
ATOM   570  C CG2 . THR A 1 101 ? 8.182   -11.914 -16.577 1.00 61.73  ? 97  THR A CG2 1 
ATOM   571  N N   . ASP A 1 102 ? 7.386   -12.750 -20.219 1.00 63.45  ? 98  ASP A N   1 
ATOM   572  C CA  . ASP A 1 102 ? 6.716   -11.897 -21.212 1.00 64.58  ? 98  ASP A CA  1 
ATOM   573  C C   . ASP A 1 102 ? 6.251   -10.561 -20.584 1.00 62.64  ? 98  ASP A C   1 
ATOM   574  O O   . ASP A 1 102 ? 6.276   -10.364 -19.352 1.00 55.26  ? 98  ASP A O   1 
ATOM   575  C CB  . ASP A 1 102 ? 5.543   -12.646 -21.855 1.00 67.95  ? 98  ASP A CB  1 
ATOM   576  C CG  . ASP A 1 102 ? 4.416   -12.872 -20.887 1.00 70.07  ? 98  ASP A CG  1 
ATOM   577  O OD1 . ASP A 1 102 ? 3.838   -11.879 -20.437 1.00 72.33  ? 98  ASP A OD1 1 
ATOM   578  O OD2 . ASP A 1 102 ? 4.109   -14.026 -20.551 1.00 75.39  ? 98  ASP A OD2 1 
ATOM   579  N N   . ARG A 1 103 ? 5.825   -9.641  -21.432 1.00 60.00  ? 99  ARG A N   1 
ATOM   580  C CA  . ARG A 1 103 ? 5.386   -8.328  -20.963 1.00 65.54  ? 99  ARG A CA  1 
ATOM   581  C C   . ARG A 1 103 ? 4.229   -8.419  -19.942 1.00 58.17  ? 99  ARG A C   1 
ATOM   582  O O   . ARG A 1 103 ? 4.329   -7.846  -18.866 1.00 57.49  ? 99  ARG A O   1 
ATOM   583  C CB  . ARG A 1 103 ? 5.094   -7.395  -22.150 1.00 67.58  ? 99  ARG A CB  1 
ATOM   584  C CG  . ARG A 1 103 ? 6.412   -6.960  -22.767 1.00 68.15  ? 99  ARG A CG  1 
ATOM   585  C CD  . ARG A 1 103 ? 6.304   -6.256  -24.112 1.00 70.65  ? 99  ARG A CD  1 
ATOM   586  N NE  . ARG A 1 103 ? 7.485   -5.379  -24.247 1.00 69.54  ? 99  ARG A NE  1 
ATOM   587  C CZ  . ARG A 1 103 ? 8.577   -5.626  -24.968 1.00 62.00  ? 99  ARG A CZ  1 
ATOM   588  N NH1 . ARG A 1 103 ? 8.666   -6.745  -25.697 1.00 71.49  ? 99  ARG A NH1 1 
ATOM   589  N NH2 . ARG A 1 103 ? 9.579   -4.738  -24.962 1.00 56.22  ? 99  ARG A NH2 1 
ATOM   590  N N   . GLU A 1 104 ? 3.174   -9.169  -20.259 1.00 48.90  ? 100 GLU A N   1 
ATOM   591  C CA  . GLU A 1 104 ? 2.089   -9.350  -19.330 1.00 49.88  ? 100 GLU A CA  1 
ATOM   592  C C   . GLU A 1 104 ? 2.607   -9.675  -17.925 1.00 51.27  ? 100 GLU A C   1 
ATOM   593  O O   . GLU A 1 104 ? 2.171   -9.056  -16.931 1.00 49.93  ? 100 GLU A O   1 
ATOM   594  C CB  . GLU A 1 104 ? 1.103   -10.423 -19.800 1.00 44.78  ? 100 GLU A CB  1 
ATOM   595  C CG  . GLU A 1 104 ? 0.203   -10.813 -18.636 1.00 58.68  ? 100 GLU A CG  1 
ATOM   596  C CD  . GLU A 1 104 ? -1.044  -11.583 -19.019 1.00 70.28  ? 100 GLU A CD  1 
ATOM   597  O OE1 . GLU A 1 104 ? -1.708  -11.204 -20.014 1.00 70.98  ? 100 GLU A OE1 1 
ATOM   598  O OE2 . GLU A 1 104 ? -1.372  -12.556 -18.294 1.00 72.28  ? 100 GLU A OE2 1 
ATOM   599  N N   . ASN A 1 105 ? 3.536   -10.641 -17.838 1.00 47.50  ? 101 ASN A N   1 
ATOM   600  C CA  . ASN A 1 105 ? 4.067   -11.090 -16.540 1.00 45.13  ? 101 ASN A CA  1 
ATOM   601  C C   . ASN A 1 105 ? 4.888   -10.085 -15.776 1.00 36.61  ? 101 ASN A C   1 
ATOM   602  O O   . ASN A 1 105 ? 4.782   -10.026 -14.555 1.00 43.17  ? 101 ASN A O   1 
ATOM   603  C CB  . ASN A 1 105 ? 4.645   -12.553 -16.501 1.00 47.18  ? 101 ASN A CB  1 
ATOM   604  C CG  . ASN A 1 105 ? 3.822   -13.454 -15.575 1.00 56.24  ? 101 ASN A CG  1 
ATOM   605  O OD1 . ASN A 1 105 ? 3.972   -13.415 -14.333 1.00 72.37  ? 101 ASN A OD1 1 
ATOM   606  N ND2 . ASN A 1 105 ? 2.884   -14.213 -16.157 1.00 60.22  ? 101 ASN A ND2 1 
ATOM   607  N N   . MET A 1 106 ? 5.686   -9.279  -16.458 1.00 35.49  ? 102 MET A N   1 
ATOM   608  C CA  . MET A 1 106 ? 6.373   -8.190  -15.788 1.00 36.10  ? 102 MET A CA  1 
ATOM   609  C C   . MET A 1 106 ? 5.337   -7.275  -14.993 1.00 34.32  ? 102 MET A C   1 
ATOM   610  O O   . MET A 1 106 ? 5.604   -6.836  -13.842 1.00 33.47  ? 102 MET A O   1 
ATOM   611  C CB  . MET A 1 106 ? 7.170   -7.386  -16.844 1.00 41.48  ? 102 MET A CB  1 
ATOM   612  C CG  . MET A 1 106 ? 7.324   -5.888  -16.541 1.00 47.46  ? 102 MET A CG  1 
ATOM   613  S SD  . MET A 1 106 ? 8.304   -4.800  -17.651 1.00 59.84  ? 102 MET A SD  1 
ATOM   614  C CE  . MET A 1 106 ? 7.202   -4.127  -18.902 1.00 43.81  ? 102 MET A CE  1 
ATOM   615  N N   . TRP A 1 107 ? 4.204   -6.930  -15.642 1.00 30.76  ? 103 TRP A N   1 
ATOM   616  C CA  . TRP A 1 107 ? 3.195   -6.046  -14.980 1.00 27.14  ? 103 TRP A CA  1 
ATOM   617  C C   . TRP A 1 107 ? 2.544   -6.785  -13.847 1.00 24.64  ? 103 TRP A C   1 
ATOM   618  O O   . TRP A 1 107 ? 2.365   -6.222  -12.768 1.00 28.06  ? 103 TRP A O   1 
ATOM   619  C CB  . TRP A 1 107 ? 2.147   -5.573  -15.984 1.00 26.64  ? 103 TRP A CB  1 
ATOM   620  C CG  . TRP A 1 107 ? 2.802   -4.652  -16.991 1.00 26.99  ? 103 TRP A CG  1 
ATOM   621  C CD1 . TRP A 1 107 ? 3.139   -4.972  -18.291 1.00 27.81  ? 103 TRP A CD1 1 
ATOM   622  C CD2 . TRP A 1 107 ? 3.249   -3.250  -16.813 1.00 27.03  ? 103 TRP A CD2 1 
ATOM   623  N NE1 . TRP A 1 107 ? 3.705   -3.897  -18.928 1.00 30.97  ? 103 TRP A NE1 1 
ATOM   624  C CE2 . TRP A 1 107 ? 3.835   -2.844  -18.114 1.00 26.94  ? 103 TRP A CE2 1 
ATOM   625  C CE3 . TRP A 1 107 ? 3.211   -2.313  -15.761 1.00 28.40  ? 103 TRP A CE3 1 
ATOM   626  C CZ2 . TRP A 1 107 ? 4.345   -1.572  -18.341 1.00 25.94  ? 103 TRP A CZ2 1 
ATOM   627  C CZ3 . TRP A 1 107 ? 3.765   -1.025  -15.998 1.00 31.03  ? 103 TRP A CZ3 1 
ATOM   628  C CH2 . TRP A 1 107 ? 4.306   -0.666  -17.269 1.00 26.44  ? 103 TRP A CH2 1 
ATOM   629  N N   . ARG A 1 108 ? 2.229   -8.067  -14.064 1.00 22.88  ? 104 ARG A N   1 
ATOM   630  C CA  . ARG A 1 108 ? 1.592   -8.871  -13.046 1.00 23.03  ? 104 ARG A CA  1 
ATOM   631  C C   . ARG A 1 108 ? 2.461   -8.928  -11.792 1.00 25.44  ? 104 ARG A C   1 
ATOM   632  O O   . ARG A 1 108 ? 1.999   -8.706  -10.663 1.00 24.11  ? 104 ARG A O   1 
ATOM   633  C CB  . ARG A 1 108 ? 1.329   -10.320 -13.537 1.00 24.97  ? 104 ARG A CB  1 
ATOM   634  C CG  . ARG A 1 108 ? 0.536   -11.143 -12.513 1.00 24.39  ? 104 ARG A CG  1 
ATOM   635  C CD  . ARG A 1 108 ? 0.178   -12.523 -13.083 1.00 29.93  ? 104 ARG A CD  1 
ATOM   636  N NE  . ARG A 1 108 ? -0.664  -12.363 -14.281 1.00 38.38  ? 104 ARG A NE  1 
ATOM   637  C CZ  . ARG A 1 108 ? -2.007  -12.290 -14.252 1.00 40.71  ? 104 ARG A CZ  1 
ATOM   638  N NH1 . ARG A 1 108 ? -2.701  -12.467 -13.098 1.00 40.06  ? 104 ARG A NH1 1 
ATOM   639  N NH2 . ARG A 1 108 ? -2.671  -12.116 -15.404 1.00 39.59  ? 104 ARG A NH2 1 
ATOM   640  N N   . THR A 1 109 ? 3.754   -9.204  -12.000 1.00 22.59  ? 105 THR A N   1 
ATOM   641  C CA  . THR A 1 109 ? 4.682   -9.318  -10.902 1.00 23.65  ? 105 THR A CA  1 
ATOM   642  C C   . THR A 1 109 ? 4.773   -8.007  -10.077 1.00 24.72  ? 105 THR A C   1 
ATOM   643  O O   . THR A 1 109 ? 4.849   -8.057  -8.861  1.00 25.58  ? 105 THR A O   1 
ATOM   644  C CB  . THR A 1 109 ? 6.116   -9.777  -11.500 1.00 28.42  ? 105 THR A CB  1 
ATOM   645  O OG1 . THR A 1 109 ? 5.944   -11.030 -12.177 1.00 26.66  ? 105 THR A OG1 1 
ATOM   646  C CG2 . THR A 1 109 ? 7.125   -9.968  -10.398 1.00 29.90  ? 105 THR A CG2 1 
ATOM   647  N N   . GLY A 1 110 ? 4.798   -6.847  -10.754 1.00 27.33  ? 106 GLY A N   1 
ATOM   648  C CA  . GLY A 1 110 ? 4.901   -5.545  -10.093 1.00 23.46  ? 106 GLY A CA  1 
ATOM   649  C C   . GLY A 1 110 ? 3.596   -5.239  -9.299  1.00 23.00  ? 106 GLY A C   1 
ATOM   650  O O   . GLY A 1 110 ? 3.615   -4.834  -8.105  1.00 24.47  ? 106 GLY A O   1 
ATOM   651  N N   . ILE A 1 111 ? 2.439   -5.452  -9.906  1.00 22.32  ? 107 ILE A N   1 
ATOM   652  C CA  . ILE A 1 111 ? 1.170   -5.196  -9.174  1.00 21.80  ? 107 ILE A CA  1 
ATOM   653  C C   . ILE A 1 111 ? 1.066   -6.171  -7.982  1.00 23.95  ? 107 ILE A C   1 
ATOM   654  O O   . ILE A 1 111 ? 0.520   -5.838  -6.919  1.00 21.17  ? 107 ILE A O   1 
ATOM   655  C CB  . ILE A 1 111 ? -0.020  -5.419  -10.136 1.00 21.47  ? 107 ILE A CB  1 
ATOM   656  C CG1 . ILE A 1 111 ? 0.073   -4.359  -11.247 1.00 18.71  ? 107 ILE A CG1 1 
ATOM   657  C CG2 . ILE A 1 111 ? -1.333  -5.399  -9.348  1.00 20.32  ? 107 ILE A CG2 1 
ATOM   658  C CD1 . ILE A 1 111 ? -0.991  -4.559  -12.287 1.00 22.10  ? 107 ILE A CD1 1 
ATOM   659  N N   . ASN A 1 112 ? 1.563   -7.416  -8.174  1.00 20.86  ? 108 ASN A N   1 
ATOM   660  C CA  . ASN A 1 112 ? 1.511   -8.390  -7.079  1.00 22.19  ? 108 ASN A CA  1 
ATOM   661  C C   . ASN A 1 112 ? 2.296   -7.912  -5.828  1.00 21.23  ? 108 ASN A C   1 
ATOM   662  O O   . ASN A 1 112 ? 1.986   -8.303  -4.692  1.00 24.50  ? 108 ASN A O   1 
ATOM   663  C CB  . ASN A 1 112 ? 2.136   -9.763  -7.548  1.00 23.94  ? 108 ASN A CB  1 
ATOM   664  C CG  . ASN A 1 112 ? 1.914   -10.872 -6.518  1.00 28.16  ? 108 ASN A CG  1 
ATOM   665  O OD1 . ASN A 1 112 ? 0.809   -11.100 -6.091  1.00 23.93  ? 108 ASN A OD1 1 
ATOM   666  N ND2 . ASN A 1 112 ? 2.997   -11.561 -6.122  1.00 22.43  ? 108 ASN A ND2 1 
ATOM   667  N N   . VAL A 1 113 ? 3.346   -7.144  -6.014  1.00 24.92  ? 109 VAL A N   1 
ATOM   668  C CA  . VAL A 1 113 ? 4.010   -6.507  -4.816  1.00 27.00  ? 109 VAL A CA  1 
ATOM   669  C C   . VAL A 1 113 ? 3.001   -5.814  -3.925  1.00 28.30  ? 109 VAL A C   1 
ATOM   670  O O   . VAL A 1 113 ? 3.037   -5.922  -2.683  1.00 29.78  ? 109 VAL A O   1 
ATOM   671  C CB  . VAL A 1 113 ? 5.095   -5.494  -5.257  1.00 29.97  ? 109 VAL A CB  1 
ATOM   672  C CG1 . VAL A 1 113 ? 5.634   -4.671  -4.082  1.00 31.23  ? 109 VAL A CG1 1 
ATOM   673  C CG2 . VAL A 1 113 ? 6.195   -6.264  -5.925  1.00 27.82  ? 109 VAL A CG2 1 
ATOM   674  N N   . PHE A 1 114 ? 2.104   -5.053  -4.533  1.00 25.94  ? 110 PHE A N   1 
ATOM   675  C CA  . PHE A 1 114 ? 1.104   -4.272  -3.750  1.00 25.62  ? 110 PHE A CA  1 
ATOM   676  C C   . PHE A 1 114 ? 0.042   -5.182  -3.218  1.00 23.50  ? 110 PHE A C   1 
ATOM   677  O O   . PHE A 1 114 ? -0.346  -5.085  -2.043  1.00 25.38  ? 110 PHE A O   1 
ATOM   678  C CB  . PHE A 1 114 ? 0.570   -3.096  -4.608  1.00 25.07  ? 110 PHE A CB  1 
ATOM   679  C CG  . PHE A 1 114 ? 1.681   -2.117  -4.911  1.00 29.80  ? 110 PHE A CG  1 
ATOM   680  C CD1 . PHE A 1 114 ? 1.980   -1.103  -4.029  1.00 30.65  ? 110 PHE A CD1 1 
ATOM   681  C CD2 . PHE A 1 114 ? 2.538   -2.310  -5.989  1.00 32.44  ? 110 PHE A CD2 1 
ATOM   682  C CE1 . PHE A 1 114 ? 3.074   -0.243  -4.250  1.00 33.99  ? 110 PHE A CE1 1 
ATOM   683  C CE2 . PHE A 1 114 ? 3.662   -1.479  -6.194  1.00 37.34  ? 110 PHE A CE2 1 
ATOM   684  C CZ  . PHE A 1 114 ? 3.921   -0.436  -5.324  1.00 33.90  ? 110 PHE A CZ  1 
ATOM   685  N N   . PHE A 1 115 ? -0.363  -6.150  -4.040  1.00 22.93  ? 111 PHE A N   1 
ATOM   686  C CA  . PHE A 1 115 ? -1.395  -7.105  -3.605  1.00 21.99  ? 111 PHE A CA  1 
ATOM   687  C C   . PHE A 1 115 ? -0.874  -7.885  -2.373  1.00 24.73  ? 111 PHE A C   1 
ATOM   688  O O   . PHE A 1 115 ? -1.555  -8.034  -1.384  1.00 24.28  ? 111 PHE A O   1 
ATOM   689  C CB  . PHE A 1 115 ? -1.703  -8.040  -4.799  1.00 23.19  ? 111 PHE A CB  1 
ATOM   690  C CG  . PHE A 1 115 ? -2.672  -9.111  -4.500  1.00 24.30  ? 111 PHE A CG  1 
ATOM   691  C CD1 . PHE A 1 115 ? -4.023  -8.845  -4.396  1.00 25.13  ? 111 PHE A CD1 1 
ATOM   692  C CD2 . PHE A 1 115 ? -2.234  -10.436 -4.357  1.00 29.69  ? 111 PHE A CD2 1 
ATOM   693  C CE1 . PHE A 1 115 ? -4.941  -9.871  -4.176  1.00 26.67  ? 111 PHE A CE1 1 
ATOM   694  C CE2 . PHE A 1 115 ? -3.151  -11.471 -4.091  1.00 33.50  ? 111 PHE A CE2 1 
ATOM   695  C CZ  . PHE A 1 115 ? -4.522  -11.182 -3.989  1.00 28.30  ? 111 PHE A CZ  1 
ATOM   696  N N   . GLU A 1 116 ? 0.350   -8.391  -2.448  1.00 23.74  ? 112 GLU A N   1 
ATOM   697  C CA  . GLU A 1 116 ? 0.868   -9.203  -1.343  1.00 25.03  ? 112 GLU A CA  1 
ATOM   698  C C   . GLU A 1 116 ? 1.233   -8.405  -0.149  1.00 27.54  ? 112 GLU A C   1 
ATOM   699  O O   . GLU A 1 116 ? 1.018   -8.850  0.999   1.00 24.95  ? 112 GLU A O   1 
ATOM   700  C CB  . GLU A 1 116 ? 2.130   -9.940  -1.808  1.00 29.03  ? 112 GLU A CB  1 
ATOM   701  C CG  . GLU A 1 116 ? 1.735   -11.106 -2.743  1.00 34.52  ? 112 GLU A CG  1 
ATOM   702  C CD  . GLU A 1 116 ? 0.908   -12.215 -2.035  1.00 42.93  ? 112 GLU A CD  1 
ATOM   703  O OE1 . GLU A 1 116 ? 1.132   -12.478 -0.836  1.00 45.20  ? 112 GLU A OE1 1 
ATOM   704  O OE2 . GLU A 1 116 ? 0.010   -12.845 -2.646  1.00 43.02  ? 112 GLU A OE2 1 
ATOM   705  N N   . THR A 1 117 ? 1.848   -7.232  -0.378  1.00 25.97  ? 113 THR A N   1 
ATOM   706  C CA  . THR A 1 117 ? 2.269   -6.422  0.787   1.00 28.13  ? 113 THR A CA  1 
ATOM   707  C C   . THR A 1 117 ? 1.112   -5.860  1.583   1.00 29.68  ? 113 THR A C   1 
ATOM   708  O O   . THR A 1 117 ? 1.025   -6.060  2.816   1.00 28.61  ? 113 THR A O   1 
ATOM   709  C CB  . THR A 1 117 ? 3.190   -5.253  0.386   1.00 28.16  ? 113 THR A CB  1 
ATOM   710  O OG1 . THR A 1 117 ? 4.271   -5.799  -0.303  1.00 29.23  ? 113 THR A OG1 1 
ATOM   711  C CG2 . THR A 1 117 ? 3.711   -4.559  1.549   1.00 27.69  ? 113 THR A CG2 1 
ATOM   712  N N   . PHE A 1 118 ? 0.202   -5.152  0.900   1.00 24.65  ? 114 PHE A N   1 
ATOM   713  C CA  . PHE A 1 118 ? -0.905  -4.546  1.638   1.00 25.40  ? 114 PHE A CA  1 
ATOM   714  C C   . PHE A 1 118 ? -1.869  -5.647  2.052   1.00 25.75  ? 114 PHE A C   1 
ATOM   715  O O   . PHE A 1 118 ? -2.486  -5.579  3.125   1.00 23.24  ? 114 PHE A O   1 
ATOM   716  C CB  . PHE A 1 118 ? -1.553  -3.455  0.745   1.00 26.34  ? 114 PHE A CB  1 
ATOM   717  C CG  . PHE A 1 118 ? -0.698  -2.222  0.648   1.00 27.73  ? 114 PHE A CG  1 
ATOM   718  C CD1 . PHE A 1 118 ? -0.739  -1.264  1.670   1.00 29.15  ? 114 PHE A CD1 1 
ATOM   719  C CD2 . PHE A 1 118 ? 0.160   -2.025  -0.424  1.00 29.21  ? 114 PHE A CD2 1 
ATOM   720  C CE1 . PHE A 1 118 ? 0.123   -0.125  1.603   1.00 32.30  ? 114 PHE A CE1 1 
ATOM   721  C CE2 . PHE A 1 118 ? 1.025   -0.894  -0.506  1.00 30.81  ? 114 PHE A CE2 1 
ATOM   722  C CZ  . PHE A 1 118 ? 1.011   0.055   0.502   1.00 28.03  ? 114 PHE A CZ  1 
ATOM   723  N N   . GLY A 1 119 ? -2.010  -6.658  1.170   1.00 25.90  ? 115 GLY A N   1 
ATOM   724  C CA  . GLY A 1 119 ? -2.884  -7.850  1.443   1.00 25.99  ? 115 GLY A CA  1 
ATOM   725  C C   . GLY A 1 119 ? -2.430  -8.630  2.694   1.00 30.20  ? 115 GLY A C   1 
ATOM   726  O O   . GLY A 1 119 ? -3.247  -9.335  3.312   1.00 29.37  ? 115 GLY A O   1 
ATOM   727  N N   . SER A 1 120 ? -1.159  -8.491  3.090   1.00 30.05  ? 116 SER A N   1 
ATOM   728  C CA  . SER A 1 120 ? -0.682  -9.138  4.335   1.00 30.38  ? 116 SER A CA  1 
ATOM   729  C C   . SER A 1 120 ? -0.869  -8.217  5.522   1.00 32.33  ? 116 SER A C   1 
ATOM   730  O O   . SER A 1 120 ? -0.605  -8.628  6.647   1.00 33.58  ? 116 SER A O   1 
ATOM   731  C CB  . SER A 1 120 ? 0.777   -9.562  4.219   1.00 30.63  ? 116 SER A CB  1 
ATOM   732  O OG  . SER A 1 120 ? 0.879   -10.415 3.089   1.00 37.36  ? 116 SER A OG  1 
ATOM   733  N N   . HIS A 1 121 ? -1.338  -6.981  5.322   1.00 29.12  ? 117 HIS A N   1 
ATOM   734  C CA  . HIS A 1 121 ? -1.635  -6.125  6.479   1.00 28.56  ? 117 HIS A CA  1 
ATOM   735  C C   . HIS A 1 121 ? -2.889  -5.395  6.301   1.00 27.33  ? 117 HIS A C   1 
ATOM   736  O O   . HIS A 1 121 ? -2.902  -4.146  6.230   1.00 25.97  ? 117 HIS A O   1 
ATOM   737  C CB  . HIS A 1 121 ? -0.485  -5.121  6.734   1.00 29.18  ? 117 HIS A CB  1 
ATOM   738  C CG  . HIS A 1 121 ? 0.852   -5.796  6.879   1.00 30.02  ? 117 HIS A CG  1 
ATOM   739  N ND1 . HIS A 1 121 ? 1.370   -6.177  8.101   1.00 35.68  ? 117 HIS A ND1 1 
ATOM   740  C CD2 . HIS A 1 121 ? 1.803   -6.142  5.927   1.00 31.76  ? 117 HIS A CD2 1 
ATOM   741  C CE1 . HIS A 1 121 ? 2.568   -6.791  7.910   1.00 32.43  ? 117 HIS A CE1 1 
ATOM   742  N NE2 . HIS A 1 121 ? 2.833   -6.778  6.592   1.00 35.76  ? 117 HIS A NE2 1 
ATOM   743  N N   . LYS A 1 122 ? -3.968  -6.145  6.190   1.00 26.20  ? 118 LYS A N   1 
ATOM   744  C CA  . LYS A 1 122 ? -5.231  -5.502  5.793   1.00 27.93  ? 118 LYS A CA  1 
ATOM   745  C C   . LYS A 1 122 ? -5.786  -4.578  6.849   1.00 27.52  ? 118 LYS A C   1 
ATOM   746  O O   . LYS A 1 122 ? -6.373  -3.564  6.525   1.00 26.21  ? 118 LYS A O   1 
ATOM   747  C CB  . LYS A 1 122 ? -6.276  -6.567  5.566   1.00 29.02  ? 118 LYS A CB  1 
ATOM   748  C CG  . LYS A 1 122 ? -5.979  -7.472  4.393   1.00 29.65  ? 118 LYS A CG  1 
ATOM   749  C CD  . LYS A 1 122 ? -7.069  -8.540  4.431   1.00 28.58  ? 118 LYS A CD  1 
ATOM   750  C CE  . LYS A 1 122 ? -7.205  -9.227  3.102   1.00 37.76  ? 118 LYS A CE  1 
ATOM   751  N NZ  . LYS A 1 122 ? -6.023  -10.089 2.916   1.00 41.74  ? 118 LYS A NZ  1 
ATOM   752  N N   . ALA A 1 123 ? -5.629  -4.929  8.141   1.00 26.61  ? 119 ALA A N   1 
ATOM   753  C CA  . ALA A 1 123 ? -6.177  -4.024  9.166   1.00 28.90  ? 119 ALA A CA  1 
ATOM   754  C C   . ALA A 1 123 ? -5.427  -2.716  9.128   1.00 25.00  ? 119 ALA A C   1 
ATOM   755  O O   . ALA A 1 123 ? -6.042  -1.688  9.276   1.00 30.41  ? 119 ALA A O   1 
ATOM   756  C CB  . ALA A 1 123 ? -6.134  -4.661  10.566  1.00 31.17  ? 119 ALA A CB  1 
ATOM   757  N N   . VAL A 1 124 ? -4.119  -2.740  8.953   1.00 27.32  ? 120 VAL A N   1 
ATOM   758  C CA  . VAL A 1 124 ? -3.335  -1.438  8.811   1.00 30.03  ? 120 VAL A CA  1 
ATOM   759  C C   . VAL A 1 124 ? -3.781  -0.634  7.573   1.00 31.55  ? 120 VAL A C   1 
ATOM   760  O O   . VAL A 1 124 ? -4.044  0.559   7.608   1.00 31.05  ? 120 VAL A O   1 
ATOM   761  C CB  . VAL A 1 124 ? -1.793  -1.669  8.802   1.00 32.24  ? 120 VAL A CB  1 
ATOM   762  C CG1 . VAL A 1 124 ? -0.999  -0.411  8.423   1.00 28.63  ? 120 VAL A CG1 1 
ATOM   763  C CG2 . VAL A 1 124 ? -1.361  -2.170  10.184  1.00 30.53  ? 120 VAL A CG2 1 
ATOM   764  N N   . THR A 1 125 ? -3.912  -1.325  6.467   1.00 31.39  ? 121 THR A N   1 
ATOM   765  C CA  . THR A 1 125 ? -4.362  -0.699  5.262   1.00 29.82  ? 121 THR A CA  1 
ATOM   766  C C   . THR A 1 125 ? -5.734  -0.057  5.464   1.00 30.40  ? 121 THR A C   1 
ATOM   767  O O   . THR A 1 125 ? -5.911  1.091   5.106   1.00 33.26  ? 121 THR A O   1 
ATOM   768  C CB  . THR A 1 125 ? -4.435  -1.797  4.187   1.00 35.26  ? 121 THR A CB  1 
ATOM   769  O OG1 . THR A 1 125 ? -3.101  -2.277  3.957   1.00 28.90  ? 121 THR A OG1 1 
ATOM   770  C CG2 . THR A 1 125 ? -5.044  -1.251  2.882   1.00 38.43  ? 121 THR A CG2 1 
ATOM   771  N N   . ARG A 1 126 ? -6.726  -0.796  5.959   1.00 30.56  ? 122 ARG A N   1 
ATOM   772  C CA  . ARG A 1 126 ? -8.049  -0.198  6.177   1.00 33.89  ? 122 ARG A CA  1 
ATOM   773  C C   . ARG A 1 126 ? -8.029  0.979   7.181   1.00 32.63  ? 122 ARG A C   1 
ATOM   774  O O   . ARG A 1 126 ? -8.641  2.065   6.934   1.00 30.69  ? 122 ARG A O   1 
ATOM   775  C CB  . ARG A 1 126 ? -9.009  -1.285  6.621   1.00 40.40  ? 122 ARG A CB  1 
ATOM   776  C CG  . ARG A 1 126 ? -9.905  -0.927  7.777   1.00 57.07  ? 122 ARG A CG  1 
ATOM   777  C CD  . ARG A 1 126 ? -10.268 -2.161  8.612   1.00 66.39  ? 122 ARG A CD  1 
ATOM   778  N NE  . ARG A 1 126 ? -11.434 -2.689  7.928   1.00 81.08  ? 122 ARG A NE  1 
ATOM   779  C CZ  . ARG A 1 126 ? -11.474 -3.759  7.138   1.00 85.53  ? 122 ARG A CZ  1 
ATOM   780  N NH1 . ARG A 1 126 ? -10.393 -4.544  6.970   1.00 78.87  ? 122 ARG A NH1 1 
ATOM   781  N NH2 . ARG A 1 126 ? -12.648 -4.050  6.552   1.00 71.68  ? 122 ARG A NH2 1 
ATOM   782  N N   . ALA A 1 127 ? -7.291  0.830   8.285   1.00 30.66  ? 123 ALA A N   1 
ATOM   783  C CA  . ALA A 1 127 ? -7.184  1.949   9.281   1.00 28.41  ? 123 ALA A CA  1 
ATOM   784  C C   . ALA A 1 127 ? -6.459  3.168   8.654   1.00 31.48  ? 123 ALA A C   1 
ATOM   785  O O   . ALA A 1 127 ? -6.865  4.342   8.854   1.00 32.08  ? 123 ALA A O   1 
ATOM   786  C CB  . ALA A 1 127 ? -6.509  1.446   10.601  1.00 29.03  ? 123 ALA A CB  1 
ATOM   787  N N   . GLY A 1 128 ? -5.415  2.928   7.848   1.00 28.78  ? 124 GLY A N   1 
ATOM   788  C CA  . GLY A 1 128 ? -4.619  4.012   7.264   1.00 28.59  ? 124 GLY A CA  1 
ATOM   789  C C   . GLY A 1 128 ? -5.516  4.771   6.293   1.00 35.61  ? 124 GLY A C   1 
ATOM   790  O O   . GLY A 1 128 ? -5.492  6.015   6.190   1.00 37.18  ? 124 GLY A O   1 
ATOM   791  N N   . GLN A 1 129 ? -6.302  3.996   5.569   1.00 32.99  ? 125 GLN A N   1 
ATOM   792  C CA  . GLN A 1 129 ? -7.234  4.559   4.578   1.00 40.31  ? 125 GLN A CA  1 
ATOM   793  C C   . GLN A 1 129 ? -8.217  5.477   5.301   1.00 41.92  ? 125 GLN A C   1 
ATOM   794  O O   . GLN A 1 129 ? -8.382  6.619   4.900   1.00 42.35  ? 125 GLN A O   1 
ATOM   795  C CB  . GLN A 1 129 ? -7.970  3.422   3.858   1.00 46.54  ? 125 GLN A CB  1 
ATOM   796  C CG  . GLN A 1 129 ? -9.102  3.862   2.955   1.00 65.74  ? 125 GLN A CG  1 
ATOM   797  C CD  . GLN A 1 129 ? -8.612  4.108   1.545   1.00 84.35  ? 125 GLN A CD  1 
ATOM   798  O OE1 . GLN A 1 129 ? -8.882  3.299   0.645   1.00 91.29  ? 125 GLN A OE1 1 
ATOM   799  N NE2 . GLN A 1 129 ? -7.871  5.217   1.338   1.00 87.05  ? 125 GLN A NE2 1 
ATOM   800  N N   . ALA A 1 130 ? -8.885  4.982   6.344   1.00 39.12  ? 126 ALA A N   1 
ATOM   801  C CA  . ALA A 1 130 ? -9.833  5.830   7.075   1.00 39.11  ? 126 ALA A CA  1 
ATOM   802  C C   . ALA A 1 130 ? -9.174  7.083   7.640   1.00 43.28  ? 126 ALA A C   1 
ATOM   803  O O   . ALA A 1 130 ? -9.768  8.150   7.617   1.00 56.16  ? 126 ALA A O   1 
ATOM   804  C CB  . ALA A 1 130 ? -10.552 5.035   8.148   1.00 38.06  ? 126 ALA A CB  1 
ATOM   805  N N   . ALA A 1 131 ? -7.921  6.978   8.082   1.00 38.42  ? 127 ALA A N   1 
ATOM   806  C CA  . ALA A 1 131 ? -7.176  8.129   8.624   1.00 39.12  ? 127 ALA A CA  1 
ATOM   807  C C   . ALA A 1 131 ? -6.746  9.201   7.596   1.00 48.03  ? 127 ALA A C   1 
ATOM   808  O O   . ALA A 1 131 ? -6.430  10.319  7.983   1.00 44.67  ? 127 ALA A O   1 
ATOM   809  C CB  . ALA A 1 131 ? -5.939  7.644   9.362   1.00 32.24  ? 127 ALA A CB  1 
ATOM   810  N N   . ARG A 1 132 ? -6.639  8.851   6.309   1.00 47.82  ? 128 ARG A N   1 
ATOM   811  C CA  . ARG A 1 132 ? -6.257  9.812   5.274   1.00 45.94  ? 128 ARG A CA  1 
ATOM   812  C C   . ARG A 1 132 ? -7.219  10.969  5.323   1.00 51.62  ? 128 ARG A C   1 
ATOM   813  O O   . ARG A 1 132 ? -6.809  12.074  4.988   1.00 52.23  ? 128 ARG A O   1 
ATOM   814  C CB  . ARG A 1 132 ? -6.443  9.248   3.884   1.00 45.23  ? 128 ARG A CB  1 
ATOM   815  C CG  . ARG A 1 132 ? -5.199  8.847   3.219   1.00 52.46  ? 128 ARG A CG  1 
ATOM   816  C CD  . ARG A 1 132 ? -5.594  8.263   1.880   1.00 55.36  ? 128 ARG A CD  1 
ATOM   817  N NE  . ARG A 1 132 ? -5.620  9.299   0.872   1.00 65.71  ? 128 ARG A NE  1 
ATOM   818  C CZ  . ARG A 1 132 ? -6.688  9.555   0.134   1.00 73.37  ? 128 ARG A CZ  1 
ATOM   819  N NH1 . ARG A 1 132 ? -7.768  8.797   0.289   1.00 66.90  ? 128 ARG A NH1 1 
ATOM   820  N NH2 . ARG A 1 132 ? -6.668  10.541  -0.760  1.00 66.11  ? 128 ARG A NH2 1 
ATOM   821  N N   . ALA A 1 133 ? -8.490  10.684  5.672   1.00 54.02  ? 129 ALA A N   1 
ATOM   822  C CA  . ALA A 1 133 ? -9.539  11.712  5.839   1.00 54.01  ? 129 ALA A CA  1 
ATOM   823  C C   . ALA A 1 133 ? -9.259  12.758  6.955   1.00 61.53  ? 129 ALA A C   1 
ATOM   824  O O   . ALA A 1 133 ? -9.644  13.911  6.831   1.00 66.85  ? 129 ALA A O   1 
ATOM   825  C CB  . ALA A 1 133 ? -10.888 11.053  6.031   1.00 49.83  ? 129 ALA A CB  1 
ATOM   826  N N   . THR A 1 134 ? -8.569  12.389  8.032   1.00 54.98  ? 130 THR A N   1 
ATOM   827  C CA  . THR A 1 134 ? -8.505  13.282  9.172   1.00 51.39  ? 130 THR A CA  1 
ATOM   828  C C   . THR A 1 134 ? -7.084  13.668  9.514   1.00 54.76  ? 130 THR A C   1 
ATOM   829  O O   . THR A 1 134 ? -6.888  14.649  10.220  1.00 57.66  ? 130 THR A O   1 
ATOM   830  C CB  . THR A 1 134 ? -9.074  12.636  10.462  1.00 56.59  ? 130 THR A CB  1 
ATOM   831  O OG1 . THR A 1 134 ? -8.255  11.515  10.838  1.00 62.74  ? 130 THR A OG1 1 
ATOM   832  C CG2 . THR A 1 134 ? -10.527 12.198  10.310  1.00 51.01  ? 130 THR A CG2 1 
ATOM   833  N N   . SER A 1 135 ? -6.096  12.881  9.086   1.00 39.41  ? 131 SER A N   1 
ATOM   834  C CA  . SER A 1 135 ? -4.721  13.091  9.504   1.00 39.31  ? 131 SER A CA  1 
ATOM   835  C C   . SER A 1 135 ? -3.870  13.685  8.392   1.00 44.95  ? 131 SER A C   1 
ATOM   836  O O   . SER A 1 135 ? -3.737  13.109  7.298   1.00 40.71  ? 131 SER A O   1 
ATOM   837  C CB  . SER A 1 135 ? -4.077  11.791  10.001  1.00 37.33  ? 131 SER A CB  1 
ATOM   838  O OG  . SER A 1 135 ? -2.651  11.890  9.914   1.00 40.40  ? 131 SER A OG  1 
ATOM   839  N N   . VAL A 1 136 ? -3.259  14.835  8.676   1.00 51.42  ? 132 VAL A N   1 
ATOM   840  C CA  . VAL A 1 136 ? -2.399  15.487  7.705   1.00 49.28  ? 132 VAL A CA  1 
ATOM   841  C C   . VAL A 1 136 ? -1.144  14.641  7.452   1.00 47.34  ? 132 VAL A C   1 
ATOM   842  O O   . VAL A 1 136 ? -0.681  14.540  6.301   1.00 44.11  ? 132 VAL A O   1 
ATOM   843  C CB  . VAL A 1 136 ? -2.068  16.928  8.138   1.00 50.92  ? 132 VAL A CB  1 
ATOM   844  C CG1 . VAL A 1 136 ? -0.920  17.503  7.302   1.00 49.98  ? 132 VAL A CG1 1 
ATOM   845  C CG2 . VAL A 1 136 ? -3.325  17.764  8.013   1.00 53.61  ? 132 VAL A CG2 1 
ATOM   846  N N   . GLU A 1 137 ? -0.589  14.013  8.491   1.00 38.98  ? 133 GLU A N   1 
ATOM   847  C CA  . GLU A 1 137 ? 0.619   13.195  8.251   1.00 41.00  ? 133 GLU A CA  1 
ATOM   848  C C   . GLU A 1 137 ? 0.380   11.911  7.462   1.00 36.58  ? 133 GLU A C   1 
ATOM   849  O O   . GLU A 1 137 ? 1.286   11.463  6.755   1.00 32.84  ? 133 GLU A O   1 
ATOM   850  C CB  . GLU A 1 137 ? 1.228   12.712  9.529   1.00 42.24  ? 133 GLU A CB  1 
ATOM   851  C CG  . GLU A 1 137 ? 2.230   13.675  10.047  1.00 55.98  ? 133 GLU A CG  1 
ATOM   852  C CD  . GLU A 1 137 ? 1.579   14.348  11.195  1.00 66.77  ? 133 GLU A CD  1 
ATOM   853  O OE1 . GLU A 1 137 ? 0.345   14.678  11.044  1.00 53.59  ? 133 GLU A OE1 1 
ATOM   854  O OE2 . GLU A 1 137 ? 2.291   14.451  12.228  1.00 69.23  ? 133 GLU A OE2 1 
ATOM   855  N N   . VAL A 1 138 ? -0.784  11.296  7.671   1.00 39.19  ? 134 VAL A N   1 
ATOM   856  C CA  . VAL A 1 138 ? -1.120  10.095  6.900   1.00 38.98  ? 134 VAL A CA  1 
ATOM   857  C C   . VAL A 1 138 ? -1.323  10.500  5.421   1.00 35.17  ? 134 VAL A C   1 
ATOM   858  O O   . VAL A 1 138 ? -0.763  9.866   4.546   1.00 31.06  ? 134 VAL A O   1 
ATOM   859  C CB  . VAL A 1 138 ? -2.333  9.339   7.465   1.00 41.33  ? 134 VAL A CB  1 
ATOM   860  C CG1 . VAL A 1 138 ? -2.794  8.264   6.458   1.00 38.75  ? 134 VAL A CG1 1 
ATOM   861  C CG2 . VAL A 1 138 ? -1.977  8.756   8.837   1.00 40.33  ? 134 VAL A CG2 1 
ATOM   862  N N   . ALA A 1 139 ? -2.098  11.564  5.175   1.00 35.34  ? 135 ALA A N   1 
ATOM   863  C CA  . ALA A 1 139 ? -2.292  12.116  3.828   1.00 37.03  ? 135 ALA A CA  1 
ATOM   864  C C   . ALA A 1 139 ? -0.949  12.396  3.127   1.00 36.80  ? 135 ALA A C   1 
ATOM   865  O O   . ALA A 1 139 ? -0.779  12.003  1.967   1.00 35.22  ? 135 ALA A O   1 
ATOM   866  C CB  . ALA A 1 139 ? -3.180  13.369  3.879   1.00 33.00  ? 135 ALA A CB  1 
ATOM   867  N N   . GLU A 1 140 ? 0.048   12.987  3.823   1.00 34.77  ? 136 GLU A N   1 
ATOM   868  C CA  . GLU A 1 140 ? 1.338   13.229  3.177   1.00 31.60  ? 136 GLU A CA  1 
ATOM   869  C C   . GLU A 1 140 ? 2.175   12.009  2.898   1.00 29.87  ? 136 GLU A C   1 
ATOM   870  O O   . GLU A 1 140 ? 2.871   11.961  1.880   1.00 30.87  ? 136 GLU A O   1 
ATOM   871  C CB  . GLU A 1 140 ? 2.182   14.206  3.981   1.00 42.32  ? 136 GLU A CB  1 
ATOM   872  C CG  . GLU A 1 140 ? 1.606   15.613  3.834   1.00 67.14  ? 136 GLU A CG  1 
ATOM   873  C CD  . GLU A 1 140 ? 2.075   16.576  4.926   1.00 90.60  ? 136 GLU A CD  1 
ATOM   874  O OE1 . GLU A 1 140 ? 2.817   16.138  5.840   1.00 102.84 ? 136 GLU A OE1 1 
ATOM   875  O OE2 . GLU A 1 140 ? 1.699   17.778  4.881   1.00 94.95  ? 136 GLU A OE2 1 
ATOM   876  N N   . LEU A 1 141 ? 2.177   11.029  3.814   1.00 27.31  ? 137 LEU A N   1 
ATOM   877  C CA  . LEU A 1 141 ? 2.911   9.812   3.544   1.00 28.34  ? 137 LEU A CA  1 
ATOM   878  C C   . LEU A 1 141 ? 2.293   9.145   2.237   1.00 27.87  ? 137 LEU A C   1 
ATOM   879  O O   . LEU A 1 141 ? 2.992   8.744   1.293   1.00 29.10  ? 137 LEU A O   1 
ATOM   880  C CB  . LEU A 1 141 ? 2.741   8.886   4.768   1.00 31.37  ? 137 LEU A CB  1 
ATOM   881  C CG  . LEU A 1 141 ? 3.209   7.461   4.471   1.00 32.17  ? 137 LEU A CG  1 
ATOM   882  C CD1 . LEU A 1 141 ? 4.706   7.423   4.381   1.00 33.55  ? 137 LEU A CD1 1 
ATOM   883  C CD2 . LEU A 1 141 ? 2.715   6.504   5.548   1.00 37.65  ? 137 LEU A CD2 1 
ATOM   884  N N   . TRP A 1 142 ? 0.963   9.130   2.201   1.00 27.65  ? 138 TRP A N   1 
ATOM   885  C CA  . TRP A 1 142 ? 0.216   8.526   1.066   1.00 32.84  ? 138 TRP A CA  1 
ATOM   886  C C   . TRP A 1 142 ? 0.631   9.162   -0.214  1.00 28.26  ? 138 TRP A C   1 
ATOM   887  O O   . TRP A 1 142 ? 1.045   8.502   -1.211  1.00 27.77  ? 138 TRP A O   1 
ATOM   888  C CB  . TRP A 1 142 ? -1.220  8.853   1.281   1.00 38.27  ? 138 TRP A CB  1 
ATOM   889  C CG  . TRP A 1 142 ? -2.188  7.868   0.728   1.00 45.42  ? 138 TRP A CG  1 
ATOM   890  C CD1 . TRP A 1 142 ? -2.691  7.757   -0.617  1.00 41.68  ? 138 TRP A CD1 1 
ATOM   891  C CD2 . TRP A 1 142 ? -2.902  6.859   1.517   1.00 48.45  ? 138 TRP A CD2 1 
ATOM   892  N NE1 . TRP A 1 142 ? -3.592  6.734   -0.708  1.00 40.63  ? 138 TRP A NE1 1 
ATOM   893  C CE2 . TRP A 1 142 ? -3.791  6.145   0.558   1.00 46.94  ? 138 TRP A CE2 1 
ATOM   894  C CE3 . TRP A 1 142 ? -2.880  6.457   2.900   1.00 43.65  ? 138 TRP A CE3 1 
ATOM   895  C CZ2 . TRP A 1 142 ? -4.601  5.053   0.976   1.00 46.24  ? 138 TRP A CZ2 1 
ATOM   896  C CZ3 . TRP A 1 142 ? -3.686  5.377   3.289   1.00 47.03  ? 138 TRP A CZ3 1 
ATOM   897  C CH2 . TRP A 1 142 ? -4.537  4.688   2.346   1.00 49.04  ? 138 TRP A CH2 1 
ATOM   898  N N   . SER A 1 143 ? 0.496   10.476  -0.207  1.00 28.76  ? 139 SER A N   1 
ATOM   899  C CA  . SER A 1 143 ? 0.864   11.294  -1.358  1.00 28.50  ? 139 SER A CA  1 
ATOM   900  C C   . SER A 1 143 ? 2.337   11.169  -1.804  1.00 28.11  ? 139 SER A C   1 
ATOM   901  O O   . SER A 1 143 ? 2.618   10.962  -2.997  1.00 29.99  ? 139 SER A O   1 
ATOM   902  C CB  . SER A 1 143 ? 0.303   12.698  -1.106  1.00 29.97  ? 139 SER A CB  1 
ATOM   903  O OG  . SER A 1 143 ? 1.104   13.614  -1.740  1.00 45.89  ? 139 SER A OG  1 
ATOM   904  N N   . THR A 1 144 ? 3.314   11.150  -0.868  1.00 26.82  ? 140 THR A N   1 
ATOM   905  C CA  . THR A 1 144 ? 4.682   10.893  -1.279  1.00 26.32  ? 140 THR A CA  1 
ATOM   906  C C   . THR A 1 144 ? 4.934   9.603   -1.986  1.00 23.60  ? 140 THR A C   1 
ATOM   907  O O   . THR A 1 144 ? 5.584   9.555   -3.009  1.00 25.76  ? 140 THR A O   1 
ATOM   908  C CB  . THR A 1 144 ? 5.606   10.803  -0.041  1.00 34.59  ? 140 THR A CB  1 
ATOM   909  O OG1 . THR A 1 144 ? 5.356   11.944  0.729   1.00 36.56  ? 140 THR A OG1 1 
ATOM   910  C CG2 . THR A 1 144 ? 7.015   10.788  -0.412  1.00 30.11  ? 140 THR A CG2 1 
ATOM   911  N N   . PHE A 1 145 ? 4.456   8.509   -1.408  1.00 23.10  ? 141 PHE A N   1 
ATOM   912  C CA  . PHE A 1 145 ? 4.627   7.239   -2.095  1.00 24.52  ? 141 PHE A CA  1 
ATOM   913  C C   . PHE A 1 145 ? 3.791   7.028   -3.357  1.00 25.21  ? 141 PHE A C   1 
ATOM   914  O O   . PHE A 1 145 ? 4.293   6.439   -4.318  1.00 24.71  ? 141 PHE A O   1 
ATOM   915  C CB  . PHE A 1 145 ? 4.481   6.116   -1.064  1.00 26.89  ? 141 PHE A CB  1 
ATOM   916  C CG  . PHE A 1 145 ? 5.712   6.023   -0.237  1.00 30.16  ? 141 PHE A CG  1 
ATOM   917  C CD1 . PHE A 1 145 ? 6.831   5.265   -0.706  1.00 28.32  ? 141 PHE A CD1 1 
ATOM   918  C CD2 . PHE A 1 145 ? 5.841   6.809   0.933   1.00 32.03  ? 141 PHE A CD2 1 
ATOM   919  C CE1 . PHE A 1 145 ? 8.027   5.238   0.050   1.00 33.84  ? 141 PHE A CE1 1 
ATOM   920  C CE2 . PHE A 1 145 ? 7.033   6.773   1.663   1.00 40.00  ? 141 PHE A CE2 1 
ATOM   921  C CZ  . PHE A 1 145 ? 8.118   5.998   1.219   1.00 34.36  ? 141 PHE A CZ  1 
ATOM   922  N N   . MET A 1 146 ? 2.570   7.543   -3.374  1.00 25.27  ? 142 MET A N   1 
ATOM   923  C CA  . MET A 1 146 ? 1.773   7.489   -4.642  1.00 27.82  ? 142 MET A CA  1 
ATOM   924  C C   . MET A 1 146 ? 2.532   8.217   -5.752  1.00 25.95  ? 142 MET A C   1 
ATOM   925  O O   . MET A 1 146 ? 2.677   7.707   -6.857  1.00 25.66  ? 142 MET A O   1 
ATOM   926  C CB  . MET A 1 146 ? 0.375   8.122   -4.480  1.00 31.37  ? 142 MET A CB  1 
ATOM   927  C CG  . MET A 1 146 ? -0.620  7.223   -3.738  1.00 50.23  ? 142 MET A CG  1 
ATOM   928  S SD  . MET A 1 146 ? -1.791  6.278   -4.814  1.00 59.18  ? 142 MET A SD  1 
ATOM   929  C CE  . MET A 1 146 ? -0.968  6.512   -6.269  1.00 28.50  ? 142 MET A CE  1 
ATOM   930  N N   . GLN A 1 147 ? 3.055   9.417   -5.466  1.00 27.00  ? 143 GLN A N   1 
ATOM   931  C CA  . GLN A 1 147 ? 3.845   10.058  -6.528  1.00 26.59  ? 143 GLN A CA  1 
ATOM   932  C C   . GLN A 1 147 ? 5.020   9.239   -6.966  1.00 26.36  ? 143 GLN A C   1 
ATOM   933  O O   . GLN A 1 147 ? 5.298   9.178   -8.143  1.00 22.14  ? 143 GLN A O   1 
ATOM   934  C CB  . GLN A 1 147 ? 4.365   11.424  -6.122  1.00 27.26  ? 143 GLN A CB  1 
ATOM   935  C CG  . GLN A 1 147 ? 3.215   12.310  -5.698  1.00 35.57  ? 143 GLN A CG  1 
ATOM   936  C CD  . GLN A 1 147 ? 3.731   13.683  -5.262  1.00 48.56  ? 143 GLN A CD  1 
ATOM   937  O OE1 . GLN A 1 147 ? 4.550   14.291  -5.954  1.00 50.64  ? 143 GLN A OE1 1 
ATOM   938  N NE2 . GLN A 1 147 ? 3.311   14.135  -4.097  1.00 47.15  ? 143 GLN A NE2 1 
ATOM   939  N N   . LYS A 1 148 ? 5.747   8.662   -6.014  1.00 24.82  ? 144 LYS A N   1 
ATOM   940  C CA  . LYS A 1 148 ? 6.957   7.883   -6.368  1.00 23.56  ? 144 LYS A CA  1 
ATOM   941  C C   . LYS A 1 148 ? 6.582   6.672   -7.260  1.00 24.36  ? 144 LYS A C   1 
ATOM   942  O O   . LYS A 1 148 ? 7.219   6.410   -8.296  1.00 23.81  ? 144 LYS A O   1 
ATOM   943  C CB  . LYS A 1 148 ? 7.669   7.406   -5.061  1.00 27.43  ? 144 LYS A CB  1 
ATOM   944  C CG  . LYS A 1 148 ? 8.977   6.702   -5.389  1.00 32.60  ? 144 LYS A CG  1 
ATOM   945  C CD  . LYS A 1 148 ? 9.672   6.072   -4.173  1.00 41.99  ? 144 LYS A CD  1 
ATOM   946  C CE  . LYS A 1 148 ? 10.563  4.931   -4.675  1.00 46.62  ? 144 LYS A CE  1 
ATOM   947  N NZ  . LYS A 1 148 ? 11.680  4.808   -3.688  1.00 52.90  ? 144 LYS A NZ  1 
ATOM   948  N N   . TRP A 1 149 ? 5.506   5.956   -6.898  1.00 21.31  ? 145 TRP A N   1 
ATOM   949  C CA  . TRP A 1 149 ? 5.156   4.768   -7.666  1.00 22.83  ? 145 TRP A CA  1 
ATOM   950  C C   . TRP A 1 149 ? 4.527   5.089   -8.976  1.00 20.19  ? 145 TRP A C   1 
ATOM   951  O O   . TRP A 1 149 ? 4.765   4.394   -9.924  1.00 23.22  ? 145 TRP A O   1 
ATOM   952  C CB  . TRP A 1 149 ? 4.167   3.937   -6.831  1.00 24.06  ? 145 TRP A CB  1 
ATOM   953  C CG  . TRP A 1 149 ? 4.879   3.453   -5.573  1.00 27.99  ? 145 TRP A CG  1 
ATOM   954  C CD1 . TRP A 1 149 ? 6.271   3.203   -5.387  1.00 27.83  ? 145 TRP A CD1 1 
ATOM   955  C CD2 . TRP A 1 149 ? 4.244   3.109   -4.300  1.00 27.17  ? 145 TRP A CD2 1 
ATOM   956  N NE1 . TRP A 1 149 ? 6.512   2.837   -4.069  1.00 26.88  ? 145 TRP A NE1 1 
ATOM   957  C CE2 . TRP A 1 149 ? 5.341   2.728   -3.376  1.00 28.35  ? 145 TRP A CE2 1 
ATOM   958  C CE3 . TRP A 1 149 ? 2.897   3.129   -3.807  1.00 30.42  ? 145 TRP A CE3 1 
ATOM   959  C CZ2 . TRP A 1 149 ? 5.074   2.321   -2.053  1.00 28.43  ? 145 TRP A CZ2 1 
ATOM   960  C CZ3 . TRP A 1 149 ? 2.671   2.733   -2.453  1.00 28.82  ? 145 TRP A CZ3 1 
ATOM   961  C CH2 . TRP A 1 149 ? 3.716   2.300   -1.637  1.00 28.82  ? 145 TRP A CH2 1 
ATOM   962  N N   . ILE A 1 150 ? 3.739   6.162   -9.044  1.00 20.31  ? 146 ILE A N   1 
ATOM   963  C CA  . ILE A 1 150 ? 3.305   6.681   -10.388 1.00 20.16  ? 146 ILE A CA  1 
ATOM   964  C C   . ILE A 1 150 ? 4.491   7.087   -11.295 1.00 21.18  ? 146 ILE A C   1 
ATOM   965  O O   . ILE A 1 150 ? 4.472   6.772   -12.491 1.00 20.65  ? 146 ILE A O   1 
ATOM   966  C CB  . ILE A 1 150 ? 2.310   7.887   -10.193 1.00 20.36  ? 146 ILE A CB  1 
ATOM   967  C CG1 . ILE A 1 150 ? 1.011   7.377   -9.531  1.00 19.13  ? 146 ILE A CG1 1 
ATOM   968  C CG2 . ILE A 1 150 ? 2.089   8.673   -11.510 1.00 22.15  ? 146 ILE A CG2 1 
ATOM   969  C CD1 . ILE A 1 150 ? 0.037   8.434   -8.997  1.00 19.39  ? 146 ILE A CD1 1 
ATOM   970  N N   . ALA A 1 151 ? 5.489   7.807   -10.748 1.00 21.28  ? 147 ALA A N   1 
ATOM   971  C CA  . ALA A 1 151 ? 6.670   8.224   -11.560 1.00 23.11  ? 147 ALA A CA  1 
ATOM   972  C C   . ALA A 1 151 ? 7.409   6.978   -12.099 1.00 24.17  ? 147 ALA A C   1 
ATOM   973  O O   . ALA A 1 151 ? 7.792   6.878   -13.290 1.00 23.21  ? 147 ALA A O   1 
ATOM   974  C CB  . ALA A 1 151 ? 7.635   9.100   -10.739 1.00 24.38  ? 147 ALA A CB  1 
ATOM   975  N N   . TYR A 1 152 ? 7.499   5.974   -11.237 1.00 26.09  ? 148 TYR A N   1 
ATOM   976  C CA  . TYR A 1 152 ? 8.191   4.728   -11.660 1.00 27.36  ? 148 TYR A CA  1 
ATOM   977  C C   . TYR A 1 152 ? 7.401   4.055   -12.792 1.00 25.76  ? 148 TYR A C   1 
ATOM   978  O O   . TYR A 1 152 ? 7.919   3.673   -13.862 1.00 23.17  ? 148 TYR A O   1 
ATOM   979  C CB  . TYR A 1 152 ? 8.417   3.806   -10.433 1.00 30.73  ? 148 TYR A CB  1 
ATOM   980  C CG  . TYR A 1 152 ? 9.179   2.604   -10.914 1.00 37.69  ? 148 TYR A CG  1 
ATOM   981  C CD1 . TYR A 1 152 ? 10.466  2.734   -11.449 1.00 40.89  ? 148 TYR A CD1 1 
ATOM   982  C CD2 . TYR A 1 152 ? 8.556   1.394   -11.001 1.00 41.21  ? 148 TYR A CD2 1 
ATOM   983  C CE1 . TYR A 1 152 ? 11.128  1.651   -12.000 1.00 41.09  ? 148 TYR A CE1 1 
ATOM   984  C CE2 . TYR A 1 152 ? 9.210   0.298   -11.507 1.00 45.99  ? 148 TYR A CE2 1 
ATOM   985  C CZ  . TYR A 1 152 ? 10.497  0.411   -12.002 1.00 49.55  ? 148 TYR A CZ  1 
ATOM   986  O OH  . TYR A 1 152 ? 11.093  -0.745  -12.523 1.00 50.22  ? 148 TYR A OH  1 
ATOM   987  N N   . THR A 1 153 ? 6.085   3.979   -12.577 1.00 25.36  ? 149 THR A N   1 
ATOM   988  C CA  . THR A 1 153 ? 5.163   3.366   -13.564 1.00 22.87  ? 149 THR A CA  1 
ATOM   989  C C   . THR A 1 153 ? 5.267   4.101   -14.898 1.00 23.00  ? 149 THR A C   1 
ATOM   990  O O   . THR A 1 153 ? 5.332   3.484   -15.986 1.00 25.20  ? 149 THR A O   1 
ATOM   991  C CB  . THR A 1 153 ? 3.678   3.427   -13.082 1.00 20.50  ? 149 THR A CB  1 
ATOM   992  O OG1 . THR A 1 153 ? 3.486   2.679   -11.875 1.00 21.36  ? 149 THR A OG1 1 
ATOM   993  C CG2 . THR A 1 153 ? 2.741   2.855   -14.177 1.00 20.89  ? 149 THR A CG2 1 
ATOM   994  N N   . ALA A 1 154 ? 5.216   5.425   -14.814 1.00 21.91  ? 150 ALA A N   1 
ATOM   995  C CA  . ALA A 1 154 ? 5.349   6.195   -16.066 1.00 23.10  ? 150 ALA A CA  1 
ATOM   996  C C   . ALA A 1 154 ? 6.759   5.945   -16.751 1.00 28.09  ? 150 ALA A C   1 
ATOM   997  O O   . ALA A 1 154 ? 6.845   5.911   -17.986 1.00 25.12  ? 150 ALA A O   1 
ATOM   998  C CB  . ALA A 1 154 ? 5.204   7.671   -15.752 1.00 21.98  ? 150 ALA A CB  1 
ATOM   999  N N   . ALA A 1 155 ? 7.840   5.898   -15.941 1.00 29.05  ? 151 ALA A N   1 
ATOM   1000 C CA  . ALA A 1 155 ? 9.182   5.522   -16.496 1.00 33.27  ? 151 ALA A CA  1 
ATOM   1001 C C   . ALA A 1 155 ? 9.112   4.198   -17.220 1.00 32.16  ? 151 ALA A C   1 
ATOM   1002 O O   . ALA A 1 155 ? 9.629   4.072   -18.328 1.00 33.31  ? 151 ALA A O   1 
ATOM   1003 C CB  . ALA A 1 155 ? 10.232  5.484   -15.394 1.00 31.13  ? 151 ALA A CB  1 
ATOM   1004 N N   . VAL A 1 156 ? 8.375   3.221   -16.679 1.00 32.89  ? 152 VAL A N   1 
ATOM   1005 C CA  . VAL A 1 156 ? 8.308   1.899   -17.373 1.00 31.31  ? 152 VAL A CA  1 
ATOM   1006 C C   . VAL A 1 156 ? 7.492   2.016   -18.648 1.00 33.98  ? 152 VAL A C   1 
ATOM   1007 O O   . VAL A 1 156 ? 7.898   1.533   -19.716 1.00 31.81  ? 152 VAL A O   1 
ATOM   1008 C CB  . VAL A 1 156 ? 7.753   0.747   -16.471 1.00 32.94  ? 152 VAL A CB  1 
ATOM   1009 C CG1 . VAL A 1 156 ? 7.772   -0.581  -17.224 1.00 31.44  ? 152 VAL A CG1 1 
ATOM   1010 C CG2 . VAL A 1 156 ? 8.420   0.686   -15.079 1.00 31.54  ? 152 VAL A CG2 1 
ATOM   1011 N N   . ILE A 1 157 ? 6.328   2.682   -18.588 1.00 28.80  ? 153 ILE A N   1 
ATOM   1012 C CA  . ILE A 1 157 ? 5.591   2.892   -19.841 1.00 23.95  ? 153 ILE A CA  1 
ATOM   1013 C C   . ILE A 1 157 ? 6.453   3.634   -20.904 1.00 28.41  ? 153 ILE A C   1 
ATOM   1014 O O   . ILE A 1 157 ? 6.396   3.325   -22.072 1.00 31.69  ? 153 ILE A O   1 
ATOM   1015 C CB  . ILE A 1 157 ? 4.315   3.726   -19.544 1.00 24.41  ? 153 ILE A CB  1 
ATOM   1016 C CG1 . ILE A 1 157 ? 3.339   2.860   -18.666 1.00 24.76  ? 153 ILE A CG1 1 
ATOM   1017 C CG2 . ILE A 1 157 ? 3.619   4.125   -20.844 1.00 20.40  ? 153 ILE A CG2 1 
ATOM   1018 C CD1 . ILE A 1 157 ? 2.251   3.660   -17.906 1.00 26.19  ? 153 ILE A CD1 1 
ATOM   1019 N N   . ASP A 1 158 ? 7.217   4.637   -20.504 1.00 28.39  ? 154 ASP A N   1 
ATOM   1020 C CA  . ASP A 1 158 ? 8.037   5.382   -21.462 1.00 32.27  ? 154 ASP A CA  1 
ATOM   1021 C C   . ASP A 1 158 ? 9.139   4.500   -22.035 1.00 34.82  ? 154 ASP A C   1 
ATOM   1022 O O   . ASP A 1 158 ? 9.427   4.590   -23.221 1.00 34.85  ? 154 ASP A O   1 
ATOM   1023 C CB  . ASP A 1 158 ? 8.712   6.554   -20.740 1.00 36.00  ? 154 ASP A CB  1 
ATOM   1024 C CG  . ASP A 1 158 ? 7.807   7.763   -20.651 1.00 42.49  ? 154 ASP A CG  1 
ATOM   1025 O OD1 . ASP A 1 158 ? 6.907   7.944   -21.536 1.00 44.51  ? 154 ASP A OD1 1 
ATOM   1026 O OD2 . ASP A 1 158 ? 8.006   8.520   -19.683 1.00 46.33  ? 154 ASP A OD2 1 
ATOM   1027 N N   . ALA A 1 159 ? 9.739   3.667   -21.176 1.00 34.84  ? 155 ALA A N   1 
ATOM   1028 C CA  . ALA A 1 159 ? 10.730  2.609   -21.639 1.00 38.00  ? 155 ALA A CA  1 
ATOM   1029 C C   . ALA A 1 159 ? 10.083  1.772   -22.696 1.00 41.58  ? 155 ALA A C   1 
ATOM   1030 O O   . ALA A 1 159 ? 10.629  1.660   -23.801 1.00 41.34  ? 155 ALA A O   1 
ATOM   1031 C CB  . ALA A 1 159 ? 11.250  1.745   -20.490 1.00 36.90  ? 155 ALA A CB  1 
ATOM   1032 N N   . GLU A 1 160 ? 8.887   1.245   -22.426 1.00 35.00  ? 156 GLU A N   1 
ATOM   1033 C CA  . GLU A 1 160 ? 8.204   0.431   -23.420 1.00 33.55  ? 156 GLU A CA  1 
ATOM   1034 C C   . GLU A 1 160 ? 7.873   1.154   -24.743 1.00 34.50  ? 156 GLU A C   1 
ATOM   1035 O O   . GLU A 1 160 ? 7.749   0.522   -25.808 1.00 40.08  ? 156 GLU A O   1 
ATOM   1036 C CB  . GLU A 1 160 ? 6.897   -0.169  -22.845 1.00 32.53  ? 156 GLU A CB  1 
ATOM   1037 C CG  . GLU A 1 160 ? 7.126   -1.146  -21.704 1.00 34.08  ? 156 GLU A CG  1 
ATOM   1038 C CD  . GLU A 1 160 ? 7.730   -2.437  -22.252 1.00 40.75  ? 156 GLU A CD  1 
ATOM   1039 O OE1 . GLU A 1 160 ? 6.948   -3.336  -22.595 1.00 37.48  ? 156 GLU A OE1 1 
ATOM   1040 O OE2 . GLU A 1 160 ? 8.982   -2.521  -22.404 1.00 41.71  ? 156 GLU A OE2 1 
ATOM   1041 N N   . ARG A 1 161 ? 7.588   2.449   -24.664 1.00 33.06  ? 157 ARG A N   1 
ATOM   1042 C CA  . ARG A 1 161 ? 7.263   3.225   -25.873 1.00 33.69  ? 157 ARG A CA  1 
ATOM   1043 C C   . ARG A 1 161 ? 8.565   3.464   -26.660 1.00 34.21  ? 157 ARG A C   1 
ATOM   1044 O O   . ARG A 1 161 ? 8.571   3.341   -27.874 1.00 39.54  ? 157 ARG A O   1 
ATOM   1045 C CB  . ARG A 1 161 ? 6.604   4.542   -25.487 1.00 30.95  ? 157 ARG A CB  1 
ATOM   1046 C CG  . ARG A 1 161 ? 5.214   4.305   -24.861 1.00 26.47  ? 157 ARG A CG  1 
ATOM   1047 C CD  . ARG A 1 161 ? 4.664   5.672   -24.414 1.00 30.93  ? 157 ARG A CD  1 
ATOM   1048 N NE  . ARG A 1 161 ? 3.250   5.464   -24.104 1.00 31.38  ? 157 ARG A NE  1 
ATOM   1049 C CZ  . ARG A 1 161 ? 2.397   6.428   -23.814 1.00 30.63  ? 157 ARG A CZ  1 
ATOM   1050 N NH1 . ARG A 1 161 ? 2.799   7.696   -23.757 1.00 26.41  ? 157 ARG A NH1 1 
ATOM   1051 N NH2 . ARG A 1 161 ? 1.154   6.088   -23.529 1.00 27.44  ? 157 ARG A NH2 1 
ATOM   1052 N N   . ASP A 1 162 ? 9.648   3.766   -25.962 1.00 39.69  ? 158 ASP A N   1 
ATOM   1053 C CA  . ASP A 1 162 ? 10.933  4.013   -26.641 1.00 46.44  ? 158 ASP A CA  1 
ATOM   1054 C C   . ASP A 1 162 ? 11.356  2.779   -27.354 1.00 49.25  ? 158 ASP A C   1 
ATOM   1055 O O   . ASP A 1 162 ? 11.770  2.871   -28.483 1.00 53.23  ? 158 ASP A O   1 
ATOM   1056 C CB  . ASP A 1 162 ? 11.993  4.424   -25.674 1.00 47.05  ? 158 ASP A CB  1 
ATOM   1057 C CG  . ASP A 1 162 ? 11.708  5.774   -25.104 1.00 59.11  ? 158 ASP A CG  1 
ATOM   1058 O OD1 . ASP A 1 162 ? 10.817  6.466   -25.670 1.00 64.51  ? 158 ASP A OD1 1 
ATOM   1059 O OD2 . ASP A 1 162 ? 12.332  6.134   -24.075 1.00 64.75  ? 158 ASP A OD2 1 
ATOM   1060 N N   . ARG A 1 163 ? 11.223  1.611   -26.741 1.00 46.83  ? 159 ARG A N   1 
ATOM   1061 C CA  . ARG A 1 163 ? 11.604  0.395   -27.466 1.00 47.77  ? 159 ARG A CA  1 
ATOM   1062 C C   . ARG A 1 163 ? 10.597  0.013   -28.550 1.00 44.21  ? 159 ARG A C   1 
ATOM   1063 O O   . ARG A 1 163 ? 10.751  -0.987  -29.218 1.00 44.99  ? 159 ARG A O   1 
ATOM   1064 C CB  . ARG A 1 163 ? 11.910  -0.761  -26.530 1.00 47.95  ? 159 ARG A CB  1 
ATOM   1065 C CG  . ARG A 1 163 ? 10.690  -1.500  -26.065 1.00 53.36  ? 159 ARG A CG  1 
ATOM   1066 C CD  . ARG A 1 163 ? 11.044  -2.680  -25.174 1.00 62.90  ? 159 ARG A CD  1 
ATOM   1067 N NE  . ARG A 1 163 ? 11.908  -2.236  -24.092 1.00 77.83  ? 159 ARG A NE  1 
ATOM   1068 C CZ  . ARG A 1 163 ? 13.243  -2.310  -24.092 1.00 94.03  ? 159 ARG A CZ  1 
ATOM   1069 N NH1 . ARG A 1 163 ? 13.891  -2.845  -25.126 1.00 113.05 ? 159 ARG A NH1 1 
ATOM   1070 N NH2 . ARG A 1 163 ? 13.943  -1.854  -23.048 1.00 88.12  ? 159 ARG A NH2 1 
ATOM   1071 N N   . GLY A 1 164 ? 9.564   0.801   -28.769 1.00 39.30  ? 160 GLY A N   1 
ATOM   1072 C CA  . GLY A 1 164 ? 8.601   0.424   -29.798 1.00 33.40  ? 160 GLY A CA  1 
ATOM   1073 C C   . GLY A 1 164 ? 7.618   -0.654  -29.423 1.00 37.31  ? 160 GLY A C   1 
ATOM   1074 O O   . GLY A 1 164 ? 6.869   -1.080  -30.268 1.00 40.44  ? 160 GLY A O   1 
ATOM   1075 N N   . ALA A 1 165 ? 7.562   -1.077  -28.160 1.00 35.90  ? 161 ALA A N   1 
ATOM   1076 C CA  . ALA A 1 165 ? 6.620   -2.171  -27.728 1.00 40.72  ? 161 ALA A CA  1 
ATOM   1077 C C   . ALA A 1 165 ? 5.183   -1.646  -27.430 1.00 39.36  ? 161 ALA A C   1 
ATOM   1078 O O   . ALA A 1 165 ? 4.219   -2.359  -27.515 1.00 39.36  ? 161 ALA A O   1 
ATOM   1079 C CB  . ALA A 1 165 ? 7.190   -2.895  -26.495 1.00 36.82  ? 161 ALA A CB  1 
ATOM   1080 N N   . ALA A 1 166 ? 5.052   -0.387  -27.090 1.00 38.17  ? 162 ALA A N   1 
ATOM   1081 C CA  . ALA A 1 166 ? 3.728   0.194   -26.767 1.00 37.74  ? 162 ALA A CA  1 
ATOM   1082 C C   . ALA A 1 166 ? 3.528   1.486   -27.576 1.00 32.72  ? 162 ALA A C   1 
ATOM   1083 O O   . ALA A 1 166 ? 4.474   2.263   -27.695 1.00 30.22  ? 162 ALA A O   1 
ATOM   1084 C CB  . ALA A 1 166 ? 3.668   0.527   -25.280 1.00 32.14  ? 162 ALA A CB  1 
ATOM   1085 N N   . PRO A 1 167 ? 2.300   1.747   -28.045 1.00 33.70  ? 163 PRO A N   1 
ATOM   1086 C CA  . PRO A 1 167 ? 2.074   2.937   -28.859 1.00 31.84  ? 163 PRO A CA  1 
ATOM   1087 C C   . PRO A 1 167 ? 2.042   4.231   -28.007 1.00 37.72  ? 163 PRO A C   1 
ATOM   1088 O O   . PRO A 1 167 ? 1.675   4.182   -26.809 1.00 36.33  ? 163 PRO A O   1 
ATOM   1089 C CB  . PRO A 1 167 ? 0.715   2.654   -29.443 1.00 31.97  ? 163 PRO A CB  1 
ATOM   1090 C CG  . PRO A 1 167 ? -0.032  1.956   -28.346 1.00 34.85  ? 163 PRO A CG  1 
ATOM   1091 C CD  . PRO A 1 167 ? 1.035   1.015   -27.789 1.00 34.90  ? 163 PRO A CD  1 
ATOM   1092 N N   . ARG A 1 168 ? 2.441   5.374   -28.576 1.00 32.05  ? 164 ARG A N   1 
ATOM   1093 C CA  . ARG A 1 168 ? 2.275   6.675   -27.900 1.00 38.37  ? 164 ARG A CA  1 
ATOM   1094 C C   . ARG A 1 168 ? 0.791   7.161   -27.915 1.00 36.84  ? 164 ARG A C   1 
ATOM   1095 O O   . ARG A 1 168 ? 0.358   7.841   -28.822 1.00 38.68  ? 164 ARG A O   1 
ATOM   1096 C CB  . ARG A 1 168 ? 3.271   7.743   -28.466 1.00 39.14  ? 164 ARG A CB  1 
ATOM   1097 C CG  . ARG A 1 168 ? 4.685   7.167   -28.664 1.00 48.11  ? 164 ARG A CG  1 
ATOM   1098 C CD  . ARG A 1 168 ? 5.812   8.201   -28.835 1.00 59.92  ? 164 ARG A CD  1 
ATOM   1099 N NE  . ARG A 1 168 ? 7.182   7.622   -28.671 1.00 64.20  ? 164 ARG A NE  1 
ATOM   1100 C CZ  . ARG A 1 168 ? 7.883   7.572   -27.515 1.00 62.09  ? 164 ARG A CZ  1 
ATOM   1101 N NH1 . ARG A 1 168 ? 7.392   8.056   -26.374 1.00 57.97  ? 164 ARG A NH1 1 
ATOM   1102 N NH2 . ARG A 1 168 ? 9.098   7.022   -27.477 1.00 53.10  ? 164 ARG A NH2 1 
ATOM   1103 N N   . THR A 1 169 ? -0.003  6.786   -26.930 1.00 32.79  ? 165 THR A N   1 
ATOM   1104 C CA  . THR A 1 169 ? -1.400  7.187   -26.879 1.00 32.45  ? 165 THR A CA  1 
ATOM   1105 C C   . THR A 1 169 ? -1.520  8.361   -25.887 1.00 36.55  ? 165 THR A C   1 
ATOM   1106 O O   . THR A 1 169 ? -1.109  9.458   -26.186 1.00 37.33  ? 165 THR A O   1 
ATOM   1107 C CB  . THR A 1 169 ? -2.272  5.976   -26.414 1.00 35.09  ? 165 THR A CB  1 
ATOM   1108 O OG1 . THR A 1 169 ? -1.625  5.350   -25.297 1.00 32.49  ? 165 THR A OG1 1 
ATOM   1109 C CG2 . THR A 1 169 ? -2.380  4.910   -27.529 1.00 37.13  ? 165 THR A CG2 1 
ATOM   1110 N N   . LEU A 1 170 ? -1.973  8.110   -24.653 1.00 31.14  ? 166 LEU A N   1 
ATOM   1111 C CA  . LEU A 1 170 ? -2.088  9.150   -23.660 1.00 28.65  ? 166 LEU A CA  1 
ATOM   1112 C C   . LEU A 1 170 ? -0.714  9.531   -23.168 1.00 29.85  ? 166 LEU A C   1 
ATOM   1113 O O   . LEU A 1 170 ? 0.180   8.677   -23.156 1.00 29.04  ? 166 LEU A O   1 
ATOM   1114 C CB  . LEU A 1 170 ? -2.819  8.597   -22.429 1.00 27.42  ? 166 LEU A CB  1 
ATOM   1115 C CG  . LEU A 1 170 ? -4.312  8.281   -22.535 1.00 30.63  ? 166 LEU A CG  1 
ATOM   1116 C CD1 . LEU A 1 170 ? -4.719  7.720   -21.178 1.00 27.25  ? 166 LEU A CD1 1 
ATOM   1117 C CD2 . LEU A 1 170 ? -5.138  9.540   -22.918 1.00 30.79  ? 166 LEU A CD2 1 
ATOM   1118 N N   . PRO A 1 171 ? -0.572  10.745  -22.628 1.00 29.07  ? 167 PRO A N   1 
ATOM   1119 C CA  . PRO A 1 171 ? 0.583   11.088  -21.761 1.00 28.45  ? 167 PRO A CA  1 
ATOM   1120 C C   . PRO A 1 171 ? 0.835   10.000  -20.685 1.00 31.02  ? 167 PRO A C   1 
ATOM   1121 O O   . PRO A 1 171 ? -0.089  9.630   -19.972 1.00 27.92  ? 167 PRO A O   1 
ATOM   1122 C CB  . PRO A 1 171 ? 0.148   12.386  -21.063 1.00 31.75  ? 167 PRO A CB  1 
ATOM   1123 C CG  . PRO A 1 171 ? -0.910  12.997  -22.010 1.00 29.35  ? 167 PRO A CG  1 
ATOM   1124 C CD  . PRO A 1 171 ? -1.631  11.781  -22.583 1.00 28.96  ? 167 PRO A CD  1 
ATOM   1125 N N   . ALA A 1 172 ? 2.080   9.496   -20.601 1.00 27.85  ? 168 ALA A N   1 
ATOM   1126 C CA  . ALA A 1 172 ? 2.443   8.316   -19.823 1.00 26.81  ? 168 ALA A CA  1 
ATOM   1127 C C   . ALA A 1 172 ? 2.133   8.556   -18.385 1.00 23.65  ? 168 ALA A C   1 
ATOM   1128 O O   . ALA A 1 172 ? 1.623   7.665   -17.672 1.00 23.36  ? 168 ALA A O   1 
ATOM   1129 C CB  . ALA A 1 172 ? 3.936   8.033   -19.973 1.00 27.73  ? 168 ALA A CB  1 
ATOM   1130 N N   . HIS A 1 173 ? 2.384   9.765   -17.951 1.00 22.49  ? 169 HIS A N   1 
ATOM   1131 C CA  . HIS A 1 173 ? 2.199   10.129  -16.594 1.00 24.83  ? 169 HIS A CA  1 
ATOM   1132 C C   . HIS A 1 173 ? 0.727   10.205  -16.164 1.00 25.77  ? 169 HIS A C   1 
ATOM   1133 O O   . HIS A 1 173 ? 0.414   9.792   -15.049 1.00 22.27  ? 169 HIS A O   1 
ATOM   1134 C CB  . HIS A 1 173 ? 2.963   11.412  -16.257 1.00 27.69  ? 169 HIS A CB  1 
ATOM   1135 C CG  . HIS A 1 173 ? 3.173   11.631  -14.767 1.00 28.43  ? 169 HIS A CG  1 
ATOM   1136 N ND1 . HIS A 1 173 ? 2.267   12.260  -13.958 1.00 27.68  ? 169 HIS A ND1 1 
ATOM   1137 C CD2 . HIS A 1 173 ? 4.234   11.209  -13.922 1.00 29.88  ? 169 HIS A CD2 1 
ATOM   1138 C CE1 . HIS A 1 173 ? 2.745   12.284  -12.668 1.00 26.59  ? 169 HIS A CE1 1 
ATOM   1139 N NE2 . HIS A 1 173 ? 3.954   11.656  -12.657 1.00 29.40  ? 169 HIS A NE2 1 
ATOM   1140 N N   . GLU A 1 174 ? -0.163  10.711  -17.018 1.00 22.25  ? 170 GLU A N   1 
ATOM   1141 C CA  . GLU A 1 174 ? -1.590  10.693  -16.733 1.00 25.48  ? 170 GLU A CA  1 
ATOM   1142 C C   . GLU A 1 174 ? -2.148  9.244   -16.782 1.00 23.14  ? 170 GLU A C   1 
ATOM   1143 O O   . GLU A 1 174 ? -3.007  8.878   -15.961 1.00 21.17  ? 170 GLU A O   1 
ATOM   1144 C CB  . GLU A 1 174 ? -2.354  11.579  -17.766 1.00 30.44  ? 170 GLU A CB  1 
ATOM   1145 C CG  . GLU A 1 174 ? -1.864  13.025  -17.598 1.00 36.60  ? 170 GLU A CG  1 
ATOM   1146 C CD  . GLU A 1 174 ? -2.330  14.024  -18.696 1.00 43.65  ? 170 GLU A CD  1 
ATOM   1147 O OE1 . GLU A 1 174 ? -3.167  13.623  -19.583 1.00 32.79  ? 170 GLU A OE1 1 
ATOM   1148 O OE2 . GLU A 1 174 ? -1.844  15.231  -18.635 1.00 41.01  ? 170 GLU A OE2 1 
ATOM   1149 N N   . LEU A 1 175 ? -1.688  8.438   -17.747 1.00 22.18  ? 171 LEU A N   1 
ATOM   1150 C CA  . LEU A 1 175 ? -2.069  7.045   -17.764 1.00 22.96  ? 171 LEU A CA  1 
ATOM   1151 C C   . LEU A 1 175 ? -1.636  6.350   -16.437 1.00 21.40  ? 171 LEU A C   1 
ATOM   1152 O O   . LEU A 1 175 ? -2.443  5.661   -15.775 1.00 21.18  ? 171 LEU A O   1 
ATOM   1153 C CB  . LEU A 1 175 ? -1.449  6.333   -18.991 1.00 22.64  ? 171 LEU A CB  1 
ATOM   1154 C CG  . LEU A 1 175 ? -1.706  4.838   -19.106 1.00 23.68  ? 171 LEU A CG  1 
ATOM   1155 C CD1 . LEU A 1 175 ? -3.203  4.522   -19.058 1.00 22.24  ? 171 LEU A CD1 1 
ATOM   1156 C CD2 . LEU A 1 175 ? -1.139  4.329   -20.456 1.00 25.06  ? 171 LEU A CD2 1 
ATOM   1157 N N   . ALA A 1 176 ? -0.392  6.544   -16.055 1.00 22.16  ? 172 ALA A N   1 
ATOM   1158 C CA  . ALA A 1 176 ? 0.126   5.909   -14.825 1.00 22.98  ? 172 ALA A CA  1 
ATOM   1159 C C   . ALA A 1 176 ? -0.637  6.388   -13.580 1.00 21.66  ? 172 ALA A C   1 
ATOM   1160 O O   . ALA A 1 176 ? -0.891  5.586   -12.648 1.00 19.98  ? 172 ALA A O   1 
ATOM   1161 C CB  . ALA A 1 176 ? 1.627   6.188   -14.692 1.00 22.62  ? 172 ALA A CB  1 
ATOM   1162 N N   . THR A 1 177 ? -1.019  7.683   -13.517 1.00 18.23  ? 173 THR A N   1 
ATOM   1163 C CA  . THR A 1 177 ? -1.825  8.166   -12.346 1.00 18.62  ? 173 THR A CA  1 
ATOM   1164 C C   . THR A 1 177 ? -3.165  7.420   -12.265 1.00 19.08  ? 173 THR A C   1 
ATOM   1165 O O   . THR A 1 177 ? -3.494  6.890   -11.220 1.00 17.77  ? 173 THR A O   1 
ATOM   1166 C CB  . THR A 1 177 ? -2.074  9.701   -12.446 1.00 22.76  ? 173 THR A CB  1 
ATOM   1167 O OG1 . THR A 1 177 ? -0.790  10.313  -12.565 1.00 21.44  ? 173 THR A OG1 1 
ATOM   1168 C CG2 . THR A 1 177 ? -2.812  10.223  -11.247 1.00 20.63  ? 173 THR A CG2 1 
ATOM   1169 N N   . ALA A 1 178 ? -3.885  7.289   -13.391 1.00 17.78  ? 174 ALA A N   1 
ATOM   1170 C CA  . ALA A 1 178 ? -5.205  6.680   -13.320 1.00 17.23  ? 174 ALA A CA  1 
ATOM   1171 C C   . ALA A 1 178 ? -5.080  5.200   -12.998 1.00 17.94  ? 174 ALA A C   1 
ATOM   1172 O O   . ALA A 1 178 ? -5.923  4.677   -12.208 1.00 19.23  ? 174 ALA A O   1 
ATOM   1173 C CB  . ALA A 1 178 ? -5.988  6.879   -14.650 1.00 18.05  ? 174 ALA A CB  1 
ATOM   1174 N N   . LEU A 1 179 ? -4.049  4.511   -13.530 1.00 17.25  ? 175 LEU A N   1 
ATOM   1175 C CA  . LEU A 1 179 ? -3.949  3.037   -13.294 1.00 17.25  ? 175 LEU A CA  1 
ATOM   1176 C C   . LEU A 1 179 ? -3.535  2.819   -11.823 1.00 18.95  ? 175 LEU A C   1 
ATOM   1177 O O   . LEU A 1 179 ? -3.984  1.866   -11.167 1.00 17.94  ? 175 LEU A O   1 
ATOM   1178 C CB  . LEU A 1 179 ? -2.875  2.449   -14.226 1.00 17.04  ? 175 LEU A CB  1 
ATOM   1179 C CG  . LEU A 1 179 ? -3.364  2.343   -15.690 1.00 18.77  ? 175 LEU A CG  1 
ATOM   1180 C CD1 . LEU A 1 179 ? -2.224  1.765   -16.528 1.00 18.02  ? 175 LEU A CD1 1 
ATOM   1181 C CD2 . LEU A 1 179 ? -4.604  1.467   -15.929 1.00 18.66  ? 175 LEU A CD2 1 
ATOM   1182 N N   . ASN A 1 180 ? -2.698  3.698   -11.282 1.00 17.09  ? 176 ASN A N   1 
ATOM   1183 C CA  . ASN A 1 180 ? -2.313  3.495   -9.871  1.00 18.33  ? 176 ASN A CA  1 
ATOM   1184 C C   . ASN A 1 180 ? -3.455  3.777   -8.944  1.00 19.45  ? 176 ASN A C   1 
ATOM   1185 O O   . ASN A 1 180 ? -3.608  3.107   -7.904  1.00 18.98  ? 176 ASN A O   1 
ATOM   1186 C CB  . ASN A 1 180 ? -1.121  4.422   -9.491  1.00 20.11  ? 176 ASN A CB  1 
ATOM   1187 C CG  . ASN A 1 180 ? 0.213   3.790   -9.767  1.00 21.30  ? 176 ASN A CG  1 
ATOM   1188 O OD1 . ASN A 1 180 ? 0.863   3.387   -8.829  1.00 25.27  ? 176 ASN A OD1 1 
ATOM   1189 N ND2 . ASN A 1 180 ? 0.660   3.778   -11.004 1.00 18.40  ? 176 ASN A ND2 1 
ATOM   1190 N N   . LEU A 1 181 ? -4.199  4.840   -9.244  1.00 18.46  ? 177 LEU A N   1 
ATOM   1191 C CA  . LEU A 1 181 ? -5.429  5.127   -8.444  1.00 18.43  ? 177 LEU A CA  1 
ATOM   1192 C C   . LEU A 1 181 ? -6.453  3.981   -8.536  1.00 18.79  ? 177 LEU A C   1 
ATOM   1193 O O   . LEU A 1 181 ? -7.114  3.651   -7.543  1.00 20.73  ? 177 LEU A O   1 
ATOM   1194 C CB  . LEU A 1 181 ? -6.094  6.427   -8.866  1.00 18.38  ? 177 LEU A CB  1 
ATOM   1195 C CG  . LEU A 1 181 ? -5.248  7.688   -8.449  1.00 20.89  ? 177 LEU A CG  1 
ATOM   1196 C CD1 . LEU A 1 181 ? -5.845  8.947   -9.039  1.00 24.60  ? 177 LEU A CD1 1 
ATOM   1197 C CD2 . LEU A 1 181 ? -5.204  7.873   -6.917  1.00 23.61  ? 177 LEU A CD2 1 
ATOM   1198 N N   . MET A 1 182 ? -6.603  3.413   -9.713  1.00 18.47  ? 178 MET A N   1 
ATOM   1199 C CA  . MET A 1 182 ? -7.484  2.274   -9.861  1.00 19.16  ? 178 MET A CA  1 
ATOM   1200 C C   . MET A 1 182 ? -7.019  1.165   -8.937  1.00 18.43  ? 178 MET A C   1 
ATOM   1201 O O   . MET A 1 182 ? -7.838  0.558   -8.219  1.00 18.37  ? 178 MET A O   1 
ATOM   1202 C CB  . MET A 1 182 ? -7.464  1.749   -11.282 1.00 17.08  ? 178 MET A CB  1 
ATOM   1203 C CG  . MET A 1 182 ? -8.188  0.357   -11.353 1.00 16.70  ? 178 MET A CG  1 
ATOM   1204 S SD  . MET A 1 182 ? -8.300  -0.272  -13.059 1.00 22.87  ? 178 MET A SD  1 
ATOM   1205 C CE  . MET A 1 182 ? -6.536  -0.625  -13.409 1.00 17.01  ? 178 MET A CE  1 
ATOM   1206 N N   . ASN A 1 183 ? -5.728  0.831   -8.999  1.00 19.28  ? 179 ASN A N   1 
ATOM   1207 C CA  . ASN A 1 183 ? -5.257  -0.278  -8.146  1.00 19.69  ? 179 ASN A CA  1 
ATOM   1208 C C   . ASN A 1 183 ? -5.426  0.020   -6.702  1.00 21.61  ? 179 ASN A C   1 
ATOM   1209 O O   . ASN A 1 183 ? -5.814  -0.879  -5.953  1.00 19.51  ? 179 ASN A O   1 
ATOM   1210 C CB  . ASN A 1 183 ? -3.760  -0.532  -8.362  1.00 21.34  ? 179 ASN A CB  1 
ATOM   1211 C CG  . ASN A 1 183 ? -3.501  -1.258  -9.656  1.00 23.35  ? 179 ASN A CG  1 
ATOM   1212 O OD1 . ASN A 1 183 ? -4.411  -1.393  -10.513 1.00 23.58  ? 179 ASN A OD1 1 
ATOM   1213 N ND2 . ASN A 1 183 ? -2.268  -1.733  -9.827  1.00 22.10  ? 179 ASN A ND2 1 
ATOM   1214 N N   . GLU A 1 184 ? -5.063  1.248   -6.271  1.00 20.74  ? 180 GLU A N   1 
ATOM   1215 C CA  . GLU A 1 184 ? -5.222  1.579   -4.856  1.00 21.24  ? 180 GLU A CA  1 
ATOM   1216 C C   . GLU A 1 184 ? -6.693  1.357   -4.414  1.00 21.52  ? 180 GLU A C   1 
ATOM   1217 O O   . GLU A 1 184 ? -6.949  0.639   -3.391  1.00 20.59  ? 180 GLU A O   1 
ATOM   1218 C CB  . GLU A 1 184 ? -4.843  3.010   -4.594  1.00 22.14  ? 180 GLU A CB  1 
ATOM   1219 C CG  . GLU A 1 184 ? -4.824  3.393   -3.148  1.00 27.88  ? 180 GLU A CG  1 
ATOM   1220 C CD  . GLU A 1 184 ? -5.546  4.735   -2.955  1.00 33.70  ? 180 GLU A CD  1 
ATOM   1221 O OE1 . GLU A 1 184 ? -4.939  5.826   -2.954  1.00 31.72  ? 180 GLU A OE1 1 
ATOM   1222 O OE2 . GLU A 1 184 ? -6.754  4.707   -2.915  1.00 42.62  ? 180 GLU A OE2 1 
ATOM   1223 N N   . ARG A 1 185 ? -7.640  1.886   -5.174  1.00 18.32  ? 181 ARG A N   1 
ATOM   1224 C CA  . ARG A 1 185 ? -9.050  1.823   -4.777  1.00 18.84  ? 181 ARG A CA  1 
ATOM   1225 C C   . ARG A 1 185 ? -9.573  0.384   -4.817  1.00 18.93  ? 181 ARG A C   1 
ATOM   1226 O O   . ARG A 1 185 ? -10.363 -0.057  -3.921  1.00 19.99  ? 181 ARG A O   1 
ATOM   1227 C CB  . ARG A 1 185 ? -9.874  2.699   -5.707  1.00 17.45  ? 181 ARG A CB  1 
ATOM   1228 C CG  . ARG A 1 185 ? -11.359 2.769   -5.384  1.00 19.25  ? 181 ARG A CG  1 
ATOM   1229 C CD  . ARG A 1 185 ? -11.605 3.541   -4.044  1.00 22.52  ? 181 ARG A CD  1 
ATOM   1230 N NE  . ARG A 1 185 ? -13.040 3.633   -3.804  1.00 30.47  ? 181 ARG A NE  1 
ATOM   1231 C CZ  . ARG A 1 185 ? -13.763 2.745   -3.092  1.00 34.15  ? 181 ARG A CZ  1 
ATOM   1232 N NH1 . ARG A 1 185 ? -13.204 1.727   -2.511  1.00 27.82  ? 181 ARG A NH1 1 
ATOM   1233 N NH2 . ARG A 1 185 ? -15.077 2.870   -2.991  1.00 33.70  ? 181 ARG A NH2 1 
ATOM   1234 N N   . THR A 1 186 ? -9.167  -0.362  -5.866  1.00 18.23  ? 182 THR A N   1 
ATOM   1235 C CA  . THR A 1 186 ? -9.714  -1.746  -6.118  1.00 19.99  ? 182 THR A CA  1 
ATOM   1236 C C   . THR A 1 186 ? -9.104  -2.695  -5.142  1.00 22.09  ? 182 THR A C   1 
ATOM   1237 O O   . THR A 1 186 ? -9.798  -3.499  -4.492  1.00 22.71  ? 182 THR A O   1 
ATOM   1238 C CB  . THR A 1 186 ? -9.382  -2.165  -7.606  1.00 22.81  ? 182 THR A CB  1 
ATOM   1239 O OG1 . THR A 1 186 ? -10.041 -1.178  -8.422  1.00 20.57  ? 182 THR A OG1 1 
ATOM   1240 C CG2 . THR A 1 186 ? -10.011 -3.517  -7.947  1.00 24.29  ? 182 THR A CG2 1 
ATOM   1241 N N   . LEU A 1 187 ? -7.790  -2.592  -4.972  1.00 21.06  ? 183 LEU A N   1 
ATOM   1242 C CA  . LEU A 1 187 ? -7.130  -3.497  -3.971  1.00 21.79  ? 183 LEU A CA  1 
ATOM   1243 C C   . LEU A 1 187 ? -7.741  -3.254  -2.621  1.00 23.44  ? 183 LEU A C   1 
ATOM   1244 O O   . LEU A 1 187 ? -8.159  -4.215  -1.953  1.00 24.49  ? 183 LEU A O   1 
ATOM   1245 C CB  . LEU A 1 187 ? -5.598  -3.299  -3.894  1.00 21.83  ? 183 LEU A CB  1 
ATOM   1246 C CG  . LEU A 1 187 ? -4.858  -3.861  -5.138  1.00 24.05  ? 183 LEU A CG  1 
ATOM   1247 C CD1 . LEU A 1 187 ? -3.419  -3.349  -4.974  1.00 26.93  ? 183 LEU A CD1 1 
ATOM   1248 C CD2 . LEU A 1 187 ? -4.938  -5.388  -5.283  1.00 27.87  ? 183 LEU A CD2 1 
ATOM   1249 N N   . PHE A 1 188 ? -7.868  -1.992  -2.240  1.00 25.00  ? 184 PHE A N   1 
ATOM   1250 C CA  . PHE A 1 188 ? -8.365  -1.698  -0.893  1.00 29.83  ? 184 PHE A CA  1 
ATOM   1251 C C   . PHE A 1 188 ? -9.845  -2.064  -0.720  1.00 29.21  ? 184 PHE A C   1 
ATOM   1252 O O   . PHE A 1 188 ? -10.212 -2.646  0.305   1.00 27.46  ? 184 PHE A O   1 
ATOM   1253 C CB  . PHE A 1 188 ? -7.935  -0.296  -0.382  1.00 31.84  ? 184 PHE A CB  1 
ATOM   1254 C CG  . PHE A 1 188 ? -6.340  -0.122  -0.287  1.00 37.16  ? 184 PHE A CG  1 
ATOM   1255 C CD1 . PHE A 1 188 ? -5.434  -1.174  -0.658  1.00 34.94  ? 184 PHE A CD1 1 
ATOM   1256 C CD2 . PHE A 1 188 ? -5.754  1.082   0.118   1.00 36.71  ? 184 PHE A CD2 1 
ATOM   1257 C CE1 . PHE A 1 188 ? -4.030  -1.009  -0.647  1.00 38.47  ? 184 PHE A CE1 1 
ATOM   1258 C CE2 . PHE A 1 188 ? -4.351  1.228   0.155   1.00 35.46  ? 184 PHE A CE2 1 
ATOM   1259 C CZ  . PHE A 1 188 ? -3.497  0.196   -0.214  1.00 32.09  ? 184 PHE A CZ  1 
ATOM   1260 N N   . ALA A 1 189 ? -10.687 -1.852  -1.726  1.00 25.71  ? 185 ALA A N   1 
ATOM   1261 C CA  . ALA A 1 189 ? -12.075 -2.344  -1.586  1.00 26.77  ? 185 ALA A CA  1 
ATOM   1262 C C   . ALA A 1 189 ? -12.069 -3.909  -1.391  1.00 29.00  ? 185 ALA A C   1 
ATOM   1263 O O   . ALA A 1 189 ? -12.884 -4.427  -0.598  1.00 30.19  ? 185 ALA A O   1 
ATOM   1264 C CB  . ALA A 1 189 ? -12.898 -2.002  -2.804  1.00 23.19  ? 185 ALA A CB  1 
ATOM   1265 N N   . SER A 1 190 ? -11.252 -4.636  -2.161  1.00 25.19  ? 186 SER A N   1 
ATOM   1266 C CA  . SER A 1 190 ? -11.209 -6.091  -2.090  1.00 27.96  ? 186 SER A CA  1 
ATOM   1267 C C   . SER A 1 190 ? -10.813 -6.507  -0.739  1.00 30.60  ? 186 SER A C   1 
ATOM   1268 O O   . SER A 1 190 ? -11.474 -7.395  -0.179  1.00 33.26  ? 186 SER A O   1 
ATOM   1269 C CB  . SER A 1 190 ? -10.206 -6.731  -3.083  1.00 29.10  ? 186 SER A CB  1 
ATOM   1270 O OG  . SER A 1 190 ? -10.738 -6.647  -4.400  1.00 39.20  ? 186 SER A OG  1 
ATOM   1271 N N   . PHE A 1 191 ? -9.760  -5.883  -0.190  1.00 25.90  ? 187 PHE A N   1 
ATOM   1272 C CA  . PHE A 1 191 ? -9.216  -6.328  1.101   1.00 29.70  ? 187 PHE A CA  1 
ATOM   1273 C C   . PHE A 1 191 ? -10.213 -6.067  2.189   1.00 40.27  ? 187 PHE A C   1 
ATOM   1274 O O   . PHE A 1 191 ? -10.247 -6.815  3.157   1.00 37.56  ? 187 PHE A O   1 
ATOM   1275 C CB  . PHE A 1 191 ? -7.953  -5.590  1.487   1.00 26.99  ? 187 PHE A CB  1 
ATOM   1276 C CG  . PHE A 1 191 ? -6.768  -5.884  0.565   1.00 28.39  ? 187 PHE A CG  1 
ATOM   1277 C CD1 . PHE A 1 191 ? -6.709  -7.086  -0.174  1.00 29.16  ? 187 PHE A CD1 1 
ATOM   1278 C CD2 . PHE A 1 191 ? -5.724  -4.977  0.472   1.00 29.25  ? 187 PHE A CD2 1 
ATOM   1279 C CE1 . PHE A 1 191 ? -5.611  -7.328  -1.042  1.00 31.07  ? 187 PHE A CE1 1 
ATOM   1280 C CE2 . PHE A 1 191 ? -4.618  -5.216  -0.368  1.00 29.54  ? 187 PHE A CE2 1 
ATOM   1281 C CZ  . PHE A 1 191 ? -4.569  -6.401  -1.121  1.00 28.56  ? 187 PHE A CZ  1 
ATOM   1282 N N   . ALA A 1 192 ? -10.971 -4.973  2.091   1.00 36.70  ? 188 ALA A N   1 
ATOM   1283 C CA  . ALA A 1 192 ? -12.032 -4.702  3.098   1.00 39.36  ? 188 ALA A CA  1 
ATOM   1284 C C   . ALA A 1 192 ? -13.326 -5.494  2.832   1.00 39.27  ? 188 ALA A C   1 
ATOM   1285 O O   . ALA A 1 192 ? -14.264 -5.411  3.577   1.00 43.81  ? 188 ALA A O   1 
ATOM   1286 C CB  . ALA A 1 192 ? -12.276 -3.180  3.215   1.00 37.80  ? 188 ALA A CB  1 
ATOM   1287 N N   . GLY A 1 193 ? -13.376 -6.287  1.764   1.00 45.40  ? 189 GLY A N   1 
ATOM   1288 C CA  . GLY A 1 193 ? -14.625 -6.839  1.247   1.00 40.17  ? 189 GLY A CA  1 
ATOM   1289 C C   . GLY A 1 193 ? -15.795 -5.828  1.211   1.00 52.97  ? 189 GLY A C   1 
ATOM   1290 O O   . GLY A 1 193 ? -16.907 -6.116  1.714   1.00 43.08  ? 189 GLY A O   1 
ATOM   1291 N N   . GLU A 1 194 ? -15.576 -4.650  0.608   1.00 42.44  ? 190 GLU A N   1 
ATOM   1292 C CA  . GLU A 1 194 ? -16.627 -3.659  0.442   1.00 37.55  ? 190 GLU A CA  1 
ATOM   1293 C C   . GLU A 1 194 ? -17.653 -4.176  -0.511  1.00 35.06  ? 190 GLU A C   1 
ATOM   1294 O O   . GLU A 1 194 ? -17.417 -5.057  -1.326  1.00 33.70  ? 190 GLU A O   1 
ATOM   1295 C CB  . GLU A 1 194 ? -16.078 -2.371  -0.125  1.00 36.57  ? 190 GLU A CB  1 
ATOM   1296 C CG  . GLU A 1 194 ? -15.287 -1.610  0.885   1.00 41.75  ? 190 GLU A CG  1 
ATOM   1297 C CD  . GLU A 1 194 ? -14.758 -0.322  0.254   1.00 46.88  ? 190 GLU A CD  1 
ATOM   1298 O OE1 . GLU A 1 194 ? -15.019 -0.063  -0.960  1.00 41.59  ? 190 GLU A OE1 1 
ATOM   1299 O OE2 . GLU A 1 194 ? -14.075 0.420   0.972   1.00 47.61  ? 190 GLU A OE2 1 
ATOM   1300 N N   . GLN A 1 195 ? -18.830 -3.602  -0.415  1.00 37.74  ? 191 GLN A N   1 
ATOM   1301 C CA  . GLN A 1 195 ? -19.923 -3.965  -1.275  1.00 43.54  ? 191 GLN A CA  1 
ATOM   1302 C C   . GLN A 1 195 ? -20.065 -2.744  -2.161  1.00 38.88  ? 191 GLN A C   1 
ATOM   1303 O O   . GLN A 1 195 ? -20.429 -1.680  -1.689  1.00 41.52  ? 191 GLN A O   1 
ATOM   1304 C CB  . GLN A 1 195 ? -21.167 -4.161  -0.370  1.00 57.67  ? 191 GLN A CB  1 
ATOM   1305 C CG  . GLN A 1 195 ? -22.442 -4.656  -1.040  1.00 65.29  ? 191 GLN A CG  1 
ATOM   1306 C CD  . GLN A 1 195 ? -22.314 -6.101  -1.503  1.00 75.60  ? 191 GLN A CD  1 
ATOM   1307 O OE1 . GLN A 1 195 ? -21.686 -6.386  -2.532  1.00 74.24  ? 191 GLN A OE1 1 
ATOM   1308 N NE2 . GLN A 1 195 ? -22.908 -7.017  -0.745  1.00 67.38  ? 191 GLN A NE2 1 
ATOM   1309 N N   . PRO A 1 196 ? -19.715 -2.841  -3.439  1.00 39.24  ? 192 PRO A N   1 
ATOM   1310 C CA  . PRO A 1 196 ? -19.203 -3.946  -4.234  1.00 35.25  ? 192 PRO A CA  1 
ATOM   1311 C C   . PRO A 1 196 ? -17.659 -3.966  -4.300  1.00 31.20  ? 192 PRO A C   1 
ATOM   1312 O O   . PRO A 1 196 ? -16.996 -2.965  -4.020  1.00 29.37  ? 192 PRO A O   1 
ATOM   1313 C CB  . PRO A 1 196 ? -19.771 -3.625  -5.625  1.00 36.15  ? 192 PRO A CB  1 
ATOM   1314 C CG  . PRO A 1 196 ? -19.786 -2.131  -5.670  1.00 32.40  ? 192 PRO A CG  1 
ATOM   1315 C CD  . PRO A 1 196 ? -19.931 -1.625  -4.256  1.00 36.46  ? 192 PRO A CD  1 
ATOM   1316 N N   . SER A 1 197 ? -17.075 -5.089  -4.733  1.00 29.47  ? 193 SER A N   1 
ATOM   1317 C CA  . SER A 1 197 ? -15.609 -5.151  -4.878  1.00 26.47  ? 193 SER A CA  1 
ATOM   1318 C C   . SER A 1 197 ? -15.324 -6.332  -5.725  1.00 26.41  ? 193 SER A C   1 
ATOM   1319 O O   . SER A 1 197 ? -16.162 -7.182  -5.801  1.00 28.74  ? 193 SER A O   1 
ATOM   1320 C CB  . SER A 1 197 ? -14.874 -5.330  -3.522  1.00 27.23  ? 193 SER A CB  1 
ATOM   1321 O OG  . SER A 1 197 ? -15.398 -6.396  -2.749  1.00 28.01  ? 193 SER A OG  1 
ATOM   1322 N N   . VAL A 1 198 ? -14.163 -6.397  -6.345  1.00 23.34  ? 194 VAL A N   1 
ATOM   1323 C CA  . VAL A 1 198 ? -13.724 -7.627  -7.057  1.00 23.09  ? 194 VAL A CA  1 
ATOM   1324 C C   . VAL A 1 198 ? -13.303 -8.622  -5.967  1.00 25.93  ? 194 VAL A C   1 
ATOM   1325 O O   . VAL A 1 198 ? -12.590 -8.233  -5.047  1.00 24.01  ? 194 VAL A O   1 
ATOM   1326 C CB  . VAL A 1 198 ? -12.510 -7.266  -7.951  1.00 20.75  ? 194 VAL A CB  1 
ATOM   1327 C CG1 . VAL A 1 198 ? -11.998 -8.459  -8.801  1.00 20.48  ? 194 VAL A CG1 1 
ATOM   1328 C CG2 . VAL A 1 198 ? -12.912 -6.164  -8.932  1.00 22.67  ? 194 VAL A CG2 1 
ATOM   1329 N N   . PRO A 1 199 ? -13.695 -9.897  -6.060  1.00 27.28  ? 195 PRO A N   1 
ATOM   1330 C CA  . PRO A 1 199 ? -13.250 -10.879 -5.039  1.00 25.58  ? 195 PRO A CA  1 
ATOM   1331 C C   . PRO A 1 199 ? -11.703 -10.907 -5.034  1.00 26.82  ? 195 PRO A C   1 
ATOM   1332 O O   . PRO A 1 199 ? -11.053 -10.832 -6.084  1.00 22.42  ? 195 PRO A O   1 
ATOM   1333 C CB  . PRO A 1 199 ? -13.752 -12.211 -5.611  1.00 26.80  ? 195 PRO A CB  1 
ATOM   1334 C CG  . PRO A 1 199 ? -14.930 -11.808 -6.412  1.00 29.47  ? 195 PRO A CG  1 
ATOM   1335 C CD  . PRO A 1 199 ? -14.525 -10.535 -7.113  1.00 28.18  ? 195 PRO A CD  1 
ATOM   1336 N N   . GLU A 1 200 ? -11.110 -11.016 -3.864  1.00 22.51  ? 196 GLU A N   1 
ATOM   1337 C CA  . GLU A 1 200 ? -9.694  -10.970 -3.729  1.00 24.74  ? 196 GLU A CA  1 
ATOM   1338 C C   . GLU A 1 200 ? -8.927  -11.993 -4.618  1.00 27.35  ? 196 GLU A C   1 
ATOM   1339 O O   . GLU A 1 200 ? -7.876  -11.670 -5.180  1.00 22.35  ? 196 GLU A O   1 
ATOM   1340 C CB  . GLU A 1 200 ? -9.419  -11.208 -2.258  1.00 28.74  ? 196 GLU A CB  1 
ATOM   1341 C CG  . GLU A 1 200 ? -7.984  -11.159 -1.900  1.00 37.95  ? 196 GLU A CG  1 
ATOM   1342 C CD  . GLU A 1 200 ? -7.777  -11.186 -0.387  1.00 44.82  ? 196 GLU A CD  1 
ATOM   1343 O OE1 . GLU A 1 200 ? -8.606  -10.628 0.396   1.00 50.08  ? 196 GLU A OE1 1 
ATOM   1344 O OE2 . GLU A 1 200 ? -6.752  -11.734 -0.011  1.00 49.83  ? 196 GLU A OE2 1 
ATOM   1345 N N   . ALA A 1 201 ? -9.474  -13.198 -4.785  1.00 23.21  ? 197 ALA A N   1 
ATOM   1346 C CA  . ALA A 1 201 ? -8.905  -14.201 -5.701  1.00 24.13  ? 197 ALA A CA  1 
ATOM   1347 C C   . ALA A 1 201 ? -8.979  -13.808 -7.189  1.00 26.47  ? 197 ALA A C   1 
ATOM   1348 O O   . ALA A 1 201 ? -8.412  -14.497 -8.056  1.00 24.30  ? 197 ALA A O   1 
ATOM   1349 C CB  . ALA A 1 201 ? -9.610  -15.575 -5.518  1.00 22.60  ? 197 ALA A CB  1 
ATOM   1350 N N   . ARG A 1 202 ? -9.686  -12.742 -7.540  1.00 20.81  ? 198 ARG A N   1 
ATOM   1351 C CA  . ARG A 1 202 ? -9.820  -12.350 -8.975  1.00 21.59  ? 198 ARG A CA  1 
ATOM   1352 C C   . ARG A 1 202 ? -9.208  -10.969 -9.243  1.00 22.77  ? 198 ARG A C   1 
ATOM   1353 O O   . ARG A 1 202 ? -9.092  -10.538 -10.392 1.00 20.91  ? 198 ARG A O   1 
ATOM   1354 C CB  . ARG A 1 202 ? -11.327 -12.284 -9.328  1.00 22.13  ? 198 ARG A CB  1 
ATOM   1355 C CG  . ARG A 1 202 ? -12.008 -13.648 -9.444  1.00 24.79  ? 198 ARG A CG  1 
ATOM   1356 C CD  . ARG A 1 202 ? -11.447 -14.535 -10.611 1.00 25.77  ? 198 ARG A CD  1 
ATOM   1357 N NE  . ARG A 1 202 ? -11.530 -13.729 -11.875 1.00 31.44  ? 198 ARG A NE  1 
ATOM   1358 C CZ  . ARG A 1 202 ? -10.649 -13.815 -12.871 1.00 34.35  ? 198 ARG A CZ  1 
ATOM   1359 N NH1 . ARG A 1 202 ? -9.682  -14.730 -12.796 1.00 33.46  ? 198 ARG A NH1 1 
ATOM   1360 N NH2 . ARG A 1 202 ? -10.722 -13.019 -13.950 1.00 34.85  ? 198 ARG A NH2 1 
ATOM   1361 N N   . VAL A 1 203 ? -8.779  -10.275 -8.181  1.00 20.14  ? 199 VAL A N   1 
ATOM   1362 C CA  . VAL A 1 203 ? -8.451  -8.847  -8.332  1.00 22.85  ? 199 VAL A CA  1 
ATOM   1363 C C   . VAL A 1 203 ? -7.114  -8.685  -9.141  1.00 23.16  ? 199 VAL A C   1 
ATOM   1364 O O   . VAL A 1 203 ? -6.982  -7.834  -10.030 1.00 20.68  ? 199 VAL A O   1 
ATOM   1365 C CB  . VAL A 1 203 ? -8.546  -8.114  -6.968  1.00 26.33  ? 199 VAL A CB  1 
ATOM   1366 C CG1 . VAL A 1 203 ? -7.417  -8.538  -6.120  1.00 25.09  ? 199 VAL A CG1 1 
ATOM   1367 C CG2 . VAL A 1 203 ? -8.445  -6.618  -7.211  1.00 30.19  ? 199 VAL A CG2 1 
ATOM   1368 N N   . LEU A 1 204 ? -6.138  -9.564  -8.908  1.00 23.82  ? 200 LEU A N   1 
ATOM   1369 C CA  . LEU A 1 204 ? -4.903  -9.451  -9.679  1.00 23.96  ? 200 LEU A CA  1 
ATOM   1370 C C   . LEU A 1 204 ? -5.098  -9.638  -11.190 1.00 23.69  ? 200 LEU A C   1 
ATOM   1371 O O   . LEU A 1 204 ? -4.641  -8.744  -11.976 1.00 23.76  ? 200 LEU A O   1 
ATOM   1372 C CB  . LEU A 1 204 ? -3.829  -10.346 -9.079  1.00 26.92  ? 200 LEU A CB  1 
ATOM   1373 C CG  . LEU A 1 204 ? -2.456  -10.228 -9.621  1.00 32.87  ? 200 LEU A CG  1 
ATOM   1374 C CD1 . LEU A 1 204 ? -1.921  -8.824  -9.312  1.00 28.07  ? 200 LEU A CD1 1 
ATOM   1375 C CD2 . LEU A 1 204 ? -1.679  -11.387 -8.935  1.00 31.44  ? 200 LEU A CD2 1 
ATOM   1376 N N   . ASP A 1 205 ? -5.845  -10.673 -11.639 1.00 21.32  ? 201 ASP A N   1 
ATOM   1377 C CA  . ASP A 1 205 ? -6.069  -10.847 -13.062 1.00 23.16  ? 201 ASP A CA  1 
ATOM   1378 C C   . ASP A 1 205 ? -6.817  -9.640  -13.694 1.00 22.32  ? 201 ASP A C   1 
ATOM   1379 O O   . ASP A 1 205 ? -6.639  -9.305  -14.897 1.00 21.15  ? 201 ASP A O   1 
ATOM   1380 C CB  . ASP A 1 205 ? -6.949  -12.071 -13.381 1.00 26.97  ? 201 ASP A CB  1 
ATOM   1381 C CG  . ASP A 1 205 ? -6.195  -13.420 -13.347 1.00 40.24  ? 201 ASP A CG  1 
ATOM   1382 O OD1 . ASP A 1 205 ? -4.919  -13.456 -13.279 1.00 37.14  ? 201 ASP A OD1 1 
ATOM   1383 O OD2 . ASP A 1 205 ? -6.920  -14.449 -13.470 1.00 43.56  ? 201 ASP A OD2 1 
ATOM   1384 N N   . THR A 1 206 ? -7.775  -9.125  -12.918 1.00 20.63  ? 202 THR A N   1 
ATOM   1385 C CA  . THR A 1 206 ? -8.642  -8.046  -13.365 1.00 19.62  ? 202 THR A CA  1 
ATOM   1386 C C   . THR A 1 206 ? -7.784  -6.792  -13.639 1.00 18.91  ? 202 THR A C   1 
ATOM   1387 O O   . THR A 1 206 ? -7.879  -6.187  -14.723 1.00 19.52  ? 202 THR A O   1 
ATOM   1388 C CB  . THR A 1 206 ? -9.711  -7.735  -12.276 1.00 21.36  ? 202 THR A CB  1 
ATOM   1389 O OG1 . THR A 1 206 ? -10.547 -8.870  -12.089 1.00 22.43  ? 202 THR A OG1 1 
ATOM   1390 C CG2 . THR A 1 206 ? -10.606 -6.491  -12.726 1.00 21.22  ? 202 THR A CG2 1 
ATOM   1391 N N   . LEU A 1 207 ? -6.935  -6.416  -12.659 1.00 18.84  ? 203 LEU A N   1 
ATOM   1392 C CA  . LEU A 1 207 ? -6.064  -5.266  -12.807 1.00 18.62  ? 203 LEU A CA  1 
ATOM   1393 C C   . LEU A 1 207 ? -5.042  -5.447  -13.898 1.00 19.01  ? 203 LEU A C   1 
ATOM   1394 O O   . LEU A 1 207 ? -4.805  -4.512  -14.713 1.00 19.17  ? 203 LEU A O   1 
ATOM   1395 C CB  . LEU A 1 207 ? -5.363  -4.957  -11.486 1.00 18.60  ? 203 LEU A CB  1 
ATOM   1396 C CG  . LEU A 1 207 ? -6.383  -4.622  -10.325 1.00 20.35  ? 203 LEU A CG  1 
ATOM   1397 C CD1 . LEU A 1 207 ? -5.605  -4.403  -9.016  1.00 18.50  ? 203 LEU A CD1 1 
ATOM   1398 C CD2 . LEU A 1 207 ? -7.273  -3.370  -10.656 1.00 17.54  ? 203 LEU A CD2 1 
ATOM   1399 N N   . VAL A 1 208 ? -4.432  -6.624  -13.973 1.00 18.90  ? 204 VAL A N   1 
ATOM   1400 C CA  . VAL A 1 208 ? -3.359  -6.800  -14.989 1.00 19.10  ? 204 VAL A CA  1 
ATOM   1401 C C   . VAL A 1 208 ? -4.027  -6.684  -16.394 1.00 20.37  ? 204 VAL A C   1 
ATOM   1402 O O   . VAL A 1 208 ? -3.438  -6.070  -17.312 1.00 21.27  ? 204 VAL A O   1 
ATOM   1403 C CB  . VAL A 1 208 ? -2.636  -8.177  -14.837 1.00 22.60  ? 204 VAL A CB  1 
ATOM   1404 C CG1 . VAL A 1 208 ? -1.967  -8.607  -16.146 1.00 22.33  ? 204 VAL A CG1 1 
ATOM   1405 C CG2 . VAL A 1 208 ? -1.775  -8.224  -13.549 1.00 23.15  ? 204 VAL A CG2 1 
ATOM   1406 N N   . HIS A 1 209 ? -5.244  -7.191  -16.558 1.00 20.31  ? 205 HIS A N   1 
ATOM   1407 C CA  . HIS A 1 209 ? -5.855  -7.044  -17.899 1.00 21.63  ? 205 HIS A CA  1 
ATOM   1408 C C   . HIS A 1 209 ? -6.041  -5.582  -18.266 1.00 19.98  ? 205 HIS A C   1 
ATOM   1409 O O   . HIS A 1 209 ? -5.753  -5.157  -19.418 1.00 21.11  ? 205 HIS A O   1 
ATOM   1410 C CB  . HIS A 1 209 ? -7.211  -7.753  -17.963 1.00 22.92  ? 205 HIS A CB  1 
ATOM   1411 C CG  . HIS A 1 209 ? -8.064  -7.365  -19.175 1.00 26.09  ? 205 HIS A CG  1 
ATOM   1412 N ND1 . HIS A 1 209 ? -8.020  -8.037  -20.379 1.00 23.47  ? 205 HIS A ND1 1 
ATOM   1413 C CD2 . HIS A 1 209 ? -8.993  -6.308  -19.347 1.00 25.19  ? 205 HIS A CD2 1 
ATOM   1414 C CE1 . HIS A 1 209 ? -8.875  -7.465  -21.272 1.00 25.24  ? 205 HIS A CE1 1 
ATOM   1415 N NE2 . HIS A 1 209 ? -9.494  -6.404  -20.637 1.00 25.28  ? 205 HIS A NE2 1 
ATOM   1416 N N   . ILE A 1 210 ? -6.566  -4.794  -17.316 1.00 19.98  ? 206 ILE A N   1 
ATOM   1417 C CA  . ILE A 1 210 ? -6.779  -3.355  -17.556 1.00 19.02  ? 206 ILE A CA  1 
ATOM   1418 C C   . ILE A 1 210 ? -5.460  -2.611  -17.829 1.00 20.54  ? 206 ILE A C   1 
ATOM   1419 O O   . ILE A 1 210 ? -5.403  -1.792  -18.757 1.00 19.71  ? 206 ILE A O   1 
ATOM   1420 C CB  . ILE A 1 210 ? -7.598  -2.707  -16.424 1.00 17.96  ? 206 ILE A CB  1 
ATOM   1421 C CG1 . ILE A 1 210 ? -8.989  -3.375  -16.438 1.00 17.71  ? 206 ILE A CG1 1 
ATOM   1422 C CG2 . ILE A 1 210 ? -7.800  -1.160  -16.688 1.00 15.80  ? 206 ILE A CG2 1 
ATOM   1423 C CD1 . ILE A 1 210 ? -9.773  -3.149  -15.102 1.00 17.83  ? 206 ILE A CD1 1 
ATOM   1424 N N   . TRP A 1 211 ? -4.409  -2.887  -17.041 1.00 18.17  ? 207 TRP A N   1 
ATOM   1425 C CA  . TRP A 1 211 ? -3.090  -2.337  -17.302 1.00 21.32  ? 207 TRP A CA  1 
ATOM   1426 C C   . TRP A 1 211 ? -2.552  -2.685  -18.711 1.00 24.54  ? 207 TRP A C   1 
ATOM   1427 O O   . TRP A 1 211 ? -2.176  -1.786  -19.501 1.00 23.18  ? 207 TRP A O   1 
ATOM   1428 C CB  . TRP A 1 211 ? -2.038  -2.848  -16.282 1.00 18.14  ? 207 TRP A CB  1 
ATOM   1429 C CG  . TRP A 1 211 ? -2.149  -2.093  -14.989 1.00 18.30  ? 207 TRP A CG  1 
ATOM   1430 C CD1 . TRP A 1 211 ? -3.277  -1.993  -14.133 1.00 18.56  ? 207 TRP A CD1 1 
ATOM   1431 C CD2 . TRP A 1 211 ? -1.127  -1.264  -14.362 1.00 19.73  ? 207 TRP A CD2 1 
ATOM   1432 N NE1 . TRP A 1 211 ? -2.985  -1.190  -13.067 1.00 18.85  ? 207 TRP A NE1 1 
ATOM   1433 C CE2 . TRP A 1 211 ? -1.702  -0.755  -13.141 1.00 19.99  ? 207 TRP A CE2 1 
ATOM   1434 C CE3 . TRP A 1 211 ? 0.211   -0.925  -14.687 1.00 21.04  ? 207 TRP A CE3 1 
ATOM   1435 C CZ2 . TRP A 1 211 ? -0.973  0.127   -12.280 1.00 21.60  ? 207 TRP A CZ2 1 
ATOM   1436 C CZ3 . TRP A 1 211 ? 0.918   -0.061  -13.829 1.00 22.81  ? 207 TRP A CZ3 1 
ATOM   1437 C CH2 . TRP A 1 211 ? 0.329   0.465   -12.659 1.00 21.64  ? 207 TRP A CH2 1 
ATOM   1438 N N   . VAL A 1 212 ? -2.529  -3.965  -19.042 1.00 24.70  ? 208 VAL A N   1 
ATOM   1439 C CA  . VAL A 1 212 ? -1.874  -4.387  -20.286 1.00 27.34  ? 208 VAL A CA  1 
ATOM   1440 C C   . VAL A 1 212 ? -2.655  -3.909  -21.495 1.00 23.42  ? 208 VAL A C   1 
ATOM   1441 O O   . VAL A 1 212 ? -2.063  -3.410  -22.470 1.00 26.20  ? 208 VAL A O   1 
ATOM   1442 C CB  . VAL A 1 212 ? -1.654  -5.940  -20.349 1.00 27.95  ? 208 VAL A CB  1 
ATOM   1443 C CG1 . VAL A 1 212 ? -1.169  -6.333  -21.721 1.00 31.85  ? 208 VAL A CG1 1 
ATOM   1444 C CG2 . VAL A 1 212 ? -0.573  -6.274  -19.331 1.00 26.78  ? 208 VAL A CG2 1 
ATOM   1445 N N   . THR A 1 213 ? -3.960  -3.971  -21.419 1.00 21.94  ? 209 THR A N   1 
ATOM   1446 C CA  . THR A 1 213 ? -4.695  -3.433  -22.571 1.00 24.13  ? 209 THR A CA  1 
ATOM   1447 C C   . THR A 1 213 ? -4.595  -1.915  -22.750 1.00 26.03  ? 209 THR A C   1 
ATOM   1448 O O   . THR A 1 213 ? -4.543  -1.434  -23.894 1.00 24.09  ? 209 THR A O   1 
ATOM   1449 C CB  . THR A 1 213 ? -6.164  -3.822  -22.587 1.00 27.18  ? 209 THR A CB  1 
ATOM   1450 O OG1 . THR A 1 213 ? -6.797  -3.364  -21.369 1.00 24.31  ? 209 THR A OG1 1 
ATOM   1451 C CG2 . THR A 1 213 ? -6.337  -5.323  -22.863 1.00 25.07  ? 209 THR A CG2 1 
ATOM   1452 N N   . SER A 1 214 ? -4.533  -1.168  -21.648 1.00 22.30  ? 210 SER A N   1 
ATOM   1453 C CA  . SER A 1 214 ? -4.511  0.268   -21.766 1.00 22.73  ? 210 SER A CA  1 
ATOM   1454 C C   . SER A 1 214 ? -3.140  0.784   -22.123 1.00 25.03  ? 210 SER A C   1 
ATOM   1455 O O   . SER A 1 214 ? -2.990  1.840   -22.744 1.00 24.69  ? 210 SER A O   1 
ATOM   1456 C CB  . SER A 1 214 ? -5.076  0.955   -20.504 1.00 22.61  ? 210 SER A CB  1 
ATOM   1457 O OG  . SER A 1 214 ? -4.138  0.804   -19.445 1.00 21.62  ? 210 SER A OG  1 
ATOM   1458 N N   . ILE A 1 215 ? -2.119  0.018   -21.763 1.00 24.39  ? 211 ILE A N   1 
ATOM   1459 C CA  . ILE A 1 215 ? -0.746  0.425   -22.024 1.00 26.96  ? 211 ILE A CA  1 
ATOM   1460 C C   . ILE A 1 215 ? -0.356  0.040   -23.446 1.00 26.77  ? 211 ILE A C   1 
ATOM   1461 O O   . ILE A 1 215 ? 0.356   0.802   -24.148 1.00 26.07  ? 211 ILE A O   1 
ATOM   1462 C CB  . ILE A 1 215 ? 0.224   -0.194  -20.973 1.00 24.25  ? 211 ILE A CB  1 
ATOM   1463 C CG1 . ILE A 1 215 ? 0.037   0.545   -19.637 1.00 23.53  ? 211 ILE A CG1 1 
ATOM   1464 C CG2 . ILE A 1 215 ? 1.666   -0.067  -21.440 1.00 24.41  ? 211 ILE A CG2 1 
ATOM   1465 C CD1 . ILE A 1 215 ? 0.531   -0.258  -18.456 1.00 23.11  ? 211 ILE A CD1 1 
ATOM   1466 N N   . TYR A 1 216 ? -0.778  -1.137  -23.877 1.00 26.98  ? 212 TYR A N   1 
ATOM   1467 C CA  . TYR A 1 216 ? -0.286  -1.624  -25.198 1.00 31.39  ? 212 TYR A CA  1 
ATOM   1468 C C   . TYR A 1 216 ? -1.329  -1.381  -26.272 1.00 33.91  ? 212 TYR A C   1 
ATOM   1469 O O   . TYR A 1 216 ? -0.991  -1.476  -27.431 1.00 33.87  ? 212 TYR A O   1 
ATOM   1470 C CB  . TYR A 1 216 ? 0.104   -3.111  -25.147 1.00 26.57  ? 212 TYR A CB  1 
ATOM   1471 C CG  . TYR A 1 216 ? 1.280   -3.274  -24.272 1.00 29.49  ? 212 TYR A CG  1 
ATOM   1472 C CD1 . TYR A 1 216 ? 2.567   -3.006  -24.747 1.00 28.55  ? 212 TYR A CD1 1 
ATOM   1473 C CD2 . TYR A 1 216 ? 1.118   -3.707  -22.928 1.00 28.41  ? 212 TYR A CD2 1 
ATOM   1474 C CE1 . TYR A 1 216 ? 3.651   -3.101  -23.911 1.00 27.24  ? 212 TYR A CE1 1 
ATOM   1475 C CE2 . TYR A 1 216 ? 2.194   -3.823  -22.088 1.00 27.86  ? 212 TYR A CE2 1 
ATOM   1476 C CZ  . TYR A 1 216 ? 3.456   -3.552  -22.602 1.00 29.65  ? 212 TYR A CZ  1 
ATOM   1477 O OH  . TYR A 1 216 ? 4.524   -3.641  -21.776 1.00 28.55  ? 212 TYR A OH  1 
ATOM   1478 N N   . GLY A 1 217 ? -2.585  -1.085  -25.895 1.00 33.68  ? 213 GLY A N   1 
ATOM   1479 C CA  . GLY A 1 217 ? -3.725  -1.039  -26.864 1.00 33.02  ? 213 GLY A CA  1 
ATOM   1480 C C   . GLY A 1 217 ? -3.702  0.294   -27.637 1.00 41.37  ? 213 GLY A C   1 
ATOM   1481 O O   . GLY A 1 217 ? -3.216  1.309   -27.080 1.00 38.21  ? 213 GLY A O   1 
ATOM   1482 N N   . GLU A 1 218 ? -4.184  0.322   -28.902 1.00 46.69  ? 214 GLU A N   1 
ATOM   1483 C CA  . GLU A 1 218 ? -4.064  1.584   -29.743 1.00 54.09  ? 214 GLU A CA  1 
ATOM   1484 C C   . GLU A 1 218 ? -5.395  2.231   -30.030 1.00 54.39  ? 214 GLU A C   1 
ATOM   1485 O O   . GLU A 1 218 ? -6.421  1.815   -29.464 1.00 56.72  ? 214 GLU A O   1 
ATOM   1486 C CB  . GLU A 1 218 ? -3.213  1.394   -31.028 1.00 55.96  ? 214 GLU A CB  1 
ATOM   1487 C CG  . GLU A 1 218 ? -3.830  0.490   -32.089 1.00 54.24  ? 214 GLU A CG  1 
HETATM 1488 N N   . 5TC B 2 .   ? 6.434   -2.486  -12.240 1.00 46.75  ? 301 5TC A N   1 
HETATM 1489 O O   . 5TC B 2 .   ? -0.475  -1.189  -8.035  1.00 38.20  ? 301 5TC A O   1 
HETATM 1490 C C   . 5TC B 2 .   ? 6.477   -3.405  -13.393 1.00 50.47  ? 301 5TC A C   1 
HETATM 1491 C C12 . 5TC B 2 .   ? 0.347   -0.237  -8.055  1.00 38.40  ? 301 5TC A C12 1 
HETATM 1492 N N1  . 5TC B 2 .   ? 1.508   -0.081  -8.802  1.00 38.24  ? 301 5TC A N1  1 
HETATM 1493 C C11 . 5TC B 2 .   ? 1.637   -0.872  -9.953  1.00 35.57  ? 301 5TC A C11 1 
HETATM 1494 C C8  . 5TC B 2 .   ? 2.964   -1.144  -10.483 1.00 35.12  ? 301 5TC A C8  1 
HETATM 1495 C C7  . 5TC B 2 .   ? 4.148   -0.826  -9.854  1.00 38.08  ? 301 5TC A C7  1 
HETATM 1496 C C6  . 5TC B 2 .   ? 5.315   -1.228  -10.488 1.00 38.73  ? 301 5TC A C6  1 
HETATM 1497 C C9  . 5TC B 2 .   ? 2.922   -1.870  -11.667 1.00 40.61  ? 301 5TC A C9  1 
HETATM 1498 C C10 . 5TC B 2 .   ? 4.096   -2.269  -12.307 1.00 41.08  ? 301 5TC A C10 1 
HETATM 1499 C C5  . 5TC B 2 .   ? 5.288   -1.957  -11.680 1.00 42.06  ? 301 5TC A C5  1 
HETATM 1500 C C4  . 5TC B 2 .   ? 7.685   -2.240  -11.554 1.00 56.67  ? 301 5TC A C4  1 
HETATM 1501 C C3  . 5TC B 2 .   ? 8.322   -3.571  -11.265 1.00 53.48  ? 301 5TC A C3  1 
HETATM 1502 C C2  . 5TC B 2 .   ? 8.846   -4.152  -12.569 1.00 55.57  ? 301 5TC A C2  1 
HETATM 1503 C C1  . 5TC B 2 .   ? 7.962   -3.736  -13.760 1.00 53.78  ? 301 5TC A C1  1 
HETATM 1504 C C13 . 5TC B 2 .   ? 0.133   0.933   -7.217  1.00 30.16  ? 301 5TC A C13 1 
HETATM 1505 C C14 . 5TC B 2 .   ? -1.134  0.728   -6.477  1.00 32.06  ? 301 5TC A C14 1 
HETATM 1506 C C15 . 5TC B 2 .   ? -1.252  1.493   -5.199  1.00 31.77  ? 301 5TC A C15 1 
HETATM 1507 C C19 . 5TC B 2 .   ? -0.395  2.746   -5.286  1.00 34.25  ? 301 5TC A C19 1 
HETATM 1508 C C18 . 5TC B 2 .   ? -0.480  3.547   -4.004  1.00 36.76  ? 301 5TC A C18 1 
HETATM 1509 N N2  . 5TC B 2 .   ? -0.804  2.790   -2.743  1.00 40.28  ? 301 5TC A N2  1 
HETATM 1510 C C17 . 5TC B 2 .   ? -1.424  1.427   -2.742  1.00 35.11  ? 301 5TC A C17 1 
HETATM 1511 C C16 . 5TC B 2 .   ? -0.999  0.663   -3.976  1.00 34.97  ? 301 5TC A C16 1 
HETATM 1512 C C20 . 5TC B 2 .   ? -0.567  3.514   -1.525  1.00 38.08  ? 301 5TC A C20 1 
HETATM 1513 C C25 . 5TC B 2 .   ? -1.351  3.153   -0.458  1.00 41.03  ? 301 5TC A C25 1 
HETATM 1514 C C24 . 5TC B 2 .   ? -1.186  3.731   0.779   1.00 43.78  ? 301 5TC A C24 1 
HETATM 1515 C C23 . 5TC B 2 .   ? -0.301  4.749   0.966   1.00 44.90  ? 301 5TC A C23 1 
HETATM 1516 C C26 . 5TC B 2 .   ? -0.330  5.236   2.144   1.00 66.57  ? 301 5TC A C26 1 
HETATM 1517 N N3  . 5TC B 2 .   ? -0.440  5.777   3.193   1.00 84.58  ? 301 5TC A N3  1 
HETATM 1518 C C22 . 5TC B 2 .   ? 0.511   5.228   -0.074  1.00 41.58  ? 301 5TC A C22 1 
HETATM 1519 C C21 . 5TC B 2 .   ? 0.368   4.619   -1.347  1.00 41.28  ? 301 5TC A C21 1 
HETATM 1520 O O   . HOH C 3 .   ? -8.865  4.041   -1.819  1.00 38.76  ? 401 HOH A O   1 
HETATM 1521 O O   . HOH C 3 .   ? -5.240  -10.904 -16.374 1.00 28.47  ? 402 HOH A O   1 
HETATM 1522 O O   . HOH C 3 .   ? -0.054  15.824  -16.831 0.50 38.92  ? 403 HOH A O   1 
HETATM 1523 O O   . HOH C 3 .   ? -16.579 -0.348  -3.075  1.00 37.95  ? 404 HOH A O   1 
HETATM 1524 O O   . HOH C 3 .   ? -2.697  -5.230  9.363   1.00 30.67  ? 405 HOH A O   1 
HETATM 1525 O O   . HOH C 3 .   ? 7.465   11.366  -3.488  1.00 39.01  ? 406 HOH A O   1 
HETATM 1526 O O   . HOH C 3 .   ? -6.184  -11.943 -7.216  1.00 24.05  ? 407 HOH A O   1 
HETATM 1527 O O   . HOH C 3 .   ? 9.874   7.048   -8.544  1.00 34.97  ? 408 HOH A O   1 
HETATM 1528 O O   . HOH C 3 .   ? -7.977  4.859   11.327  1.00 37.55  ? 409 HOH A O   1 
HETATM 1529 O O   . HOH C 3 .   ? 1.370   3.390   -24.178 1.00 27.59  ? 410 HOH A O   1 
HETATM 1530 O O   . HOH C 3 .   ? -3.780  8.655   21.713  1.00 45.85  ? 411 HOH A O   1 
HETATM 1531 O O   . HOH C 3 .   ? 4.708   11.265  -9.972  1.00 26.85  ? 412 HOH A O   1 
HETATM 1532 O O   . HOH C 3 .   ? -12.343 -4.393  -5.556  1.00 27.19  ? 413 HOH A O   1 
HETATM 1533 O O   . HOH C 3 .   ? 6.445   10.425  -18.263 1.00 42.41  ? 414 HOH A O   1 
HETATM 1534 O O   . HOH C 3 .   ? 5.460   -10.335 -7.223  1.00 31.17  ? 415 HOH A O   1 
HETATM 1535 O O   . HOH C 3 .   ? -6.543  -12.876 -9.882  1.00 25.67  ? 416 HOH A O   1 
HETATM 1536 O O   . HOH C 3 .   ? -11.494 -14.378 -3.061  1.00 27.52  ? 417 HOH A O   1 
HETATM 1537 O O   . HOH C 3 .   ? 3.288   5.142   -31.398 1.00 42.52  ? 418 HOH A O   1 
HETATM 1538 O O   . HOH C 3 .   ? -3.992  -9.030  6.895   1.00 33.34  ? 419 HOH A O   1 
HETATM 1539 O O   . HOH C 3 .   ? 4.082   10.956  -22.419 1.00 42.82  ? 420 HOH A O   1 
HETATM 1540 O O   . HOH C 3 .   ? -6.700  6.762   24.222  1.00 52.37  ? 421 HOH A O   1 
HETATM 1541 O O   . HOH C 3 .   ? 11.032  6.810   -11.466 1.00 47.55  ? 422 HOH A O   1 
# 
